data_2RLT
# 
_entry.id   2RLT 
# 
_audit_conform.dict_name       mmcif_pdbx.dic 
_audit_conform.dict_version    5.399 
_audit_conform.dict_location   http://mmcif.pdb.org/dictionaries/ascii/mmcif_pdbx.dic 
# 
loop_
_database_2.database_id 
_database_2.database_code 
_database_2.pdbx_database_accession 
_database_2.pdbx_DOI 
PDB   2RLT         pdb_00002rlt 10.2210/pdb2rlt/pdb 
RCSB  RCSB150014   ?            ?                   
WWPDB D_1000150014 ?            ?                   
# 
loop_
_pdbx_audit_revision_history.ordinal 
_pdbx_audit_revision_history.data_content_type 
_pdbx_audit_revision_history.major_revision 
_pdbx_audit_revision_history.minor_revision 
_pdbx_audit_revision_history.revision_date 
1 'Structure model' 1 0 2008-07-15 
2 'Structure model' 1 1 2011-07-13 
3 'Structure model' 1 2 2022-03-16 
4 'Structure model' 1 3 2024-11-20 
# 
_pdbx_audit_revision_details.ordinal             1 
_pdbx_audit_revision_details.revision_ordinal    1 
_pdbx_audit_revision_details.data_content_type   'Structure model' 
_pdbx_audit_revision_details.provider            repository 
_pdbx_audit_revision_details.type                'Initial release' 
_pdbx_audit_revision_details.description         ? 
_pdbx_audit_revision_details.details             ? 
# 
loop_
_pdbx_audit_revision_group.ordinal 
_pdbx_audit_revision_group.revision_ordinal 
_pdbx_audit_revision_group.data_content_type 
_pdbx_audit_revision_group.group 
1 2 'Structure model' 'Version format compliance' 
2 3 'Structure model' 'Database references'       
3 3 'Structure model' 'Derived calculations'      
4 4 'Structure model' 'Data collection'           
5 4 'Structure model' 'Structure summary'         
# 
loop_
_pdbx_audit_revision_category.ordinal 
_pdbx_audit_revision_category.revision_ordinal 
_pdbx_audit_revision_category.data_content_type 
_pdbx_audit_revision_category.category 
1 3 'Structure model' database_2                
2 3 'Structure model' pdbx_struct_assembly      
3 3 'Structure model' pdbx_struct_oper_list     
4 3 'Structure model' struct_conn               
5 4 'Structure model' chem_comp_atom            
6 4 'Structure model' chem_comp_bond            
7 4 'Structure model' pdbx_entry_details        
8 4 'Structure model' pdbx_modification_feature 
# 
loop_
_pdbx_audit_revision_item.ordinal 
_pdbx_audit_revision_item.revision_ordinal 
_pdbx_audit_revision_item.data_content_type 
_pdbx_audit_revision_item.item 
1 3 'Structure model' '_database_2.pdbx_DOI'                
2 3 'Structure model' '_database_2.pdbx_database_accession' 
3 3 'Structure model' '_struct_conn.pdbx_leaving_atom_flag' 
# 
_pdbx_database_status.deposit_site                    BMRB 
_pdbx_database_status.entry_id                        2RLT 
_pdbx_database_status.process_site                    PDBJ 
_pdbx_database_status.recvd_initial_deposition_date   2007-08-11 
_pdbx_database_status.SG_entry                        ? 
_pdbx_database_status.status_code                     REL 
_pdbx_database_status.status_code_mr                  REL 
_pdbx_database_status.status_code_sf                  ? 
_pdbx_database_status.pdb_format_compatible           Y 
_pdbx_database_status.status_code_cs                  ? 
_pdbx_database_status.status_code_nmr_data            ? 
_pdbx_database_status.methods_development_category    ? 
# 
loop_
_pdbx_database_related.db_id 
_pdbx_database_related.db_name 
_pdbx_database_related.details 
_pdbx_database_related.content_type 
1J2M  PDB  . unspecified 
1J2N  PDB  . unspecified 
15428 BMRB . unspecified 
# 
_audit_author.name           'Eto, M.' 
_audit_author.pdbx_ordinal   1 
# 
_citation.id                        primary 
_citation.title                     
'Phosphorylation-induced conformational switching of CPI-17 produces a potent myosin phosphatase inhibitor.' 
_citation.journal_abbrev            Structure 
_citation.journal_volume            15 
_citation.page_first                1591 
_citation.page_last                 1602 
_citation.year                      2007 
_citation.journal_id_ASTM           STRUE6 
_citation.country                   UK 
_citation.journal_id_ISSN           0969-2126 
_citation.journal_id_CSD            2005 
_citation.book_publisher            ? 
_citation.pdbx_database_id_PubMed   18073109 
_citation.pdbx_database_id_DOI      10.1016/j.str.2007.10.014 
# 
loop_
_citation_author.citation_id 
_citation_author.name 
_citation_author.ordinal 
_citation_author.identifier_ORCID 
primary 'Eto, M.'         1 ? 
primary 'Kitazawa, T.'    2 ? 
primary 'Matsuzawa, F.'   3 ? 
primary 'Aikawa, S.'      4 ? 
primary 'Kirkbride, J.A.' 5 ? 
primary 'Isozumi, N.'     6 ? 
primary 'Nishimura, Y.'   7 ? 
primary 'Brautigan, D.L.' 8 ? 
primary 'Ohki, S.Y.'      9 ? 
# 
_entity.id                         1 
_entity.type                       polymer 
_entity.src_method                 man 
_entity.pdbx_description           'Protein phosphatase 1 regulatory subunit 14A' 
_entity.formula_weight             11626.057 
_entity.pdbx_number_of_molecules   1 
_entity.pdbx_ec                    3.1.-.- 
_entity.pdbx_mutation              ? 
_entity.pdbx_fragment              'residues 22-120' 
_entity.details                    ? 
# 
_entity_name_com.entity_id   1 
_entity_name_com.name        
'Protein kinase C-potentiated inhibitor protein of 17 kDa, 17 kDa PKC-potentiated inhibitory protein of PP1, CPI-17' 
# 
_entity_poly.entity_id                      1 
_entity_poly.type                           'polypeptide(L)' 
_entity_poly.nstd_linkage                   no 
_entity_poly.nstd_monomer                   yes 
_entity_poly.pdbx_seq_one_letter_code       
;GPGGSPGGLQKRHARV(TPO)VKYDRRELQRRLDVEKWIDGRLEELYRGREADMPDEVNIDELLELESEEERSRKIQGLL
KSCTNPTENFVQELLVKLRGLHK
;
_entity_poly.pdbx_seq_one_letter_code_can   
;GPGGSPGGLQKRHARVTVKYDRRELQRRLDVEKWIDGRLEELYRGREADMPDEVNIDELLELESEEERSRKIQGLLKSCT
NPTENFVQELLVKLRGLHK
;
_entity_poly.pdbx_strand_id                 A 
_entity_poly.pdbx_target_identifier         ? 
# 
loop_
_entity_poly_seq.entity_id 
_entity_poly_seq.num 
_entity_poly_seq.mon_id 
_entity_poly_seq.hetero 
1 1  GLY n 
1 2  PRO n 
1 3  GLY n 
1 4  GLY n 
1 5  SER n 
1 6  PRO n 
1 7  GLY n 
1 8  GLY n 
1 9  LEU n 
1 10 GLN n 
1 11 LYS n 
1 12 ARG n 
1 13 HIS n 
1 14 ALA n 
1 15 ARG n 
1 16 VAL n 
1 17 TPO n 
1 18 VAL n 
1 19 LYS n 
1 20 TYR n 
1 21 ASP n 
1 22 ARG n 
1 23 ARG n 
1 24 GLU n 
1 25 LEU n 
1 26 GLN n 
1 27 ARG n 
1 28 ARG n 
1 29 LEU n 
1 30 ASP n 
1 31 VAL n 
1 32 GLU n 
1 33 LYS n 
1 34 TRP n 
1 35 ILE n 
1 36 ASP n 
1 37 GLY n 
1 38 ARG n 
1 39 LEU n 
1 40 GLU n 
1 41 GLU n 
1 42 LEU n 
1 43 TYR n 
1 44 ARG n 
1 45 GLY n 
1 46 ARG n 
1 47 GLU n 
1 48 ALA n 
1 49 ASP n 
1 50 MET n 
1 51 PRO n 
1 52 ASP n 
1 53 GLU n 
1 54 VAL n 
1 55 ASN n 
1 56 ILE n 
1 57 ASP n 
1 58 GLU n 
1 59 LEU n 
1 60 LEU n 
1 61 GLU n 
1 62 LEU n 
1 63 GLU n 
1 64 SER n 
1 65 GLU n 
1 66 GLU n 
1 67 GLU n 
1 68 ARG n 
1 69 SER n 
1 70 ARG n 
1 71 LYS n 
1 72 ILE n 
1 73 GLN n 
1 74 GLY n 
1 75 LEU n 
1 76 LEU n 
1 77 LYS n 
1 78 SER n 
1 79 CYS n 
1 80 THR n 
1 81 ASN n 
1 82 PRO n 
1 83 THR n 
1 84 GLU n 
1 85 ASN n 
1 86 PHE n 
1 87 VAL n 
1 88 GLN n 
1 89 GLU n 
1 90 LEU n 
1 91 LEU n 
1 92 VAL n 
1 93 LYS n 
1 94 LEU n 
1 95 ARG n 
1 96 GLY n 
1 97 LEU n 
1 98 HIS n 
1 99 LYS n 
# 
_entity_src_gen.entity_id                          1 
_entity_src_gen.pdbx_src_id                        1 
_entity_src_gen.pdbx_alt_source_flag               sample 
_entity_src_gen.pdbx_seq_type                      ? 
_entity_src_gen.pdbx_beg_seq_num                   ? 
_entity_src_gen.pdbx_end_seq_num                   ? 
_entity_src_gen.gene_src_common_name               Pig 
_entity_src_gen.gene_src_genus                     ? 
_entity_src_gen.pdbx_gene_src_gene                 CPI17 
_entity_src_gen.gene_src_species                   ? 
_entity_src_gen.gene_src_strain                    ? 
_entity_src_gen.gene_src_tissue                    ? 
_entity_src_gen.gene_src_tissue_fraction           ? 
_entity_src_gen.gene_src_details                   ? 
_entity_src_gen.pdbx_gene_src_fragment             ? 
_entity_src_gen.pdbx_gene_src_scientific_name      'Sus scrofa' 
_entity_src_gen.pdbx_gene_src_ncbi_taxonomy_id     9823 
_entity_src_gen.pdbx_gene_src_variant              ? 
_entity_src_gen.pdbx_gene_src_cell_line            ? 
_entity_src_gen.pdbx_gene_src_atcc                 ? 
_entity_src_gen.pdbx_gene_src_organ                ? 
_entity_src_gen.pdbx_gene_src_organelle            ? 
_entity_src_gen.pdbx_gene_src_cell                 ? 
_entity_src_gen.pdbx_gene_src_cellular_location    ? 
_entity_src_gen.host_org_common_name               ? 
_entity_src_gen.pdbx_host_org_scientific_name      'Escherichia coli' 
_entity_src_gen.pdbx_host_org_ncbi_taxonomy_id     562 
_entity_src_gen.host_org_genus                     ? 
_entity_src_gen.pdbx_host_org_gene                 ? 
_entity_src_gen.pdbx_host_org_organ                ? 
_entity_src_gen.host_org_species                   ? 
_entity_src_gen.pdbx_host_org_tissue               ? 
_entity_src_gen.pdbx_host_org_tissue_fraction      ? 
_entity_src_gen.pdbx_host_org_strain               ? 
_entity_src_gen.pdbx_host_org_variant              ? 
_entity_src_gen.pdbx_host_org_cell_line            ? 
_entity_src_gen.pdbx_host_org_atcc                 ? 
_entity_src_gen.pdbx_host_org_culture_collection   ? 
_entity_src_gen.pdbx_host_org_cell                 ? 
_entity_src_gen.pdbx_host_org_organelle            ? 
_entity_src_gen.pdbx_host_org_cellular_location    ? 
_entity_src_gen.pdbx_host_org_vector_type          vector 
_entity_src_gen.pdbx_host_org_vector               pET30 
_entity_src_gen.host_org_details                   ? 
_entity_src_gen.expression_system_id               ? 
_entity_src_gen.plasmid_name                       ? 
_entity_src_gen.plasmid_details                    ? 
_entity_src_gen.pdbx_description                   ? 
# 
loop_
_chem_comp.id 
_chem_comp.type 
_chem_comp.mon_nstd_flag 
_chem_comp.name 
_chem_comp.pdbx_synonyms 
_chem_comp.formula 
_chem_comp.formula_weight 
ALA 'L-peptide linking' y ALANINE          ?                  'C3 H7 N O2'     89.093  
ARG 'L-peptide linking' y ARGININE         ?                  'C6 H15 N4 O2 1' 175.209 
ASN 'L-peptide linking' y ASPARAGINE       ?                  'C4 H8 N2 O3'    132.118 
ASP 'L-peptide linking' y 'ASPARTIC ACID'  ?                  'C4 H7 N O4'     133.103 
CYS 'L-peptide linking' y CYSTEINE         ?                  'C3 H7 N O2 S'   121.158 
GLN 'L-peptide linking' y GLUTAMINE        ?                  'C5 H10 N2 O3'   146.144 
GLU 'L-peptide linking' y 'GLUTAMIC ACID'  ?                  'C5 H9 N O4'     147.129 
GLY 'peptide linking'   y GLYCINE          ?                  'C2 H5 N O2'     75.067  
HIS 'L-peptide linking' y HISTIDINE        ?                  'C6 H10 N3 O2 1' 156.162 
ILE 'L-peptide linking' y ISOLEUCINE       ?                  'C6 H13 N O2'    131.173 
LEU 'L-peptide linking' y LEUCINE          ?                  'C6 H13 N O2'    131.173 
LYS 'L-peptide linking' y LYSINE           ?                  'C6 H15 N2 O2 1' 147.195 
MET 'L-peptide linking' y METHIONINE       ?                  'C5 H11 N O2 S'  149.211 
PHE 'L-peptide linking' y PHENYLALANINE    ?                  'C9 H11 N O2'    165.189 
PRO 'L-peptide linking' y PROLINE          ?                  'C5 H9 N O2'     115.130 
SER 'L-peptide linking' y SERINE           ?                  'C3 H7 N O3'     105.093 
THR 'L-peptide linking' y THREONINE        ?                  'C4 H9 N O3'     119.119 
TPO 'L-peptide linking' n PHOSPHOTHREONINE PHOSPHONOTHREONINE 'C4 H10 N O6 P'  199.099 
TRP 'L-peptide linking' y TRYPTOPHAN       ?                  'C11 H12 N2 O2'  204.225 
TYR 'L-peptide linking' y TYROSINE         ?                  'C9 H11 N O3'    181.189 
VAL 'L-peptide linking' y VALINE           ?                  'C5 H11 N O2'    117.146 
# 
loop_
_pdbx_poly_seq_scheme.asym_id 
_pdbx_poly_seq_scheme.entity_id 
_pdbx_poly_seq_scheme.seq_id 
_pdbx_poly_seq_scheme.mon_id 
_pdbx_poly_seq_scheme.ndb_seq_num 
_pdbx_poly_seq_scheme.pdb_seq_num 
_pdbx_poly_seq_scheme.auth_seq_num 
_pdbx_poly_seq_scheme.pdb_mon_id 
_pdbx_poly_seq_scheme.auth_mon_id 
_pdbx_poly_seq_scheme.pdb_strand_id 
_pdbx_poly_seq_scheme.pdb_ins_code 
_pdbx_poly_seq_scheme.hetero 
A 1 1  GLY 1  1  1  GLY GLY A . n 
A 1 2  PRO 2  2  2  PRO PRO A . n 
A 1 3  GLY 3  3  3  GLY GLY A . n 
A 1 4  GLY 4  4  4  GLY GLY A . n 
A 1 5  SER 5  5  5  SER SER A . n 
A 1 6  PRO 6  6  6  PRO PRO A . n 
A 1 7  GLY 7  7  7  GLY GLY A . n 
A 1 8  GLY 8  8  8  GLY GLY A . n 
A 1 9  LEU 9  9  9  LEU LEU A . n 
A 1 10 GLN 10 10 10 GLN GLN A . n 
A 1 11 LYS 11 11 11 LYS LYS A . n 
A 1 12 ARG 12 12 12 ARG ARG A . n 
A 1 13 HIS 13 13 13 HIS HIS A . n 
A 1 14 ALA 14 14 14 ALA ALA A . n 
A 1 15 ARG 15 15 15 ARG ARG A . n 
A 1 16 VAL 16 16 16 VAL VAL A . n 
A 1 17 TPO 17 17 17 TPO TPO A . n 
A 1 18 VAL 18 18 18 VAL VAL A . n 
A 1 19 LYS 19 19 19 LYS LYS A . n 
A 1 20 TYR 20 20 20 TYR TYR A . n 
A 1 21 ASP 21 21 21 ASP ASP A . n 
A 1 22 ARG 22 22 22 ARG ARG A . n 
A 1 23 ARG 23 23 23 ARG ARG A . n 
A 1 24 GLU 24 24 24 GLU GLU A . n 
A 1 25 LEU 25 25 25 LEU LEU A . n 
A 1 26 GLN 26 26 26 GLN GLN A . n 
A 1 27 ARG 27 27 27 ARG ARG A . n 
A 1 28 ARG 28 28 28 ARG ARG A . n 
A 1 29 LEU 29 29 29 LEU LEU A . n 
A 1 30 ASP 30 30 30 ASP ASP A . n 
A 1 31 VAL 31 31 31 VAL VAL A . n 
A 1 32 GLU 32 32 32 GLU GLU A . n 
A 1 33 LYS 33 33 33 LYS LYS A . n 
A 1 34 TRP 34 34 34 TRP TRP A . n 
A 1 35 ILE 35 35 35 ILE ILE A . n 
A 1 36 ASP 36 36 36 ASP ASP A . n 
A 1 37 GLY 37 37 37 GLY GLY A . n 
A 1 38 ARG 38 38 38 ARG ARG A . n 
A 1 39 LEU 39 39 39 LEU LEU A . n 
A 1 40 GLU 40 40 40 GLU GLU A . n 
A 1 41 GLU 41 41 41 GLU GLU A . n 
A 1 42 LEU 42 42 42 LEU LEU A . n 
A 1 43 TYR 43 43 43 TYR TYR A . n 
A 1 44 ARG 44 44 44 ARG ARG A . n 
A 1 45 GLY 45 45 45 GLY GLY A . n 
A 1 46 ARG 46 46 46 ARG ARG A . n 
A 1 47 GLU 47 47 47 GLU GLU A . n 
A 1 48 ALA 48 48 48 ALA ALA A . n 
A 1 49 ASP 49 49 49 ASP ASP A . n 
A 1 50 MET 50 50 50 MET MET A . n 
A 1 51 PRO 51 51 51 PRO PRO A . n 
A 1 52 ASP 52 52 52 ASP ASP A . n 
A 1 53 GLU 53 53 53 GLU GLU A . n 
A 1 54 VAL 54 54 54 VAL VAL A . n 
A 1 55 ASN 55 55 55 ASN ASN A . n 
A 1 56 ILE 56 56 56 ILE ILE A . n 
A 1 57 ASP 57 57 57 ASP ASP A . n 
A 1 58 GLU 58 58 58 GLU GLU A . n 
A 1 59 LEU 59 59 59 LEU LEU A . n 
A 1 60 LEU 60 60 60 LEU LEU A . n 
A 1 61 GLU 61 61 61 GLU GLU A . n 
A 1 62 LEU 62 62 62 LEU LEU A . n 
A 1 63 GLU 63 63 63 GLU GLU A . n 
A 1 64 SER 64 64 64 SER SER A . n 
A 1 65 GLU 65 65 65 GLU GLU A . n 
A 1 66 GLU 66 66 66 GLU GLU A . n 
A 1 67 GLU 67 67 67 GLU GLU A . n 
A 1 68 ARG 68 68 68 ARG ARG A . n 
A 1 69 SER 69 69 69 SER SER A . n 
A 1 70 ARG 70 70 70 ARG ARG A . n 
A 1 71 LYS 71 71 71 LYS LYS A . n 
A 1 72 ILE 72 72 72 ILE ILE A . n 
A 1 73 GLN 73 73 73 GLN GLN A . n 
A 1 74 GLY 74 74 74 GLY GLY A . n 
A 1 75 LEU 75 75 75 LEU LEU A . n 
A 1 76 LEU 76 76 76 LEU LEU A . n 
A 1 77 LYS 77 77 77 LYS LYS A . n 
A 1 78 SER 78 78 78 SER SER A . n 
A 1 79 CYS 79 79 79 CYS CYS A . n 
A 1 80 THR 80 80 80 THR THR A . n 
A 1 81 ASN 81 81 81 ASN ASN A . n 
A 1 82 PRO 82 82 82 PRO PRO A . n 
A 1 83 THR 83 83 83 THR THR A . n 
A 1 84 GLU 84 84 84 GLU GLU A . n 
A 1 85 ASN 85 85 85 ASN ASN A . n 
A 1 86 PHE 86 86 86 PHE PHE A . n 
A 1 87 VAL 87 87 87 VAL VAL A . n 
A 1 88 GLN 88 88 88 GLN GLN A . n 
A 1 89 GLU 89 89 89 GLU GLU A . n 
A 1 90 LEU 90 90 90 LEU LEU A . n 
A 1 91 LEU 91 91 91 LEU LEU A . n 
A 1 92 VAL 92 92 92 VAL VAL A . n 
A 1 93 LYS 93 93 93 LYS LYS A . n 
A 1 94 LEU 94 94 94 LEU LEU A . n 
A 1 95 ARG 95 95 95 ARG ARG A . n 
A 1 96 GLY 96 96 96 GLY GLY A . n 
A 1 97 LEU 97 97 97 LEU LEU A . n 
A 1 98 HIS 98 98 98 HIS HIS A . n 
A 1 99 LYS 99 99 99 LYS LYS A . n 
# 
_exptl.absorpt_coefficient_mu     ? 
_exptl.absorpt_correction_T_max   ? 
_exptl.absorpt_correction_T_min   ? 
_exptl.absorpt_correction_type    ? 
_exptl.absorpt_process_details    ? 
_exptl.crystals_number            ? 
_exptl.details                    ? 
_exptl.entry_id                   2RLT 
_exptl.method                     'SOLUTION NMR' 
_exptl.method_details             ? 
# 
_struct.entry_id                  2RLT 
_struct.title                     'phosphorylated CPI-17 (22-120)' 
_struct.pdbx_model_details        ? 
_struct.pdbx_CASP_flag            ? 
_struct.pdbx_model_type_details   'minimized average' 
# 
_struct_keywords.entry_id        2RLT 
_struct_keywords.pdbx_keywords   HYDROLASE 
_struct_keywords.text            'phosphorylation, PP1 inhibitor, Cytoplasm, Protein phosphatase inhibitor, HYDROLASE' 
# 
_struct_asym.id                            A 
_struct_asym.pdbx_blank_PDB_chainid_flag   N 
_struct_asym.pdbx_modified                 N 
_struct_asym.entity_id                     1 
_struct_asym.details                       ? 
# 
_struct_ref.id                         1 
_struct_ref.db_name                    UNP 
_struct_ref.db_code                    PP14A_PIG 
_struct_ref.pdbx_db_accession          O18734 
_struct_ref.entity_id                  1 
_struct_ref.pdbx_seq_one_letter_code   
;GPGGSPGGLQKRHARVTVKYDRRELQRRLDVEKWIDGRLEELYRGREADMPDEVNIDELLELESEEERSRKIQGLLKSCT
NPTENFVQELLVKLRGLHK
;
_struct_ref.pdbx_align_begin           22 
_struct_ref.pdbx_db_isoform            ? 
# 
_struct_ref_seq.align_id                      1 
_struct_ref_seq.ref_id                        1 
_struct_ref_seq.pdbx_PDB_id_code              2RLT 
_struct_ref_seq.pdbx_strand_id                A 
_struct_ref_seq.seq_align_beg                 1 
_struct_ref_seq.pdbx_seq_align_beg_ins_code   ? 
_struct_ref_seq.seq_align_end                 99 
_struct_ref_seq.pdbx_seq_align_end_ins_code   ? 
_struct_ref_seq.pdbx_db_accession             O18734 
_struct_ref_seq.db_align_beg                  22 
_struct_ref_seq.pdbx_db_align_beg_ins_code    ? 
_struct_ref_seq.db_align_end                  120 
_struct_ref_seq.pdbx_db_align_end_ins_code    ? 
_struct_ref_seq.pdbx_auth_seq_align_beg       1 
_struct_ref_seq.pdbx_auth_seq_align_end       99 
# 
_pdbx_struct_assembly.id                   1 
_pdbx_struct_assembly.details              author_defined_assembly 
_pdbx_struct_assembly.method_details       ? 
_pdbx_struct_assembly.oligomeric_details   monomeric 
_pdbx_struct_assembly.oligomeric_count     1 
# 
_pdbx_struct_assembly_gen.assembly_id       1 
_pdbx_struct_assembly_gen.oper_expression   1 
_pdbx_struct_assembly_gen.asym_id_list      A 
# 
_pdbx_struct_oper_list.id                   1 
_pdbx_struct_oper_list.type                 'identity operation' 
_pdbx_struct_oper_list.name                 1_555 
_pdbx_struct_oper_list.symmetry_operation   x,y,z 
_pdbx_struct_oper_list.matrix[1][1]         1.0000000000 
_pdbx_struct_oper_list.matrix[1][2]         0.0000000000 
_pdbx_struct_oper_list.matrix[1][3]         0.0000000000 
_pdbx_struct_oper_list.vector[1]            0.0000000000 
_pdbx_struct_oper_list.matrix[2][1]         0.0000000000 
_pdbx_struct_oper_list.matrix[2][2]         1.0000000000 
_pdbx_struct_oper_list.matrix[2][3]         0.0000000000 
_pdbx_struct_oper_list.vector[2]            0.0000000000 
_pdbx_struct_oper_list.matrix[3][1]         0.0000000000 
_pdbx_struct_oper_list.matrix[3][2]         0.0000000000 
_pdbx_struct_oper_list.matrix[3][3]         1.0000000000 
_pdbx_struct_oper_list.vector[3]            0.0000000000 
# 
_struct_biol.id        1 
_struct_biol.details   ? 
# 
loop_
_struct_conf.conf_type_id 
_struct_conf.id 
_struct_conf.pdbx_PDB_helix_id 
_struct_conf.beg_label_comp_id 
_struct_conf.beg_label_asym_id 
_struct_conf.beg_label_seq_id 
_struct_conf.pdbx_beg_PDB_ins_code 
_struct_conf.end_label_comp_id 
_struct_conf.end_label_asym_id 
_struct_conf.end_label_seq_id 
_struct_conf.pdbx_end_PDB_ins_code 
_struct_conf.beg_auth_comp_id 
_struct_conf.beg_auth_asym_id 
_struct_conf.beg_auth_seq_id 
_struct_conf.end_auth_comp_id 
_struct_conf.end_auth_asym_id 
_struct_conf.end_auth_seq_id 
_struct_conf.pdbx_PDB_helix_class 
_struct_conf.details 
_struct_conf.pdbx_PDB_helix_length 
HELX_P HELX_P1 1 ARG A 28 ? LEU A 42 ? ARG A 28 LEU A 42 1 ? 15 
HELX_P HELX_P2 2 VAL A 54 ? LEU A 62 ? VAL A 54 LEU A 62 1 ? 9  
HELX_P HELX_P3 3 GLU A 66 ? LYS A 77 ? GLU A 66 LYS A 77 1 ? 12 
HELX_P HELX_P4 4 THR A 83 ? ARG A 95 ? THR A 83 ARG A 95 1 ? 13 
# 
_struct_conf_type.id          HELX_P 
_struct_conf_type.criteria    ? 
_struct_conf_type.reference   ? 
# 
loop_
_struct_conn.id 
_struct_conn.conn_type_id 
_struct_conn.pdbx_leaving_atom_flag 
_struct_conn.pdbx_PDB_id 
_struct_conn.ptnr1_label_asym_id 
_struct_conn.ptnr1_label_comp_id 
_struct_conn.ptnr1_label_seq_id 
_struct_conn.ptnr1_label_atom_id 
_struct_conn.pdbx_ptnr1_label_alt_id 
_struct_conn.pdbx_ptnr1_PDB_ins_code 
_struct_conn.pdbx_ptnr1_standard_comp_id 
_struct_conn.ptnr1_symmetry 
_struct_conn.ptnr2_label_asym_id 
_struct_conn.ptnr2_label_comp_id 
_struct_conn.ptnr2_label_seq_id 
_struct_conn.ptnr2_label_atom_id 
_struct_conn.pdbx_ptnr2_label_alt_id 
_struct_conn.pdbx_ptnr2_PDB_ins_code 
_struct_conn.ptnr1_auth_asym_id 
_struct_conn.ptnr1_auth_comp_id 
_struct_conn.ptnr1_auth_seq_id 
_struct_conn.ptnr2_auth_asym_id 
_struct_conn.ptnr2_auth_comp_id 
_struct_conn.ptnr2_auth_seq_id 
_struct_conn.ptnr2_symmetry 
_struct_conn.pdbx_ptnr3_label_atom_id 
_struct_conn.pdbx_ptnr3_label_seq_id 
_struct_conn.pdbx_ptnr3_label_comp_id 
_struct_conn.pdbx_ptnr3_label_asym_id 
_struct_conn.pdbx_ptnr3_label_alt_id 
_struct_conn.pdbx_ptnr3_PDB_ins_code 
_struct_conn.details 
_struct_conn.pdbx_dist_value 
_struct_conn.pdbx_value_order 
_struct_conn.pdbx_role 
covale1 covale both ? A VAL 16 C ? ? ? 1_555 A TPO 17 N ? ? A VAL 16 A TPO 17 1_555 ? ? ? ? ? ? ? 1.292 ? ? 
covale2 covale both ? A TPO 17 C ? ? ? 1_555 A VAL 18 N ? ? A TPO 17 A VAL 18 1_555 ? ? ? ? ? ? ? 1.275 ? ? 
# 
_struct_conn_type.id          covale 
_struct_conn_type.criteria    ? 
_struct_conn_type.reference   ? 
# 
_pdbx_modification_feature.ordinal                            1 
_pdbx_modification_feature.label_comp_id                      TPO 
_pdbx_modification_feature.label_asym_id                      A 
_pdbx_modification_feature.label_seq_id                       17 
_pdbx_modification_feature.label_alt_id                       ? 
_pdbx_modification_feature.modified_residue_label_comp_id     . 
_pdbx_modification_feature.modified_residue_label_asym_id     . 
_pdbx_modification_feature.modified_residue_label_seq_id      . 
_pdbx_modification_feature.modified_residue_label_alt_id      . 
_pdbx_modification_feature.auth_comp_id                       TPO 
_pdbx_modification_feature.auth_asym_id                       A 
_pdbx_modification_feature.auth_seq_id                        17 
_pdbx_modification_feature.PDB_ins_code                       ? 
_pdbx_modification_feature.symmetry                           1_555 
_pdbx_modification_feature.modified_residue_auth_comp_id      . 
_pdbx_modification_feature.modified_residue_auth_asym_id      . 
_pdbx_modification_feature.modified_residue_auth_seq_id       . 
_pdbx_modification_feature.modified_residue_PDB_ins_code      . 
_pdbx_modification_feature.modified_residue_symmetry          . 
_pdbx_modification_feature.comp_id_linking_atom               . 
_pdbx_modification_feature.modified_residue_id_linking_atom   . 
_pdbx_modification_feature.modified_residue_id                THR 
_pdbx_modification_feature.ref_pcm_id                         1 
_pdbx_modification_feature.ref_comp_id                        TPO 
_pdbx_modification_feature.type                               Phosphorylation 
_pdbx_modification_feature.category                           'Named protein modification' 
# 
_pdbx_entry_details.entry_id                   2RLT 
_pdbx_entry_details.compound_details           ? 
_pdbx_entry_details.source_details             ? 
_pdbx_entry_details.nonpolymer_details         ? 
_pdbx_entry_details.sequence_details           ? 
_pdbx_entry_details.has_ligand_of_interest     ? 
_pdbx_entry_details.has_protein_modification   Y 
# 
loop_
_pdbx_validate_close_contact.id 
_pdbx_validate_close_contact.PDB_model_num 
_pdbx_validate_close_contact.auth_atom_id_1 
_pdbx_validate_close_contact.auth_asym_id_1 
_pdbx_validate_close_contact.auth_comp_id_1 
_pdbx_validate_close_contact.auth_seq_id_1 
_pdbx_validate_close_contact.PDB_ins_code_1 
_pdbx_validate_close_contact.label_alt_id_1 
_pdbx_validate_close_contact.auth_atom_id_2 
_pdbx_validate_close_contact.auth_asym_id_2 
_pdbx_validate_close_contact.auth_comp_id_2 
_pdbx_validate_close_contact.auth_seq_id_2 
_pdbx_validate_close_contact.PDB_ins_code_2 
_pdbx_validate_close_contact.label_alt_id_2 
_pdbx_validate_close_contact.dist 
1  1 OH   A TYR 43 ? ? H   A ALA 48 ? ? 1.35 
2  1 O    A ASP 30 ? ? H   A TRP 34 ? ? 1.47 
3  1 O    A GLN 88 ? ? H   A VAL 92 ? ? 1.48 
4  1 O    A ASN 85 ? ? H   A GLU 89 ? ? 1.52 
5  1 O    A PRO 82 ? ? H   A ASN 85 ? ? 1.54 
6  1 HH21 A ARG 44 ? ? OD2 A ASP 49 ? ? 1.56 
7  1 O    A ALA 14 ? ? H   A VAL 16 ? ? 1.59 
8  1 O    A ALA 48 ? ? N   A MET 50 ? ? 2.00 
9  1 O    A ALA 48 ? ? O   A MET 50 ? ? 2.12 
10 1 O    A GLU 65 ? ? N   A GLU 67 ? ? 2.17 
# 
loop_
_pdbx_validate_torsion.id 
_pdbx_validate_torsion.PDB_model_num 
_pdbx_validate_torsion.auth_comp_id 
_pdbx_validate_torsion.auth_asym_id 
_pdbx_validate_torsion.auth_seq_id 
_pdbx_validate_torsion.PDB_ins_code 
_pdbx_validate_torsion.label_alt_id 
_pdbx_validate_torsion.phi 
_pdbx_validate_torsion.psi 
1  1 ARG A 12 ? ? -156.99 88.45   
2  1 ALA A 14 ? ? 168.76  132.78  
3  1 ARG A 15 ? ? -69.60  69.37   
4  1 LEU A 25 ? ? -51.66  -175.22 
5  1 GLU A 41 ? ? -91.70  -70.36  
6  1 LEU A 42 ? ? -15.73  -94.05  
7  1 TYR A 43 ? ? 167.15  -42.91  
8  1 ARG A 44 ? ? 56.17   107.74  
9  1 ARG A 46 ? ? -148.13 -58.30  
10 1 GLU A 47 ? ? -118.41 -91.63  
11 1 ALA A 48 ? ? -47.84  -14.02  
12 1 ASP A 49 ? ? -14.40  -39.95  
13 1 ASP A 52 ? ? -170.33 105.84  
14 1 GLU A 53 ? ? -170.39 115.61  
15 1 VAL A 54 ? ? -163.92 -24.26  
16 1 GLU A 61 ? ? -167.16 73.37   
17 1 LEU A 62 ? ? -141.53 -45.18  
18 1 GLU A 63 ? ? 84.10   15.05   
19 1 GLU A 65 ? ? -34.78  152.14  
20 1 GLU A 66 ? ? -43.83  67.85   
21 1 CYS A 79 ? ? 56.74   128.38  
22 1 ASN A 81 ? ? -161.37 -123.99 
23 1 PRO A 82 ? ? -67.73  10.42   
# 
loop_
_pdbx_validate_planes.id 
_pdbx_validate_planes.PDB_model_num 
_pdbx_validate_planes.auth_comp_id 
_pdbx_validate_planes.auth_asym_id 
_pdbx_validate_planes.auth_seq_id 
_pdbx_validate_planes.PDB_ins_code 
_pdbx_validate_planes.label_alt_id 
_pdbx_validate_planes.rmsd 
_pdbx_validate_planes.type 
1  1 ARG A 12 ? ? 0.219 'SIDE CHAIN' 
2  1 ARG A 15 ? ? 0.306 'SIDE CHAIN' 
3  1 ARG A 22 ? ? 0.315 'SIDE CHAIN' 
4  1 ARG A 27 ? ? 0.295 'SIDE CHAIN' 
5  1 ARG A 28 ? ? 0.098 'SIDE CHAIN' 
6  1 ARG A 38 ? ? 0.286 'SIDE CHAIN' 
7  1 ARG A 44 ? ? 0.317 'SIDE CHAIN' 
8  1 ARG A 46 ? ? 0.198 'SIDE CHAIN' 
9  1 ARG A 68 ? ? 0.184 'SIDE CHAIN' 
10 1 ARG A 70 ? ? 0.302 'SIDE CHAIN' 
11 1 ARG A 95 ? ? 0.251 'SIDE CHAIN' 
# 
_pdbx_struct_mod_residue.id               1 
_pdbx_struct_mod_residue.label_asym_id    A 
_pdbx_struct_mod_residue.label_comp_id    TPO 
_pdbx_struct_mod_residue.label_seq_id     17 
_pdbx_struct_mod_residue.auth_asym_id     A 
_pdbx_struct_mod_residue.auth_comp_id     TPO 
_pdbx_struct_mod_residue.auth_seq_id      17 
_pdbx_struct_mod_residue.PDB_ins_code     ? 
_pdbx_struct_mod_residue.parent_comp_id   THR 
_pdbx_struct_mod_residue.details          PHOSPHOTHREONINE 
# 
_pdbx_nmr_ensemble.average_constraint_violations_per_residue     ? 
_pdbx_nmr_ensemble.average_constraints_per_residue               ? 
_pdbx_nmr_ensemble.average_distance_constraint_violation         ? 
_pdbx_nmr_ensemble.average_torsion_angle_constraint_violation    ? 
_pdbx_nmr_ensemble.conformer_selection_criteria                  'structures with the lowest energy' 
_pdbx_nmr_ensemble.conformers_calculated_total_number            100 
_pdbx_nmr_ensemble.conformers_submitted_total_number             1 
_pdbx_nmr_ensemble.distance_constraint_violation_method          ? 
_pdbx_nmr_ensemble.entry_id                                      2RLT 
_pdbx_nmr_ensemble.maximum_distance_constraint_violation         ? 
_pdbx_nmr_ensemble.maximum_lower_distance_constraint_violation   ? 
_pdbx_nmr_ensemble.maximum_torsion_angle_constraint_violation    ? 
_pdbx_nmr_ensemble.maximum_upper_distance_constraint_violation   ? 
_pdbx_nmr_ensemble.representative_conformer                      20 
_pdbx_nmr_ensemble.torsion_angle_constraint_violation_method     ? 
# 
_pdbx_nmr_representative.entry_id             2RLT 
_pdbx_nmr_representative.conformer_id         ? 
_pdbx_nmr_representative.selection_criteria   'minimized average structure' 
# 
_pdbx_nmr_sample_details.contents         
'1 mM [U-100% 15N] H2O, 1 mM [U-100% 13C; U-100% 15N] H2O, 1 mM [U-100% 13C; U-100% 15N] D2O, 90% H2O/10% D2O' 
_pdbx_nmr_sample_details.solution_id      1 
_pdbx_nmr_sample_details.solvent_system   '90% H2O/10% D2O' 
# 
loop_
_pdbx_nmr_exptl_sample.component 
_pdbx_nmr_exptl_sample.concentration 
_pdbx_nmr_exptl_sample.concentration_units 
_pdbx_nmr_exptl_sample.isotopic_labeling 
_pdbx_nmr_exptl_sample.solution_id 
H2O 1 mM '[U-100% 15N]'             1 
H2O 1 mM '[U-100% 13C; U-100% 15N]' 2 
D2O 1 mM '[U-100% 13C; U-100% 15N]' 3 
# 
_pdbx_nmr_exptl_sample_conditions.conditions_id       1 
_pdbx_nmr_exptl_sample_conditions.ionic_strength      ? 
_pdbx_nmr_exptl_sample_conditions.pH                  6.7 
_pdbx_nmr_exptl_sample_conditions.pressure            ambient 
_pdbx_nmr_exptl_sample_conditions.pressure_units      ? 
_pdbx_nmr_exptl_sample_conditions.temperature         298 
_pdbx_nmr_exptl_sample_conditions.temperature_units   K 
# 
loop_
_pdbx_nmr_exptl.conditions_id 
_pdbx_nmr_exptl.experiment_id 
_pdbx_nmr_exptl.solution_id 
_pdbx_nmr_exptl.type 
1 1  1 '2D 1H-15N HSQC'  
1 2  1 '2D 1H-13C HSQC'  
1 3  1 '3D HNCA'         
1 4  1 '3D HNCO'         
1 5  1 '3D CBCA(CO)NH'   
1 6  1 '3D C(CO)NH'      
1 7  1 '3D HNCACB'       
1 8  1 '3D 1H-15N NOESY' 
1 9  1 '3D 1H-15N TOCSY' 
1 10 1 '3D 1H-13C NOESY' 
# 
_pdbx_nmr_refine.entry_id           2RLT 
_pdbx_nmr_refine.method             ? 
_pdbx_nmr_refine.details            'DGSA-distance geometry simulated annealing' 
_pdbx_nmr_refine.software_ordinal   1 
# 
loop_
_pdbx_nmr_software.authors 
_pdbx_nmr_software.classification 
_pdbx_nmr_software.name 
_pdbx_nmr_software.version 
_pdbx_nmr_software.ordinal 
? 'structure solution' X-PLOR 3.851 1 
? refinement           X-PLOR 3.851 2 
# 
loop_
_chem_comp_atom.comp_id 
_chem_comp_atom.atom_id 
_chem_comp_atom.type_symbol 
_chem_comp_atom.pdbx_aromatic_flag 
_chem_comp_atom.pdbx_stereo_config 
_chem_comp_atom.pdbx_ordinal 
ALA N    N N N 1   
ALA CA   C N S 2   
ALA C    C N N 3   
ALA O    O N N 4   
ALA CB   C N N 5   
ALA OXT  O N N 6   
ALA H    H N N 7   
ALA H2   H N N 8   
ALA HA   H N N 9   
ALA HB1  H N N 10  
ALA HB2  H N N 11  
ALA HB3  H N N 12  
ALA HXT  H N N 13  
ARG N    N N N 14  
ARG CA   C N S 15  
ARG C    C N N 16  
ARG O    O N N 17  
ARG CB   C N N 18  
ARG CG   C N N 19  
ARG CD   C N N 20  
ARG NE   N N N 21  
ARG CZ   C N N 22  
ARG NH1  N N N 23  
ARG NH2  N N N 24  
ARG OXT  O N N 25  
ARG H    H N N 26  
ARG H2   H N N 27  
ARG HA   H N N 28  
ARG HB2  H N N 29  
ARG HB3  H N N 30  
ARG HG2  H N N 31  
ARG HG3  H N N 32  
ARG HD2  H N N 33  
ARG HD3  H N N 34  
ARG HE   H N N 35  
ARG HH11 H N N 36  
ARG HH12 H N N 37  
ARG HH21 H N N 38  
ARG HH22 H N N 39  
ARG HXT  H N N 40  
ASN N    N N N 41  
ASN CA   C N S 42  
ASN C    C N N 43  
ASN O    O N N 44  
ASN CB   C N N 45  
ASN CG   C N N 46  
ASN OD1  O N N 47  
ASN ND2  N N N 48  
ASN OXT  O N N 49  
ASN H    H N N 50  
ASN H2   H N N 51  
ASN HA   H N N 52  
ASN HB2  H N N 53  
ASN HB3  H N N 54  
ASN HD21 H N N 55  
ASN HD22 H N N 56  
ASN HXT  H N N 57  
ASP N    N N N 58  
ASP CA   C N S 59  
ASP C    C N N 60  
ASP O    O N N 61  
ASP CB   C N N 62  
ASP CG   C N N 63  
ASP OD1  O N N 64  
ASP OD2  O N N 65  
ASP OXT  O N N 66  
ASP H    H N N 67  
ASP H2   H N N 68  
ASP HA   H N N 69  
ASP HB2  H N N 70  
ASP HB3  H N N 71  
ASP HD2  H N N 72  
ASP HXT  H N N 73  
CYS N    N N N 74  
CYS CA   C N R 75  
CYS C    C N N 76  
CYS O    O N N 77  
CYS CB   C N N 78  
CYS SG   S N N 79  
CYS OXT  O N N 80  
CYS H    H N N 81  
CYS H2   H N N 82  
CYS HA   H N N 83  
CYS HB2  H N N 84  
CYS HB3  H N N 85  
CYS HG   H N N 86  
CYS HXT  H N N 87  
GLN N    N N N 88  
GLN CA   C N S 89  
GLN C    C N N 90  
GLN O    O N N 91  
GLN CB   C N N 92  
GLN CG   C N N 93  
GLN CD   C N N 94  
GLN OE1  O N N 95  
GLN NE2  N N N 96  
GLN OXT  O N N 97  
GLN H    H N N 98  
GLN H2   H N N 99  
GLN HA   H N N 100 
GLN HB2  H N N 101 
GLN HB3  H N N 102 
GLN HG2  H N N 103 
GLN HG3  H N N 104 
GLN HE21 H N N 105 
GLN HE22 H N N 106 
GLN HXT  H N N 107 
GLU N    N N N 108 
GLU CA   C N S 109 
GLU C    C N N 110 
GLU O    O N N 111 
GLU CB   C N N 112 
GLU CG   C N N 113 
GLU CD   C N N 114 
GLU OE1  O N N 115 
GLU OE2  O N N 116 
GLU OXT  O N N 117 
GLU H    H N N 118 
GLU H2   H N N 119 
GLU HA   H N N 120 
GLU HB2  H N N 121 
GLU HB3  H N N 122 
GLU HG2  H N N 123 
GLU HG3  H N N 124 
GLU HE2  H N N 125 
GLU HXT  H N N 126 
GLY N    N N N 127 
GLY CA   C N N 128 
GLY C    C N N 129 
GLY O    O N N 130 
GLY OXT  O N N 131 
GLY H    H N N 132 
GLY H2   H N N 133 
GLY HA2  H N N 134 
GLY HA3  H N N 135 
GLY HXT  H N N 136 
HIS N    N N N 137 
HIS CA   C N S 138 
HIS C    C N N 139 
HIS O    O N N 140 
HIS CB   C N N 141 
HIS CG   C Y N 142 
HIS ND1  N Y N 143 
HIS CD2  C Y N 144 
HIS CE1  C Y N 145 
HIS NE2  N Y N 146 
HIS OXT  O N N 147 
HIS H    H N N 148 
HIS H2   H N N 149 
HIS HA   H N N 150 
HIS HB2  H N N 151 
HIS HB3  H N N 152 
HIS HD1  H N N 153 
HIS HD2  H N N 154 
HIS HE1  H N N 155 
HIS HE2  H N N 156 
HIS HXT  H N N 157 
ILE N    N N N 158 
ILE CA   C N S 159 
ILE C    C N N 160 
ILE O    O N N 161 
ILE CB   C N S 162 
ILE CG1  C N N 163 
ILE CG2  C N N 164 
ILE CD1  C N N 165 
ILE OXT  O N N 166 
ILE H    H N N 167 
ILE H2   H N N 168 
ILE HA   H N N 169 
ILE HB   H N N 170 
ILE HG12 H N N 171 
ILE HG13 H N N 172 
ILE HG21 H N N 173 
ILE HG22 H N N 174 
ILE HG23 H N N 175 
ILE HD11 H N N 176 
ILE HD12 H N N 177 
ILE HD13 H N N 178 
ILE HXT  H N N 179 
LEU N    N N N 180 
LEU CA   C N S 181 
LEU C    C N N 182 
LEU O    O N N 183 
LEU CB   C N N 184 
LEU CG   C N N 185 
LEU CD1  C N N 186 
LEU CD2  C N N 187 
LEU OXT  O N N 188 
LEU H    H N N 189 
LEU H2   H N N 190 
LEU HA   H N N 191 
LEU HB2  H N N 192 
LEU HB3  H N N 193 
LEU HG   H N N 194 
LEU HD11 H N N 195 
LEU HD12 H N N 196 
LEU HD13 H N N 197 
LEU HD21 H N N 198 
LEU HD22 H N N 199 
LEU HD23 H N N 200 
LEU HXT  H N N 201 
LYS N    N N N 202 
LYS CA   C N S 203 
LYS C    C N N 204 
LYS O    O N N 205 
LYS CB   C N N 206 
LYS CG   C N N 207 
LYS CD   C N N 208 
LYS CE   C N N 209 
LYS NZ   N N N 210 
LYS OXT  O N N 211 
LYS H    H N N 212 
LYS H2   H N N 213 
LYS HA   H N N 214 
LYS HB2  H N N 215 
LYS HB3  H N N 216 
LYS HG2  H N N 217 
LYS HG3  H N N 218 
LYS HD2  H N N 219 
LYS HD3  H N N 220 
LYS HE2  H N N 221 
LYS HE3  H N N 222 
LYS HZ1  H N N 223 
LYS HZ2  H N N 224 
LYS HZ3  H N N 225 
LYS HXT  H N N 226 
MET N    N N N 227 
MET CA   C N S 228 
MET C    C N N 229 
MET O    O N N 230 
MET CB   C N N 231 
MET CG   C N N 232 
MET SD   S N N 233 
MET CE   C N N 234 
MET OXT  O N N 235 
MET H    H N N 236 
MET H2   H N N 237 
MET HA   H N N 238 
MET HB2  H N N 239 
MET HB3  H N N 240 
MET HG2  H N N 241 
MET HG3  H N N 242 
MET HE1  H N N 243 
MET HE2  H N N 244 
MET HE3  H N N 245 
MET HXT  H N N 246 
PHE N    N N N 247 
PHE CA   C N S 248 
PHE C    C N N 249 
PHE O    O N N 250 
PHE CB   C N N 251 
PHE CG   C Y N 252 
PHE CD1  C Y N 253 
PHE CD2  C Y N 254 
PHE CE1  C Y N 255 
PHE CE2  C Y N 256 
PHE CZ   C Y N 257 
PHE OXT  O N N 258 
PHE H    H N N 259 
PHE H2   H N N 260 
PHE HA   H N N 261 
PHE HB2  H N N 262 
PHE HB3  H N N 263 
PHE HD1  H N N 264 
PHE HD2  H N N 265 
PHE HE1  H N N 266 
PHE HE2  H N N 267 
PHE HZ   H N N 268 
PHE HXT  H N N 269 
PRO N    N N N 270 
PRO CA   C N S 271 
PRO C    C N N 272 
PRO O    O N N 273 
PRO CB   C N N 274 
PRO CG   C N N 275 
PRO CD   C N N 276 
PRO OXT  O N N 277 
PRO H    H N N 278 
PRO HA   H N N 279 
PRO HB2  H N N 280 
PRO HB3  H N N 281 
PRO HG2  H N N 282 
PRO HG3  H N N 283 
PRO HD2  H N N 284 
PRO HD3  H N N 285 
PRO HXT  H N N 286 
SER N    N N N 287 
SER CA   C N S 288 
SER C    C N N 289 
SER O    O N N 290 
SER CB   C N N 291 
SER OG   O N N 292 
SER OXT  O N N 293 
SER H    H N N 294 
SER H2   H N N 295 
SER HA   H N N 296 
SER HB2  H N N 297 
SER HB3  H N N 298 
SER HG   H N N 299 
SER HXT  H N N 300 
THR N    N N N 301 
THR CA   C N S 302 
THR C    C N N 303 
THR O    O N N 304 
THR CB   C N R 305 
THR OG1  O N N 306 
THR CG2  C N N 307 
THR OXT  O N N 308 
THR H    H N N 309 
THR H2   H N N 310 
THR HA   H N N 311 
THR HB   H N N 312 
THR HG1  H N N 313 
THR HG21 H N N 314 
THR HG22 H N N 315 
THR HG23 H N N 316 
THR HXT  H N N 317 
TPO N    N N N 318 
TPO CA   C N S 319 
TPO CB   C N R 320 
TPO CG2  C N N 321 
TPO OG1  O N N 322 
TPO P    P N N 323 
TPO O1P  O N N 324 
TPO O2P  O N N 325 
TPO O3P  O N N 326 
TPO C    C N N 327 
TPO O    O N N 328 
TPO OXT  O N N 329 
TPO H    H N N 330 
TPO H2   H N N 331 
TPO HA   H N N 332 
TPO HB   H N N 333 
TPO HG21 H N N 334 
TPO HG22 H N N 335 
TPO HG23 H N N 336 
TPO HOP2 H N N 337 
TPO HOP3 H N N 338 
TPO HXT  H N N 339 
TRP N    N N N 340 
TRP CA   C N S 341 
TRP C    C N N 342 
TRP O    O N N 343 
TRP CB   C N N 344 
TRP CG   C Y N 345 
TRP CD1  C Y N 346 
TRP CD2  C Y N 347 
TRP NE1  N Y N 348 
TRP CE2  C Y N 349 
TRP CE3  C Y N 350 
TRP CZ2  C Y N 351 
TRP CZ3  C Y N 352 
TRP CH2  C Y N 353 
TRP OXT  O N N 354 
TRP H    H N N 355 
TRP H2   H N N 356 
TRP HA   H N N 357 
TRP HB2  H N N 358 
TRP HB3  H N N 359 
TRP HD1  H N N 360 
TRP HE1  H N N 361 
TRP HE3  H N N 362 
TRP HZ2  H N N 363 
TRP HZ3  H N N 364 
TRP HH2  H N N 365 
TRP HXT  H N N 366 
TYR N    N N N 367 
TYR CA   C N S 368 
TYR C    C N N 369 
TYR O    O N N 370 
TYR CB   C N N 371 
TYR CG   C Y N 372 
TYR CD1  C Y N 373 
TYR CD2  C Y N 374 
TYR CE1  C Y N 375 
TYR CE2  C Y N 376 
TYR CZ   C Y N 377 
TYR OH   O N N 378 
TYR OXT  O N N 379 
TYR H    H N N 380 
TYR H2   H N N 381 
TYR HA   H N N 382 
TYR HB2  H N N 383 
TYR HB3  H N N 384 
TYR HD1  H N N 385 
TYR HD2  H N N 386 
TYR HE1  H N N 387 
TYR HE2  H N N 388 
TYR HH   H N N 389 
TYR HXT  H N N 390 
VAL N    N N N 391 
VAL CA   C N S 392 
VAL C    C N N 393 
VAL O    O N N 394 
VAL CB   C N N 395 
VAL CG1  C N N 396 
VAL CG2  C N N 397 
VAL OXT  O N N 398 
VAL H    H N N 399 
VAL H2   H N N 400 
VAL HA   H N N 401 
VAL HB   H N N 402 
VAL HG11 H N N 403 
VAL HG12 H N N 404 
VAL HG13 H N N 405 
VAL HG21 H N N 406 
VAL HG22 H N N 407 
VAL HG23 H N N 408 
VAL HXT  H N N 409 
# 
loop_
_chem_comp_bond.comp_id 
_chem_comp_bond.atom_id_1 
_chem_comp_bond.atom_id_2 
_chem_comp_bond.value_order 
_chem_comp_bond.pdbx_aromatic_flag 
_chem_comp_bond.pdbx_stereo_config 
_chem_comp_bond.pdbx_ordinal 
ALA N   CA   sing N N 1   
ALA N   H    sing N N 2   
ALA N   H2   sing N N 3   
ALA CA  C    sing N N 4   
ALA CA  CB   sing N N 5   
ALA CA  HA   sing N N 6   
ALA C   O    doub N N 7   
ALA C   OXT  sing N N 8   
ALA CB  HB1  sing N N 9   
ALA CB  HB2  sing N N 10  
ALA CB  HB3  sing N N 11  
ALA OXT HXT  sing N N 12  
ARG N   CA   sing N N 13  
ARG N   H    sing N N 14  
ARG N   H2   sing N N 15  
ARG CA  C    sing N N 16  
ARG CA  CB   sing N N 17  
ARG CA  HA   sing N N 18  
ARG C   O    doub N N 19  
ARG C   OXT  sing N N 20  
ARG CB  CG   sing N N 21  
ARG CB  HB2  sing N N 22  
ARG CB  HB3  sing N N 23  
ARG CG  CD   sing N N 24  
ARG CG  HG2  sing N N 25  
ARG CG  HG3  sing N N 26  
ARG CD  NE   sing N N 27  
ARG CD  HD2  sing N N 28  
ARG CD  HD3  sing N N 29  
ARG NE  CZ   sing N N 30  
ARG NE  HE   sing N N 31  
ARG CZ  NH1  sing N N 32  
ARG CZ  NH2  doub N N 33  
ARG NH1 HH11 sing N N 34  
ARG NH1 HH12 sing N N 35  
ARG NH2 HH21 sing N N 36  
ARG NH2 HH22 sing N N 37  
ARG OXT HXT  sing N N 38  
ASN N   CA   sing N N 39  
ASN N   H    sing N N 40  
ASN N   H2   sing N N 41  
ASN CA  C    sing N N 42  
ASN CA  CB   sing N N 43  
ASN CA  HA   sing N N 44  
ASN C   O    doub N N 45  
ASN C   OXT  sing N N 46  
ASN CB  CG   sing N N 47  
ASN CB  HB2  sing N N 48  
ASN CB  HB3  sing N N 49  
ASN CG  OD1  doub N N 50  
ASN CG  ND2  sing N N 51  
ASN ND2 HD21 sing N N 52  
ASN ND2 HD22 sing N N 53  
ASN OXT HXT  sing N N 54  
ASP N   CA   sing N N 55  
ASP N   H    sing N N 56  
ASP N   H2   sing N N 57  
ASP CA  C    sing N N 58  
ASP CA  CB   sing N N 59  
ASP CA  HA   sing N N 60  
ASP C   O    doub N N 61  
ASP C   OXT  sing N N 62  
ASP CB  CG   sing N N 63  
ASP CB  HB2  sing N N 64  
ASP CB  HB3  sing N N 65  
ASP CG  OD1  doub N N 66  
ASP CG  OD2  sing N N 67  
ASP OD2 HD2  sing N N 68  
ASP OXT HXT  sing N N 69  
CYS N   CA   sing N N 70  
CYS N   H    sing N N 71  
CYS N   H2   sing N N 72  
CYS CA  C    sing N N 73  
CYS CA  CB   sing N N 74  
CYS CA  HA   sing N N 75  
CYS C   O    doub N N 76  
CYS C   OXT  sing N N 77  
CYS CB  SG   sing N N 78  
CYS CB  HB2  sing N N 79  
CYS CB  HB3  sing N N 80  
CYS SG  HG   sing N N 81  
CYS OXT HXT  sing N N 82  
GLN N   CA   sing N N 83  
GLN N   H    sing N N 84  
GLN N   H2   sing N N 85  
GLN CA  C    sing N N 86  
GLN CA  CB   sing N N 87  
GLN CA  HA   sing N N 88  
GLN C   O    doub N N 89  
GLN C   OXT  sing N N 90  
GLN CB  CG   sing N N 91  
GLN CB  HB2  sing N N 92  
GLN CB  HB3  sing N N 93  
GLN CG  CD   sing N N 94  
GLN CG  HG2  sing N N 95  
GLN CG  HG3  sing N N 96  
GLN CD  OE1  doub N N 97  
GLN CD  NE2  sing N N 98  
GLN NE2 HE21 sing N N 99  
GLN NE2 HE22 sing N N 100 
GLN OXT HXT  sing N N 101 
GLU N   CA   sing N N 102 
GLU N   H    sing N N 103 
GLU N   H2   sing N N 104 
GLU CA  C    sing N N 105 
GLU CA  CB   sing N N 106 
GLU CA  HA   sing N N 107 
GLU C   O    doub N N 108 
GLU C   OXT  sing N N 109 
GLU CB  CG   sing N N 110 
GLU CB  HB2  sing N N 111 
GLU CB  HB3  sing N N 112 
GLU CG  CD   sing N N 113 
GLU CG  HG2  sing N N 114 
GLU CG  HG3  sing N N 115 
GLU CD  OE1  doub N N 116 
GLU CD  OE2  sing N N 117 
GLU OE2 HE2  sing N N 118 
GLU OXT HXT  sing N N 119 
GLY N   CA   sing N N 120 
GLY N   H    sing N N 121 
GLY N   H2   sing N N 122 
GLY CA  C    sing N N 123 
GLY CA  HA2  sing N N 124 
GLY CA  HA3  sing N N 125 
GLY C   O    doub N N 126 
GLY C   OXT  sing N N 127 
GLY OXT HXT  sing N N 128 
HIS N   CA   sing N N 129 
HIS N   H    sing N N 130 
HIS N   H2   sing N N 131 
HIS CA  C    sing N N 132 
HIS CA  CB   sing N N 133 
HIS CA  HA   sing N N 134 
HIS C   O    doub N N 135 
HIS C   OXT  sing N N 136 
HIS CB  CG   sing N N 137 
HIS CB  HB2  sing N N 138 
HIS CB  HB3  sing N N 139 
HIS CG  ND1  sing Y N 140 
HIS CG  CD2  doub Y N 141 
HIS ND1 CE1  doub Y N 142 
HIS ND1 HD1  sing N N 143 
HIS CD2 NE2  sing Y N 144 
HIS CD2 HD2  sing N N 145 
HIS CE1 NE2  sing Y N 146 
HIS CE1 HE1  sing N N 147 
HIS NE2 HE2  sing N N 148 
HIS OXT HXT  sing N N 149 
ILE N   CA   sing N N 150 
ILE N   H    sing N N 151 
ILE N   H2   sing N N 152 
ILE CA  C    sing N N 153 
ILE CA  CB   sing N N 154 
ILE CA  HA   sing N N 155 
ILE C   O    doub N N 156 
ILE C   OXT  sing N N 157 
ILE CB  CG1  sing N N 158 
ILE CB  CG2  sing N N 159 
ILE CB  HB   sing N N 160 
ILE CG1 CD1  sing N N 161 
ILE CG1 HG12 sing N N 162 
ILE CG1 HG13 sing N N 163 
ILE CG2 HG21 sing N N 164 
ILE CG2 HG22 sing N N 165 
ILE CG2 HG23 sing N N 166 
ILE CD1 HD11 sing N N 167 
ILE CD1 HD12 sing N N 168 
ILE CD1 HD13 sing N N 169 
ILE OXT HXT  sing N N 170 
LEU N   CA   sing N N 171 
LEU N   H    sing N N 172 
LEU N   H2   sing N N 173 
LEU CA  C    sing N N 174 
LEU CA  CB   sing N N 175 
LEU CA  HA   sing N N 176 
LEU C   O    doub N N 177 
LEU C   OXT  sing N N 178 
LEU CB  CG   sing N N 179 
LEU CB  HB2  sing N N 180 
LEU CB  HB3  sing N N 181 
LEU CG  CD1  sing N N 182 
LEU CG  CD2  sing N N 183 
LEU CG  HG   sing N N 184 
LEU CD1 HD11 sing N N 185 
LEU CD1 HD12 sing N N 186 
LEU CD1 HD13 sing N N 187 
LEU CD2 HD21 sing N N 188 
LEU CD2 HD22 sing N N 189 
LEU CD2 HD23 sing N N 190 
LEU OXT HXT  sing N N 191 
LYS N   CA   sing N N 192 
LYS N   H    sing N N 193 
LYS N   H2   sing N N 194 
LYS CA  C    sing N N 195 
LYS CA  CB   sing N N 196 
LYS CA  HA   sing N N 197 
LYS C   O    doub N N 198 
LYS C   OXT  sing N N 199 
LYS CB  CG   sing N N 200 
LYS CB  HB2  sing N N 201 
LYS CB  HB3  sing N N 202 
LYS CG  CD   sing N N 203 
LYS CG  HG2  sing N N 204 
LYS CG  HG3  sing N N 205 
LYS CD  CE   sing N N 206 
LYS CD  HD2  sing N N 207 
LYS CD  HD3  sing N N 208 
LYS CE  NZ   sing N N 209 
LYS CE  HE2  sing N N 210 
LYS CE  HE3  sing N N 211 
LYS NZ  HZ1  sing N N 212 
LYS NZ  HZ2  sing N N 213 
LYS NZ  HZ3  sing N N 214 
LYS OXT HXT  sing N N 215 
MET N   CA   sing N N 216 
MET N   H    sing N N 217 
MET N   H2   sing N N 218 
MET CA  C    sing N N 219 
MET CA  CB   sing N N 220 
MET CA  HA   sing N N 221 
MET C   O    doub N N 222 
MET C   OXT  sing N N 223 
MET CB  CG   sing N N 224 
MET CB  HB2  sing N N 225 
MET CB  HB3  sing N N 226 
MET CG  SD   sing N N 227 
MET CG  HG2  sing N N 228 
MET CG  HG3  sing N N 229 
MET SD  CE   sing N N 230 
MET CE  HE1  sing N N 231 
MET CE  HE2  sing N N 232 
MET CE  HE3  sing N N 233 
MET OXT HXT  sing N N 234 
PHE N   CA   sing N N 235 
PHE N   H    sing N N 236 
PHE N   H2   sing N N 237 
PHE CA  C    sing N N 238 
PHE CA  CB   sing N N 239 
PHE CA  HA   sing N N 240 
PHE C   O    doub N N 241 
PHE C   OXT  sing N N 242 
PHE CB  CG   sing N N 243 
PHE CB  HB2  sing N N 244 
PHE CB  HB3  sing N N 245 
PHE CG  CD1  doub Y N 246 
PHE CG  CD2  sing Y N 247 
PHE CD1 CE1  sing Y N 248 
PHE CD1 HD1  sing N N 249 
PHE CD2 CE2  doub Y N 250 
PHE CD2 HD2  sing N N 251 
PHE CE1 CZ   doub Y N 252 
PHE CE1 HE1  sing N N 253 
PHE CE2 CZ   sing Y N 254 
PHE CE2 HE2  sing N N 255 
PHE CZ  HZ   sing N N 256 
PHE OXT HXT  sing N N 257 
PRO N   CA   sing N N 258 
PRO N   CD   sing N N 259 
PRO N   H    sing N N 260 
PRO CA  C    sing N N 261 
PRO CA  CB   sing N N 262 
PRO CA  HA   sing N N 263 
PRO C   O    doub N N 264 
PRO C   OXT  sing N N 265 
PRO CB  CG   sing N N 266 
PRO CB  HB2  sing N N 267 
PRO CB  HB3  sing N N 268 
PRO CG  CD   sing N N 269 
PRO CG  HG2  sing N N 270 
PRO CG  HG3  sing N N 271 
PRO CD  HD2  sing N N 272 
PRO CD  HD3  sing N N 273 
PRO OXT HXT  sing N N 274 
SER N   CA   sing N N 275 
SER N   H    sing N N 276 
SER N   H2   sing N N 277 
SER CA  C    sing N N 278 
SER CA  CB   sing N N 279 
SER CA  HA   sing N N 280 
SER C   O    doub N N 281 
SER C   OXT  sing N N 282 
SER CB  OG   sing N N 283 
SER CB  HB2  sing N N 284 
SER CB  HB3  sing N N 285 
SER OG  HG   sing N N 286 
SER OXT HXT  sing N N 287 
THR N   CA   sing N N 288 
THR N   H    sing N N 289 
THR N   H2   sing N N 290 
THR CA  C    sing N N 291 
THR CA  CB   sing N N 292 
THR CA  HA   sing N N 293 
THR C   O    doub N N 294 
THR C   OXT  sing N N 295 
THR CB  OG1  sing N N 296 
THR CB  CG2  sing N N 297 
THR CB  HB   sing N N 298 
THR OG1 HG1  sing N N 299 
THR CG2 HG21 sing N N 300 
THR CG2 HG22 sing N N 301 
THR CG2 HG23 sing N N 302 
THR OXT HXT  sing N N 303 
TPO N   CA   sing N N 304 
TPO N   H    sing N N 305 
TPO N   H2   sing N N 306 
TPO CA  CB   sing N N 307 
TPO CA  C    sing N N 308 
TPO CA  HA   sing N N 309 
TPO CB  CG2  sing N N 310 
TPO CB  OG1  sing N N 311 
TPO CB  HB   sing N N 312 
TPO CG2 HG21 sing N N 313 
TPO CG2 HG22 sing N N 314 
TPO CG2 HG23 sing N N 315 
TPO OG1 P    sing N N 316 
TPO P   O1P  doub N N 317 
TPO P   O2P  sing N N 318 
TPO P   O3P  sing N N 319 
TPO O2P HOP2 sing N N 320 
TPO O3P HOP3 sing N N 321 
TPO C   O    doub N N 322 
TPO C   OXT  sing N N 323 
TPO OXT HXT  sing N N 324 
TRP N   CA   sing N N 325 
TRP N   H    sing N N 326 
TRP N   H2   sing N N 327 
TRP CA  C    sing N N 328 
TRP CA  CB   sing N N 329 
TRP CA  HA   sing N N 330 
TRP C   O    doub N N 331 
TRP C   OXT  sing N N 332 
TRP CB  CG   sing N N 333 
TRP CB  HB2  sing N N 334 
TRP CB  HB3  sing N N 335 
TRP CG  CD1  doub Y N 336 
TRP CG  CD2  sing Y N 337 
TRP CD1 NE1  sing Y N 338 
TRP CD1 HD1  sing N N 339 
TRP CD2 CE2  doub Y N 340 
TRP CD2 CE3  sing Y N 341 
TRP NE1 CE2  sing Y N 342 
TRP NE1 HE1  sing N N 343 
TRP CE2 CZ2  sing Y N 344 
TRP CE3 CZ3  doub Y N 345 
TRP CE3 HE3  sing N N 346 
TRP CZ2 CH2  doub Y N 347 
TRP CZ2 HZ2  sing N N 348 
TRP CZ3 CH2  sing Y N 349 
TRP CZ3 HZ3  sing N N 350 
TRP CH2 HH2  sing N N 351 
TRP OXT HXT  sing N N 352 
TYR N   CA   sing N N 353 
TYR N   H    sing N N 354 
TYR N   H2   sing N N 355 
TYR CA  C    sing N N 356 
TYR CA  CB   sing N N 357 
TYR CA  HA   sing N N 358 
TYR C   O    doub N N 359 
TYR C   OXT  sing N N 360 
TYR CB  CG   sing N N 361 
TYR CB  HB2  sing N N 362 
TYR CB  HB3  sing N N 363 
TYR CG  CD1  doub Y N 364 
TYR CG  CD2  sing Y N 365 
TYR CD1 CE1  sing Y N 366 
TYR CD1 HD1  sing N N 367 
TYR CD2 CE2  doub Y N 368 
TYR CD2 HD2  sing N N 369 
TYR CE1 CZ   doub Y N 370 
TYR CE1 HE1  sing N N 371 
TYR CE2 CZ   sing Y N 372 
TYR CE2 HE2  sing N N 373 
TYR CZ  OH   sing N N 374 
TYR OH  HH   sing N N 375 
TYR OXT HXT  sing N N 376 
VAL N   CA   sing N N 377 
VAL N   H    sing N N 378 
VAL N   H2   sing N N 379 
VAL CA  C    sing N N 380 
VAL CA  CB   sing N N 381 
VAL CA  HA   sing N N 382 
VAL C   O    doub N N 383 
VAL C   OXT  sing N N 384 
VAL CB  CG1  sing N N 385 
VAL CB  CG2  sing N N 386 
VAL CB  HB   sing N N 387 
VAL CG1 HG11 sing N N 388 
VAL CG1 HG12 sing N N 389 
VAL CG1 HG13 sing N N 390 
VAL CG2 HG21 sing N N 391 
VAL CG2 HG22 sing N N 392 
VAL CG2 HG23 sing N N 393 
VAL OXT HXT  sing N N 394 
# 
_pdbx_nmr_spectrometer.field_strength    750 
_pdbx_nmr_spectrometer.manufacturer      Varian 
_pdbx_nmr_spectrometer.model             INOVA 
_pdbx_nmr_spectrometer.spectrometer_id   1 
_pdbx_nmr_spectrometer.type              'Varian INOVA' 
# 
_atom_sites.entry_id                    2RLT 
_atom_sites.fract_transf_matrix[1][1]   1.000000 
_atom_sites.fract_transf_matrix[1][2]   0.000000 
_atom_sites.fract_transf_matrix[1][3]   0.000000 
_atom_sites.fract_transf_matrix[2][1]   0.000000 
_atom_sites.fract_transf_matrix[2][2]   1.000000 
_atom_sites.fract_transf_matrix[2][3]   0.000000 
_atom_sites.fract_transf_matrix[3][1]   0.000000 
_atom_sites.fract_transf_matrix[3][2]   0.000000 
_atom_sites.fract_transf_matrix[3][3]   1.000000 
_atom_sites.fract_transf_vector[1]      0.00000 
_atom_sites.fract_transf_vector[2]      0.00000 
_atom_sites.fract_transf_vector[3]      0.00000 
# 
loop_
_atom_type.symbol 
C 
H 
N 
O 
P 
S 
# 
loop_
_atom_site.group_PDB 
_atom_site.id 
_atom_site.type_symbol 
_atom_site.label_atom_id 
_atom_site.label_alt_id 
_atom_site.label_comp_id 
_atom_site.label_asym_id 
_atom_site.label_entity_id 
_atom_site.label_seq_id 
_atom_site.pdbx_PDB_ins_code 
_atom_site.Cartn_x 
_atom_site.Cartn_y 
_atom_site.Cartn_z 
_atom_site.occupancy 
_atom_site.B_iso_or_equiv 
_atom_site.pdbx_formal_charge 
_atom_site.auth_seq_id 
_atom_site.auth_comp_id 
_atom_site.auth_asym_id 
_atom_site.auth_atom_id 
_atom_site.pdbx_PDB_model_num 
ATOM   1    N N    . GLY A 1 1  ? 25.494  4.460   9.067   1.00 12.31 ? 1  GLY A N    1 
ATOM   2    C CA   . GLY A 1 1  ? 26.181  5.607   9.727   1.00 12.11 ? 1  GLY A CA   1 
ATOM   3    C C    . GLY A 1 1  ? 25.608  5.805   11.132  1.00 11.42 ? 1  GLY A C    1 
ATOM   4    O O    . GLY A 1 1  ? 24.727  5.083   11.552  1.00 11.16 ? 1  GLY A O    1 
ATOM   5    H H1   . GLY A 1 1  ? 26.159  3.668   8.967   1.00 12.38 ? 1  GLY A H1   1 
ATOM   6    H H2   . GLY A 1 1  ? 25.158  4.753   8.127   1.00 12.35 ? 1  GLY A H2   1 
ATOM   7    H H3   . GLY A 1 1  ? 24.685  4.160   9.646   1.00 12.54 ? 1  GLY A H3   1 
ATOM   8    H HA2  . GLY A 1 1  ? 27.240  5.402   9.794   1.00 12.53 ? 1  GLY A HA2  1 
ATOM   9    H HA3  . GLY A 1 1  ? 26.023  6.503   9.147   1.00 12.21 ? 1  GLY A HA3  1 
ATOM   10   N N    . PRO A 1 2  ? 26.135  6.786   11.812  1.00 11.33 ? 2  PRO A N    1 
ATOM   11   C CA   . PRO A 1 2  ? 25.677  7.092   13.189  1.00 10.90 ? 2  PRO A CA   1 
ATOM   12   C C    . PRO A 1 2  ? 24.290  7.743   13.159  1.00 10.39 ? 2  PRO A C    1 
ATOM   13   O O    . PRO A 1 2  ? 24.135  8.909   13.463  1.00 10.50 ? 2  PRO A O    1 
ATOM   14   C CB   . PRO A 1 2  ? 26.726  8.071   13.706  1.00 11.26 ? 2  PRO A CB   1 
ATOM   15   C CG   . PRO A 1 2  ? 27.303  8.706   12.480  1.00 11.66 ? 2  PRO A CG   1 
ATOM   16   C CD   . PRO A 1 2  ? 27.199  7.694   11.368  1.00 11.83 ? 2  PRO A CD   1 
ATOM   17   H HA   . PRO A 1 2  ? 25.669  6.201   13.797  1.00 10.98 ? 2  PRO A HA   1 
ATOM   18   H HB2  . PRO A 1 2  ? 26.263  8.819   14.337  1.00 11.04 ? 2  PRO A HB2  1 
ATOM   19   H HB3  . PRO A 1 2  ? 27.497  7.547   14.248  1.00 11.64 ? 2  PRO A HB3  1 
ATOM   20   H HG2  . PRO A 1 2  ? 26.741  9.595   12.228  1.00 11.50 ? 2  PRO A HG2  1 
ATOM   21   H HG3  . PRO A 1 2  ? 28.339  8.957   12.647  1.00 12.19 ? 2  PRO A HG3  1 
ATOM   22   H HD2  . PRO A 1 2  ? 26.925  8.179   10.441  1.00 11.95 ? 2  PRO A HD2  1 
ATOM   23   H HD3  . PRO A 1 2  ? 28.126  7.155   11.257  1.00 12.36 ? 2  PRO A HD3  1 
ATOM   24   N N    . GLY A 1 3  ? 23.283  6.998   12.794  1.00 10.06 ? 3  GLY A N    1 
ATOM   25   C CA   . GLY A 1 3  ? 21.909  7.575   12.745  1.00 9.81  ? 3  GLY A CA   1 
ATOM   26   C C    . GLY A 1 3  ? 21.694  8.272   11.400  1.00 9.32  ? 3  GLY A C    1 
ATOM   27   O O    . GLY A 1 3  ? 21.148  7.703   10.477  1.00 9.45  ? 3  GLY A O    1 
ATOM   28   H H    . GLY A 1 3  ? 23.429  6.060   12.553  1.00 10.14 ? 3  GLY A H    1 
ATOM   29   H HA2  . GLY A 1 3  ? 21.183  6.784   12.863  1.00 10.07 ? 3  GLY A HA2  1 
ATOM   30   H HA3  . GLY A 1 3  ? 21.792  8.294   13.542  1.00 9.97  ? 3  GLY A HA3  1 
ATOM   31   N N    . GLY A 1 4  ? 22.122  9.499   11.283  1.00 8.99  ? 4  GLY A N    1 
ATOM   32   C CA   . GLY A 1 4  ? 21.941  10.230  9.997   1.00 8.76  ? 4  GLY A CA   1 
ATOM   33   C C    . GLY A 1 4  ? 22.569  9.426   8.858   1.00 7.98  ? 4  GLY A C    1 
ATOM   34   O O    . GLY A 1 4  ? 23.773  9.407   8.690   1.00 8.11  ? 4  GLY A O    1 
ATOM   35   H H    . GLY A 1 4  ? 22.560  9.940   12.039  1.00 9.08  ? 4  GLY A H    1 
ATOM   36   H HA2  . GLY A 1 4  ? 20.886  10.364  9.804   1.00 9.05  ? 4  GLY A HA2  1 
ATOM   37   H HA3  . GLY A 1 4  ? 22.421  11.195  10.060  1.00 9.11  ? 4  GLY A HA3  1 
ATOM   38   N N    . SER A 1 5  ? 21.766  8.761   8.073   1.00 7.40  ? 5  SER A N    1 
ATOM   39   C CA   . SER A 1 5  ? 22.319  7.958   6.946   1.00 6.85  ? 5  SER A CA   1 
ATOM   40   C C    . SER A 1 5  ? 22.150  8.715   5.625   1.00 6.18  ? 5  SER A C    1 
ATOM   41   O O    . SER A 1 5  ? 21.103  9.268   5.355   1.00 5.98  ? 5  SER A O    1 
ATOM   42   C CB   . SER A 1 5  ? 21.493  6.671   6.934   1.00 6.88  ? 5  SER A CB   1 
ATOM   43   O OG   . SER A 1 5  ? 20.122  6.991   7.123   1.00 7.08  ? 5  SER A OG   1 
ATOM   44   H H    . SER A 1 5  ? 20.798  8.790   8.227   1.00 7.51  ? 5  SER A H    1 
ATOM   45   H HA   . SER A 1 5  ? 23.358  7.728   7.121   1.00 7.25  ? 5  SER A HA   1 
ATOM   46   H HB2  . SER A 1 5  ? 21.614  6.172   5.988   1.00 7.03  ? 5  SER A HB2  1 
ATOM   47   H HB3  . SER A 1 5  ? 21.834  6.020   7.728   1.00 6.98  ? 5  SER A HB3  1 
ATOM   48   H HG   . SER A 1 5  ? 19.643  6.171   7.264   1.00 7.38  ? 5  SER A HG   1 
ATOM   49   N N    . PRO A 1 6  ? 23.197  8.713   4.845   1.00 6.22  ? 6  PRO A N    1 
ATOM   50   C CA   . PRO A 1 6  ? 23.172  9.409   3.535   1.00 5.97  ? 6  PRO A CA   1 
ATOM   51   C C    . PRO A 1 6  ? 22.325  8.625   2.527   1.00 5.38  ? 6  PRO A C    1 
ATOM   52   O O    . PRO A 1 6  ? 21.343  9.119   2.010   1.00 5.73  ? 6  PRO A O    1 
ATOM   53   C CB   . PRO A 1 6  ? 24.639  9.432   3.114   1.00 6.64  ? 6  PRO A CB   1 
ATOM   54   C CG   . PRO A 1 6  ? 25.269  8.281   3.833   1.00 7.02  ? 6  PRO A CG   1 
ATOM   55   C CD   . PRO A 1 6  ? 24.489  8.068   5.105   1.00 6.89  ? 6  PRO A CD   1 
ATOM   56   H HA   . PRO A 1 6  ? 22.802  10.416  3.644   1.00 6.16  ? 6  PRO A HA   1 
ATOM   57   H HB2  . PRO A 1 6  ? 24.722  9.302   2.043   1.00 6.60  ? 6  PRO A HB2  1 
ATOM   58   H HB3  . PRO A 1 6  ? 25.104  10.356  3.419   1.00 7.20  ? 6  PRO A HB3  1 
ATOM   59   H HG2  . PRO A 1 6  ? 25.224  7.394   3.216   1.00 6.91  ? 6  PRO A HG2  1 
ATOM   60   H HG3  . PRO A 1 6  ? 26.295  8.513   4.072   1.00 7.76  ? 6  PRO A HG3  1 
ATOM   61   H HD2  . PRO A 1 6  ? 24.357  7.011   5.293   1.00 6.97  ? 6  PRO A HD2  1 
ATOM   62   H HD3  . PRO A 1 6  ? 24.982  8.545   5.937   1.00 7.48  ? 6  PRO A HD3  1 
ATOM   63   N N    . GLY A 1 7  ? 22.699  7.407   2.245   1.00 4.87  ? 7  GLY A N    1 
ATOM   64   C CA   . GLY A 1 7  ? 21.914  6.595   1.272   1.00 4.71  ? 7  GLY A CA   1 
ATOM   65   C C    . GLY A 1 7  ? 21.458  5.296   1.940   1.00 4.07  ? 7  GLY A C    1 
ATOM   66   O O    . GLY A 1 7  ? 22.211  4.652   2.642   1.00 4.25  ? 7  GLY A O    1 
ATOM   67   H H    . GLY A 1 7  ? 23.494  7.026   2.673   1.00 4.92  ? 7  GLY A H    1 
ATOM   68   H HA2  . GLY A 1 7  ? 21.050  7.159   0.948   1.00 5.15  ? 7  GLY A HA2  1 
ATOM   69   H HA3  . GLY A 1 7  ? 22.531  6.359   0.419   1.00 5.06  ? 7  GLY A HA3  1 
ATOM   70   N N    . GLY A 1 8  ? 20.231  4.909   1.727   1.00 3.79  ? 8  GLY A N    1 
ATOM   71   C CA   . GLY A 1 8  ? 19.729  3.651   2.350   1.00 3.64  ? 8  GLY A CA   1 
ATOM   72   C C    . GLY A 1 8  ? 18.426  3.935   3.099   1.00 2.97  ? 8  GLY A C    1 
ATOM   73   O O    . GLY A 1 8  ? 18.220  3.469   4.203   1.00 3.26  ? 8  GLY A O    1 
ATOM   74   H H    . GLY A 1 8  ? 19.639  5.443   1.158   1.00 4.05  ? 8  GLY A H    1 
ATOM   75   H HA2  . GLY A 1 8  ? 19.551  2.915   1.579   1.00 4.15  ? 8  GLY A HA2  1 
ATOM   76   H HA3  . GLY A 1 8  ? 20.465  3.275   3.045   1.00 4.07  ? 8  GLY A HA3  1 
ATOM   77   N N    . LEU A 1 9  ? 17.544  4.694   2.509   1.00 2.80  ? 9  LEU A N    1 
ATOM   78   C CA   . LEU A 1 9  ? 16.254  5.004   3.189   1.00 2.94  ? 9  LEU A CA   1 
ATOM   79   C C    . LEU A 1 9  ? 15.249  3.874   2.952   1.00 2.41  ? 9  LEU A C    1 
ATOM   80   O O    . LEU A 1 9  ? 14.615  3.391   3.869   1.00 2.65  ? 9  LEU A O    1 
ATOM   81   C CB   . LEU A 1 9  ? 15.763  6.301   2.544   1.00 3.89  ? 9  LEU A CB   1 
ATOM   82   C CG   . LEU A 1 9  ? 16.713  7.448   2.899   1.00 4.85  ? 9  LEU A CG   1 
ATOM   83   C CD1  . LEU A 1 9  ? 17.089  7.366   4.380   1.00 5.49  ? 9  LEU A CD1  1 
ATOM   84   C CD2  . LEU A 1 9  ? 17.978  7.344   2.044   1.00 5.52  ? 9  LEU A CD2  1 
ATOM   85   H H    . LEU A 1 9  ? 17.729  5.059   1.619   1.00 3.15  ? 9  LEU A H    1 
ATOM   86   H HA   . LEU A 1 9  ? 16.410  5.153   4.246   1.00 3.42  ? 9  LEU A HA   1 
ATOM   87   H HB2  . LEU A 1 9  ? 15.732  6.179   1.471   1.00 4.09  ? 9  LEU A HB2  1 
ATOM   88   H HB3  . LEU A 1 9  ? 14.773  6.532   2.908   1.00 4.16  ? 9  LEU A HB3  1 
ATOM   89   H HG   . LEU A 1 9  ? 16.224  8.392   2.705   1.00 5.02  ? 9  LEU A HG   1 
ATOM   90   H HD11 . LEU A 1 9  ? 17.726  6.509   4.543   1.00 5.56  ? 9  LEU A HD11 1 
ATOM   91   H HD12 . LEU A 1 9  ? 16.193  7.268   4.975   1.00 5.90  ? 9  LEU A HD12 1 
ATOM   92   H HD13 . LEU A 1 9  ? 17.616  8.264   4.668   1.00 5.80  ? 9  LEU A HD13 1 
ATOM   93   H HD21 . LEU A 1 9  ? 17.746  6.843   1.117   1.00 5.79  ? 9  LEU A HD21 1 
ATOM   94   H HD22 . LEU A 1 9  ? 18.729  6.781   2.580   1.00 5.86  ? 9  LEU A HD22 1 
ATOM   95   H HD23 . LEU A 1 9  ? 18.353  8.335   1.835   1.00 5.78  ? 9  LEU A HD23 1 
ATOM   96   N N    . GLN A 1 10 ? 15.100  3.450   1.726   1.00 2.47  ? 10 GLN A N    1 
ATOM   97   C CA   . GLN A 1 10 ? 14.138  2.352   1.427   1.00 2.57  ? 10 GLN A CA   1 
ATOM   98   C C    . GLN A 1 10 ? 12.848  2.545   2.228   1.00 2.48  ? 10 GLN A C    1 
ATOM   99   O O    . GLN A 1 10 ? 12.378  1.643   2.893   1.00 2.96  ? 10 GLN A O    1 
ATOM   100  C CB   . GLN A 1 10 ? 14.850  1.070   1.857   1.00 2.89  ? 10 GLN A CB   1 
ATOM   101  C CG   . GLN A 1 10 ? 16.184  0.954   1.118   1.00 3.22  ? 10 GLN A CG   1 
ATOM   102  C CD   . GLN A 1 10 ? 16.185  -0.311  0.260   1.00 3.22  ? 10 GLN A CD   1 
ATOM   103  O OE1  . GLN A 1 10 ? 16.616  -0.289  -0.876  1.00 3.88  ? 10 GLN A OE1  1 
ATOM   104  N NE2  . GLN A 1 10 ? 15.714  -1.422  0.757   1.00 2.95  ? 10 GLN A NE2  1 
ATOM   105  H H    . GLN A 1 10 ? 15.623  3.855   1.003   1.00 2.95  ? 10 GLN A H    1 
ATOM   106  H HA   . GLN A 1 10 ? 13.923  2.319   0.371   1.00 2.99  ? 10 GLN A HA   1 
ATOM   107  H HB2  . GLN A 1 10 ? 15.028  1.098   2.923   1.00 3.14  ? 10 GLN A HB2  1 
ATOM   108  H HB3  . GLN A 1 10 ? 14.234  0.218   1.618   1.00 3.31  ? 10 GLN A HB3  1 
ATOM   109  H HG2  . GLN A 1 10 ? 16.321  1.820   0.486   1.00 3.75  ? 10 GLN A HG2  1 
ATOM   110  H HG3  . GLN A 1 10 ? 16.990  0.901   1.835   1.00 3.52  ? 10 GLN A HG3  1 
ATOM   111  H HE21 . GLN A 1 10 ? 15.366  -1.440  1.673   1.00 2.82  ? 10 GLN A HE21 1 
ATOM   112  H HE22 . GLN A 1 10 ? 15.709  -2.239  0.215   1.00 3.21  ? 10 GLN A HE22 1 
ATOM   113  N N    . LYS A 1 11 ? 12.274  3.714   2.173   1.00 2.32  ? 11 LYS A N    1 
ATOM   114  C CA   . LYS A 1 11 ? 11.016  3.964   2.933   1.00 2.27  ? 11 LYS A CA   1 
ATOM   115  C C    . LYS A 1 11 ? 9.945   4.550   2.009   1.00 2.18  ? 11 LYS A C    1 
ATOM   116  O O    . LYS A 1 11 ? 8.828   4.802   2.416   1.00 2.67  ? 11 LYS A O    1 
ATOM   117  C CB   . LYS A 1 11 ? 11.402  4.973   4.015   1.00 2.54  ? 11 LYS A CB   1 
ATOM   118  C CG   . LYS A 1 11 ? 11.910  6.256   3.357   1.00 2.82  ? 11 LYS A CG   1 
ATOM   119  C CD   . LYS A 1 11 ? 11.812  7.414   4.352   1.00 3.08  ? 11 LYS A CD   1 
ATOM   120  C CE   . LYS A 1 11 ? 13.112  7.508   5.155   1.00 3.90  ? 11 LYS A CE   1 
ATOM   121  N NZ   . LYS A 1 11 ? 13.184  8.927   5.601   1.00 4.18  ? 11 LYS A NZ   1 
ATOM   122  H H    . LYS A 1 11 ? 12.669  4.430   1.632   1.00 2.55  ? 11 LYS A H    1 
ATOM   123  H HA   . LYS A 1 11 ? 10.663  3.052   3.388   1.00 2.26  ? 11 LYS A HA   1 
ATOM   124  H HB2  . LYS A 1 11 ? 10.537  5.196   4.623   1.00 2.67  ? 11 LYS A HB2  1 
ATOM   125  H HB3  . LYS A 1 11 ? 12.182  4.555   4.635   1.00 2.96  ? 11 LYS A HB3  1 
ATOM   126  H HG2  . LYS A 1 11 ? 12.939  6.124   3.056   1.00 3.19  ? 11 LYS A HG2  1 
ATOM   127  H HG3  . LYS A 1 11 ? 11.308  6.479   2.489   1.00 3.10  ? 11 LYS A HG3  1 
ATOM   128  H HD2  . LYS A 1 11 ? 11.652  8.338   3.815   1.00 3.36  ? 11 LYS A HD2  1 
ATOM   129  H HD3  . LYS A 1 11 ? 10.986  7.240   5.026   1.00 2.97  ? 11 LYS A HD3  1 
ATOM   130  H HE2  . LYS A 1 11 ? 13.074  6.844   6.007   1.00 4.29  ? 11 LYS A HE2  1 
ATOM   131  H HE3  . LYS A 1 11 ? 13.959  7.274   4.529   1.00 4.33  ? 11 LYS A HE3  1 
ATOM   132  H HZ1  . LYS A 1 11 ? 13.291  9.546   4.773   1.00 4.26  ? 11 LYS A HZ1  1 
ATOM   133  H HZ2  . LYS A 1 11 ? 14.001  9.049   6.234   1.00 4.47  ? 11 LYS A HZ2  1 
ATOM   134  H HZ3  . LYS A 1 11 ? 12.311  9.176   6.107   1.00 4.47  ? 11 LYS A HZ3  1 
ATOM   135  N N    . ARG A 1 12 ? 10.278  4.771   0.767   1.00 2.11  ? 12 ARG A N    1 
ATOM   136  C CA   . ARG A 1 12 ? 9.281   5.341   -0.183  1.00 2.06  ? 12 ARG A CA   1 
ATOM   137  C C    . ARG A 1 12 ? 9.670   4.987   -1.620  1.00 1.98  ? 12 ARG A C    1 
ATOM   138  O O    . ARG A 1 12 ? 10.373  5.726   -2.281  1.00 2.20  ? 12 ARG A O    1 
ATOM   139  C CB   . ARG A 1 12 ? 9.347   6.853   0.032   1.00 2.38  ? 12 ARG A CB   1 
ATOM   140  C CG   . ARG A 1 12 ? 8.047   7.332   0.682   1.00 2.97  ? 12 ARG A CG   1 
ATOM   141  C CD   . ARG A 1 12 ? 7.773   8.780   0.270   1.00 3.38  ? 12 ARG A CD   1 
ATOM   142  N NE   . ARG A 1 12 ? 8.801   9.584   0.987   1.00 3.56  ? 12 ARG A NE   1 
ATOM   143  C CZ   . ARG A 1 12 ? 8.955   10.848  0.702   1.00 3.99  ? 12 ARG A CZ   1 
ATOM   144  N NH1  . ARG A 1 12 ? 8.982   11.237  -0.542  1.00 4.36  ? 12 ARG A NH1  1 
ATOM   145  N NH2  . ARG A 1 12 ? 9.082   11.722  1.663   1.00 4.39  ? 12 ARG A NH2  1 
ATOM   146  H H    . ARG A 1 12 ? 11.184  4.562   0.460   1.00 2.47  ? 12 ARG A H    1 
ATOM   147  H HA   . ARG A 1 12 ? 8.292   4.980   0.043   1.00 2.07  ? 12 ARG A HA   1 
ATOM   148  H HB2  . ARG A 1 12 ? 10.182  7.088   0.678   1.00 2.58  ? 12 ARG A HB2  1 
ATOM   149  H HB3  . ARG A 1 12 ? 9.475   7.348   -0.918  1.00 2.67  ? 12 ARG A HB3  1 
ATOM   150  H HG2  . ARG A 1 12 ? 7.231   6.703   0.358   1.00 3.32  ? 12 ARG A HG2  1 
ATOM   151  H HG3  . ARG A 1 12 ? 8.140   7.277   1.756   1.00 3.38  ? 12 ARG A HG3  1 
ATOM   152  H HD2  . ARG A 1 12 ? 7.882   8.892   -0.800  1.00 3.93  ? 12 ARG A HD2  1 
ATOM   153  H HD3  . ARG A 1 12 ? 6.785   9.079   0.582   1.00 3.52  ? 12 ARG A HD3  1 
ATOM   154  H HE   . ARG A 1 12 ? 9.362   9.163   1.672   1.00 3.71  ? 12 ARG A HE   1 
ATOM   155  H HH11 . ARG A 1 12 ? 8.885   10.566  -1.279  1.00 4.27  ? 12 ARG A HH11 1 
ATOM   156  H HH12 . ARG A 1 12 ? 9.101   12.206  -0.761  1.00 4.92  ? 12 ARG A HH12 1 
ATOM   157  H HH21 . ARG A 1 12 ? 9.060   11.424  2.617   1.00 4.40  ? 12 ARG A HH21 1 
ATOM   158  H HH22 . ARG A 1 12 ? 9.200   12.690  1.444   1.00 4.89  ? 12 ARG A HH22 1 
ATOM   159  N N    . HIS A 1 13 ? 9.228   3.859   -2.111  1.00 1.90  ? 13 HIS A N    1 
ATOM   160  C CA   . HIS A 1 13 ? 9.587   3.469   -3.502  1.00 1.93  ? 13 HIS A CA   1 
ATOM   161  C C    . HIS A 1 13 ? 8.694   4.181   -4.507  1.00 1.94  ? 13 HIS A C    1 
ATOM   162  O O    . HIS A 1 13 ? 8.645   3.824   -5.667  1.00 2.18  ? 13 HIS A O    1 
ATOM   163  C CB   . HIS A 1 13 ? 9.379   1.949   -3.557  1.00 1.98  ? 13 HIS A CB   1 
ATOM   164  C CG   . HIS A 1 13 ? 7.927   1.593   -3.757  1.00 1.90  ? 13 HIS A CG   1 
ATOM   165  N ND1  . HIS A 1 13 ? 6.903   2.529   -3.798  1.00 2.39  ? 13 HIS A ND1  1 
ATOM   166  C CD2  . HIS A 1 13 ? 7.325   0.379   -3.939  1.00 1.81  ? 13 HIS A CD2  1 
ATOM   167  C CE1  . HIS A 1 13 ? 5.753   1.863   -4.009  1.00 2.64  ? 13 HIS A CE1  1 
ATOM   168  N NE2  . HIS A 1 13 ? 5.953   0.548   -4.101  1.00 2.24  ? 13 HIS A NE2  1 
ATOM   169  H H    . HIS A 1 13 ? 8.667   3.269   -1.567  1.00 1.98  ? 13 HIS A H    1 
ATOM   170  H HA   . HIS A 1 13 ? 10.616  3.703   -3.697  1.00 2.10  ? 13 HIS A HA   1 
ATOM   171  H HB2  . HIS A 1 13 ? 9.953   1.543   -4.373  1.00 2.32  ? 13 HIS A HB2  1 
ATOM   172  H HB3  . HIS A 1 13 ? 9.722   1.510   -2.633  1.00 2.23  ? 13 HIS A HB3  1 
ATOM   173  H HD1  . HIS A 1 13 ? 6.991   3.491   -3.663  1.00 2.69  ? 13 HIS A HD1  1 
ATOM   174  H HD2  . HIS A 1 13 ? 7.841   -0.567  -3.941  1.00 1.77  ? 13 HIS A HD2  1 
ATOM   175  H HE1  . HIS A 1 13 ? 4.786   2.337   -4.092  1.00 3.24  ? 13 HIS A HE1  1 
ATOM   176  N N    . ALA A 1 14 ? 7.970   5.173   -4.072  1.00 1.98  ? 14 ALA A N    1 
ATOM   177  C CA   . ALA A 1 14 ? 7.065   5.884   -5.007  1.00 2.00  ? 14 ALA A CA   1 
ATOM   178  C C    . ALA A 1 14 ? 6.124   6.809   -4.244  1.00 2.01  ? 14 ALA A C    1 
ATOM   179  O O    . ALA A 1 14 ? 5.495   6.404   -3.286  1.00 2.01  ? 14 ALA A O    1 
ATOM   180  C CB   . ALA A 1 14 ? 6.245   4.770   -5.658  1.00 1.86  ? 14 ALA A CB   1 
ATOM   181  H H    . ALA A 1 14 ? 8.011   5.437   -3.129  1.00 2.19  ? 14 ALA A H    1 
ATOM   182  H HA   . ALA A 1 14 ? 7.622   6.423   -5.755  1.00 2.16  ? 14 ALA A HA   1 
ATOM   183  H HB1  . ALA A 1 14 ? 6.867   4.206   -6.333  1.00 2.14  ? 14 ALA A HB1  1 
ATOM   184  H HB2  . ALA A 1 14 ? 5.421   5.202   -6.202  1.00 2.19  ? 14 ALA A HB2  1 
ATOM   185  H HB3  . ALA A 1 14 ? 5.860   4.114   -4.889  1.00 1.91  ? 14 ALA A HB3  1 
ATOM   186  N N    . ARG A 1 15 ? 5.977   8.029   -4.675  1.00 2.16  ? 15 ARG A N    1 
ATOM   187  C CA   . ARG A 1 15 ? 5.019   8.918   -3.973  1.00 2.22  ? 15 ARG A CA   1 
ATOM   188  C C    . ARG A 1 15 ? 3.625   8.384   -4.284  1.00 2.25  ? 15 ARG A C    1 
ATOM   189  O O    . ARG A 1 15 ? 2.865   8.973   -5.026  1.00 2.47  ? 15 ARG A O    1 
ATOM   190  C CB   . ARG A 1 15 ? 5.227   10.307  -4.580  1.00 2.52  ? 15 ARG A CB   1 
ATOM   191  C CG   . ARG A 1 15 ? 4.387   11.330  -3.812  1.00 2.91  ? 15 ARG A CG   1 
ATOM   192  C CD   . ARG A 1 15 ? 4.087   12.528  -4.716  1.00 3.48  ? 15 ARG A CD   1 
ATOM   193  N NE   . ARG A 1 15 ? 5.166   13.511  -4.423  1.00 3.86  ? 15 ARG A NE   1 
ATOM   194  C CZ   . ARG A 1 15 ? 5.703   14.200  -5.392  1.00 4.39  ? 15 ARG A CZ   1 
ATOM   195  N NH1  . ARG A 1 15 ? 6.552   13.630  -6.204  1.00 4.91  ? 15 ARG A NH1  1 
ATOM   196  N NH2  . ARG A 1 15 ? 5.392   15.457  -5.550  1.00 4.74  ? 15 ARG A NH2  1 
ATOM   197  H H    . ARG A 1 15 ? 6.458   8.341   -5.470  1.00 2.30  ? 15 ARG A H    1 
ATOM   198  H HA   . ARG A 1 15 ? 5.206   8.928   -2.910  1.00 2.20  ? 15 ARG A HA   1 
ATOM   199  H HB2  . ARG A 1 15 ? 6.271   10.576  -4.514  1.00 2.89  ? 15 ARG A HB2  1 
ATOM   200  H HB3  . ARG A 1 15 ? 4.920   10.298  -5.614  1.00 2.66  ? 15 ARG A HB3  1 
ATOM   201  H HG2  . ARG A 1 15 ? 3.459   10.872  -3.499  1.00 3.14  ? 15 ARG A HG2  1 
ATOM   202  H HG3  . ARG A 1 15 ? 4.933   11.666  -2.944  1.00 3.24  ? 15 ARG A HG3  1 
ATOM   203  H HD2  . ARG A 1 15 ? 4.119   12.229  -5.755  1.00 3.71  ? 15 ARG A HD2  1 
ATOM   204  H HD3  . ARG A 1 15 ? 3.125   12.952  -4.474  1.00 3.91  ? 15 ARG A HD3  1 
ATOM   205  H HE   . ARG A 1 15 ? 5.473   13.641  -3.502  1.00 4.03  ? 15 ARG A HE   1 
ATOM   206  H HH11 . ARG A 1 15 ? 6.790   12.667  -6.083  1.00 4.89  ? 15 ARG A HH11 1 
ATOM   207  H HH12 . ARG A 1 15 ? 6.964   14.158  -6.948  1.00 5.52  ? 15 ARG A HH12 1 
ATOM   208  H HH21 . ARG A 1 15 ? 4.742   15.893  -4.928  1.00 4.64  ? 15 ARG A HH21 1 
ATOM   209  H HH22 . ARG A 1 15 ? 5.804   15.985  -6.294  1.00 5.31  ? 15 ARG A HH22 1 
ATOM   210  N N    . VAL A 1 16 ? 3.311   7.237   -3.746  1.00 2.20  ? 16 VAL A N    1 
ATOM   211  C CA   . VAL A 1 16 ? 1.997   6.611   -4.027  1.00 2.45  ? 16 VAL A CA   1 
ATOM   212  C C    . VAL A 1 16 ? 1.110   6.625   -2.792  1.00 2.18  ? 16 VAL A C    1 
ATOM   213  O O    . VAL A 1 16 ? 1.203   5.777   -1.928  1.00 2.33  ? 16 VAL A O    1 
ATOM   214  C CB   . VAL A 1 16 ? 2.323   5.174   -4.428  1.00 2.98  ? 16 VAL A CB   1 
ATOM   215  C CG1  . VAL A 1 16 ? 2.948   5.165   -5.821  1.00 3.49  ? 16 VAL A CG1  1 
ATOM   216  C CG2  . VAL A 1 16 ? 3.311   4.573   -3.426  1.00 2.93  ? 16 VAL A CG2  1 
ATOM   217  H H    . VAL A 1 16 ? 3.954   6.775   -3.177  1.00 2.12  ? 16 VAL A H    1 
ATOM   218  H HA   . VAL A 1 16 ? 1.509   7.114   -4.845  1.00 2.68  ? 16 VAL A HA   1 
ATOM   219  H HB   . VAL A 1 16 ? 1.415   4.589   -4.437  1.00 3.39  ? 16 VAL A HB   1 
ATOM   220  H HG11 . VAL A 1 16 ? 3.800   4.502   -5.824  1.00 3.67  ? 16 VAL A HG11 1 
ATOM   221  H HG12 . VAL A 1 16 ? 3.267   6.163   -6.080  1.00 3.96  ? 16 VAL A HG12 1 
ATOM   222  H HG13 . VAL A 1 16 ? 2.220   4.820   -6.540  1.00 3.69  ? 16 VAL A HG13 1 
ATOM   223  H HG21 . VAL A 1 16 ? 3.183   5.050   -2.465  1.00 3.07  ? 16 VAL A HG21 1 
ATOM   224  H HG22 . VAL A 1 16 ? 4.320   4.732   -3.776  1.00 3.12  ? 16 VAL A HG22 1 
ATOM   225  H HG23 . VAL A 1 16 ? 3.125   3.513   -3.330  1.00 3.27  ? 16 VAL A HG23 1 
HETATM 226  N N    . TPO A 1 17 ? 0.226   7.565   -2.741  1.00 1.96  ? 17 TPO A N    1 
HETATM 227  C CA   . TPO A 1 17 ? -0.705  7.660   -1.646  1.00 1.76  ? 17 TPO A CA   1 
HETATM 228  C CB   . TPO A 1 17 ? -0.359  9.027   -1.059  1.00 1.85  ? 17 TPO A CB   1 
HETATM 229  C CG2  . TPO A 1 17 ? -1.322  9.255   0.093   1.00 1.77  ? 17 TPO A CG2  1 
HETATM 230  O OG1  . TPO A 1 17 ? 1.002   8.897   -0.694  1.00 2.07  ? 17 TPO A OG1  1 
HETATM 231  P P    . TPO A 1 17 ? 1.788   10.221  -0.172  1.00 2.19  ? 17 TPO A P    1 
HETATM 232  O O1P  . TPO A 1 17 ? 2.740   10.657  -1.353  1.00 3.01  ? 17 TPO A O1P  1 
HETATM 233  O O2P  . TPO A 1 17 ? 2.623   9.810   1.127   1.00 2.45  ? 17 TPO A O2P  1 
HETATM 234  O O3P  . TPO A 1 17 ? 0.649   11.324  0.108   1.00 2.57  ? 17 TPO A O3P  1 
HETATM 235  C C    . TPO A 1 17 ? -2.085  7.701   -2.276  1.00 1.62  ? 17 TPO A C    1 
HETATM 236  O O    . TPO A 1 17 ? -2.351  8.320   -3.286  1.00 1.75  ? 17 TPO A O    1 
HETATM 237  H H    . TPO A 1 17 ? 0.163   8.199   -3.468  1.00 2.05  ? 17 TPO A H    1 
HETATM 238  H HA   . TPO A 1 17 ? -0.732  6.837   -0.940  1.00 1.72  ? 17 TPO A HA   1 
HETATM 239  H HB   . TPO A 1 17 ? -0.601  9.756   -1.824  1.00 1.92  ? 17 TPO A HB   1 
HETATM 240  H HG21 . TPO A 1 17 ? -0.945  10.043  0.728   1.00 1.99  ? 17 TPO A HG21 1 
HETATM 241  H HG22 . TPO A 1 17 ? -1.419  8.345   0.668   1.00 1.99  ? 17 TPO A HG22 1 
HETATM 242  H HG23 . TPO A 1 17 ? -2.289  9.538   -0.297  1.00 1.82  ? 17 TPO A HG23 1 
ATOM   243  N N    . VAL A 1 18 ? -2.898  6.958   -1.633  1.00 1.48  ? 18 VAL A N    1 
ATOM   244  C CA   . VAL A 1 18 ? -4.286  6.795   -2.092  1.00 1.39  ? 18 VAL A CA   1 
ATOM   245  C C    . VAL A 1 18 ? -5.076  8.085   -1.917  1.00 1.48  ? 18 VAL A C    1 
ATOM   246  O O    . VAL A 1 18 ? -5.028  8.722   -0.884  1.00 1.63  ? 18 VAL A O    1 
ATOM   247  C CB   . VAL A 1 18 ? -4.860  5.705   -1.193  1.00 1.29  ? 18 VAL A CB   1 
ATOM   248  C CG1  . VAL A 1 18 ? -5.343  4.557   -2.055  1.00 1.58  ? 18 VAL A CG1  1 
ATOM   249  C CG2  . VAL A 1 18 ? -3.807  5.174   -0.214  1.00 1.47  ? 18 VAL A CG2  1 
ATOM   250  H H    . VAL A 1 18 ? -2.584  6.474   -0.861  1.00 1.52  ? 18 VAL A H    1 
ATOM   251  H HA   . VAL A 1 18 ? -4.310  6.471   -3.119  1.00 1.47  ? 18 VAL A HA   1 
ATOM   252  H HB   . VAL A 1 18 ? -5.680  6.115   -0.638  1.00 1.36  ? 18 VAL A HB   1 
ATOM   253  H HG11 . VAL A 1 18 ? -5.357  3.653   -1.468  1.00 1.87  ? 18 VAL A HG11 1 
ATOM   254  H HG12 . VAL A 1 18 ? -4.678  4.434   -2.894  1.00 1.83  ? 18 VAL A HG12 1 
ATOM   255  H HG13 . VAL A 1 18 ? -6.334  4.768   -2.412  1.00 2.20  ? 18 VAL A HG13 1 
ATOM   256  H HG21 . VAL A 1 18 ? -4.247  4.403   0.399   1.00 1.97  ? 18 VAL A HG21 1 
ATOM   257  H HG22 . VAL A 1 18 ? -3.463  5.980   0.418   1.00 1.84  ? 18 VAL A HG22 1 
ATOM   258  H HG23 . VAL A 1 18 ? -2.975  4.764   -0.766  1.00 1.77  ? 18 VAL A HG23 1 
ATOM   259  N N    . LYS A 1 19 ? -5.835  8.456   -2.911  1.00 1.51  ? 19 LYS A N    1 
ATOM   260  C CA   . LYS A 1 19 ? -6.654  9.676   -2.786  1.00 1.68  ? 19 LYS A CA   1 
ATOM   261  C C    . LYS A 1 19 ? -8.053  9.252   -2.381  1.00 1.55  ? 19 LYS A C    1 
ATOM   262  O O    . LYS A 1 19 ? -9.004  9.373   -3.128  1.00 1.62  ? 19 LYS A O    1 
ATOM   263  C CB   . LYS A 1 19 ? -6.652  10.315  -4.175  1.00 1.95  ? 19 LYS A CB   1 
ATOM   264  C CG   . LYS A 1 19 ? -5.224  10.351  -4.720  1.00 2.48  ? 19 LYS A CG   1 
ATOM   265  C CD   . LYS A 1 19 ? -4.882  11.776  -5.162  1.00 2.87  ? 19 LYS A CD   1 
ATOM   266  C CE   . LYS A 1 19 ? -4.804  11.833  -6.689  1.00 3.39  ? 19 LYS A CE   1 
ATOM   267  N NZ   . LYS A 1 19 ? -4.784  13.285  -7.019  1.00 3.77  ? 19 LYS A NZ   1 
ATOM   268  H H    . LYS A 1 19 ? -5.887  7.917   -3.720  1.00 1.49  ? 19 LYS A H    1 
ATOM   269  H HA   . LYS A 1 19 ? -6.232  10.346  -2.059  1.00 1.85  ? 19 LYS A HA   1 
ATOM   270  H HB2  . LYS A 1 19 ? -7.277  9.734   -4.838  1.00 2.17  ? 19 LYS A HB2  1 
ATOM   271  H HB3  . LYS A 1 19 ? -7.036  11.322  -4.108  1.00 2.36  ? 19 LYS A HB3  1 
ATOM   272  H HG2  . LYS A 1 19 ? -4.536  10.038  -3.948  1.00 3.04  ? 19 LYS A HG2  1 
ATOM   273  H HG3  . LYS A 1 19 ? -5.144  9.686   -5.567  1.00 2.79  ? 19 LYS A HG3  1 
ATOM   274  H HD2  . LYS A 1 19 ? -5.647  12.454  -4.814  1.00 2.95  ? 19 LYS A HD2  1 
ATOM   275  H HD3  . LYS A 1 19 ? -3.928  12.064  -4.744  1.00 3.37  ? 19 LYS A HD3  1 
ATOM   276  H HE2  . LYS A 1 19 ? -3.899  11.352  -7.036  1.00 3.78  ? 19 LYS A HE2  1 
ATOM   277  H HE3  . LYS A 1 19 ? -5.672  11.366  -7.128  1.00 3.69  ? 19 LYS A HE3  1 
ATOM   278  H HZ1  . LYS A 1 19 ? -3.950  13.728  -6.585  1.00 4.11  ? 19 LYS A HZ1  1 
ATOM   279  H HZ2  . LYS A 1 19 ? -5.648  13.735  -6.653  1.00 4.00  ? 19 LYS A HZ2  1 
ATOM   280  H HZ3  . LYS A 1 19 ? -4.740  13.406  -8.051  1.00 3.97  ? 19 LYS A HZ3  1 
ATOM   281  N N    . TYR A 1 20 ? -8.178  8.759   -1.187  1.00 1.52  ? 20 TYR A N    1 
ATOM   282  C CA   . TYR A 1 20 ? -9.500  8.324   -0.690  1.00 1.53  ? 20 TYR A CA   1 
ATOM   283  C C    . TYR A 1 20 ? -9.702  8.907   0.694   1.00 1.72  ? 20 TYR A C    1 
ATOM   284  O O    . TYR A 1 20 ? -9.693  8.204   1.675   1.00 1.86  ? 20 TYR A O    1 
ATOM   285  C CB   . TYR A 1 20 ? -9.429  6.801   -0.613  1.00 1.50  ? 20 TYR A CB   1 
ATOM   286  C CG   . TYR A 1 20 ? -9.102  6.238   -1.972  1.00 1.26  ? 20 TYR A CG   1 
ATOM   287  C CD1  . TYR A 1 20 ? -7.827  6.419   -2.511  1.00 1.62  ? 20 TYR A CD1  1 
ATOM   288  C CD2  . TYR A 1 20 ? -10.071 5.532   -2.689  1.00 1.39  ? 20 TYR A CD2  1 
ATOM   289  C CE1  . TYR A 1 20 ? -7.519  5.893   -3.772  1.00 1.51  ? 20 TYR A CE1  1 
ATOM   290  C CE2  . TYR A 1 20 ? -9.765  5.007   -3.947  1.00 1.43  ? 20 TYR A CE2  1 
ATOM   291  C CZ   . TYR A 1 20 ? -8.488  5.186   -4.490  1.00 1.17  ? 20 TYR A CZ   1 
ATOM   292  O OH   . TYR A 1 20 ? -8.185  4.667   -5.732  1.00 1.31  ? 20 TYR A OH   1 
ATOM   293  H H    . TYR A 1 20 ? -7.390  8.682   -0.608  1.00 1.61  ? 20 TYR A H    1 
ATOM   294  H HA   . TYR A 1 20 ? -10.281 8.630   -1.364  1.00 1.52  ? 20 TYR A HA   1 
ATOM   295  H HB2  . TYR A 1 20 ? -8.661  6.512   0.090   1.00 1.63  ? 20 TYR A HB2  1 
ATOM   296  H HB3  . TYR A 1 20 ? -10.381 6.412   -0.285  1.00 1.65  ? 20 TYR A HB3  1 
ATOM   297  H HD1  . TYR A 1 20 ? -7.080  6.964   -1.957  1.00 2.24  ? 20 TYR A HD1  1 
ATOM   298  H HD2  . TYR A 1 20 ? -11.055 5.391   -2.271  1.00 1.86  ? 20 TYR A HD2  1 
ATOM   299  H HE1  . TYR A 1 20 ? -6.532  6.027   -4.183  1.00 2.02  ? 20 TYR A HE1  1 
ATOM   300  H HE2  . TYR A 1 20 ? -10.513 4.461   -4.498  1.00 2.00  ? 20 TYR A HE2  1 
ATOM   301  H HH   . TYR A 1 20 ? -8.929  4.836   -6.314  1.00 1.65  ? 20 TYR A HH   1 
ATOM   302  N N    . ASP A 1 21 ? -9.863  10.190  0.778   1.00 1.80  ? 21 ASP A N    1 
ATOM   303  C CA   . ASP A 1 21 ? -10.049 10.824  2.116   1.00 2.01  ? 21 ASP A CA   1 
ATOM   304  C C    . ASP A 1 21 ? -11.448 11.439  2.221   1.00 2.19  ? 21 ASP A C    1 
ATOM   305  O O    . ASP A 1 21 ? -11.699 12.295  3.045   1.00 2.40  ? 21 ASP A O    1 
ATOM   306  C CB   . ASP A 1 21 ? -8.978  11.913  2.190   1.00 2.23  ? 21 ASP A CB   1 
ATOM   307  C CG   . ASP A 1 21 ? -7.596  11.263  2.275   1.00 2.31  ? 21 ASP A CG   1 
ATOM   308  O OD1  . ASP A 1 21 ? -7.415  10.411  3.129   1.00 2.61  ? 21 ASP A OD1  1 
ATOM   309  O OD2  . ASP A 1 21 ? -6.742  11.629  1.484   1.00 2.74  ? 21 ASP A OD2  1 
ATOM   310  H H    . ASP A 1 21 ? -9.843  10.738  -0.036  1.00 1.76  ? 21 ASP A H    1 
ATOM   311  H HA   . ASP A 1 21 ? -9.891  10.097  2.900   1.00 1.96  ? 21 ASP A HA   1 
ATOM   312  H HB2  . ASP A 1 21 ? -9.033  12.532  1.305   1.00 2.46  ? 21 ASP A HB2  1 
ATOM   313  H HB3  . ASP A 1 21 ? -9.143  12.521  3.066   1.00 2.61  ? 21 ASP A HB3  1 
ATOM   314  N N    . ARG A 1 22 ? -12.359 11.010  1.391   1.00 2.21  ? 22 ARG A N    1 
ATOM   315  C CA   . ARG A 1 22 ? -13.739 11.573  1.445   1.00 2.48  ? 22 ARG A CA   1 
ATOM   316  C C    . ARG A 1 22 ? -14.757 10.527  0.984   1.00 2.25  ? 22 ARG A C    1 
ATOM   317  O O    . ARG A 1 22 ? -15.050 10.407  -0.189  1.00 2.83  ? 22 ARG A O    1 
ATOM   318  C CB   . ARG A 1 22 ? -13.718 12.762  0.484   1.00 3.06  ? 22 ARG A CB   1 
ATOM   319  C CG   . ARG A 1 22 ? -15.106 13.402  0.433   1.00 3.68  ? 22 ARG A CG   1 
ATOM   320  C CD   . ARG A 1 22 ? -14.971 14.924  0.514   1.00 4.35  ? 22 ARG A CD   1 
ATOM   321  N NE   . ARG A 1 22 ? -16.348 15.446  0.291   1.00 4.88  ? 22 ARG A NE   1 
ATOM   322  C CZ   . ARG A 1 22 ? -16.799 16.430  1.019   1.00 5.39  ? 22 ARG A CZ   1 
ATOM   323  N NH1  . ARG A 1 22 ? -17.309 16.191  2.196   1.00 5.82  ? 22 ARG A NH1  1 
ATOM   324  N NH2  . ARG A 1 22 ? -16.741 17.655  0.570   1.00 5.77  ? 22 ARG A NH2  1 
ATOM   325  H H    . ARG A 1 22 ? -12.137 10.319  0.732   1.00 2.13  ? 22 ARG A H    1 
ATOM   326  H HA   . ARG A 1 22 ? -13.970 11.910  2.443   1.00 2.79  ? 22 ARG A HA   1 
ATOM   327  H HB2  . ARG A 1 22 ? -12.997 13.490  0.828   1.00 3.38  ? 22 ARG A HB2  1 
ATOM   328  H HB3  . ARG A 1 22 ? -13.444 12.422  -0.503  1.00 3.27  ? 22 ARG A HB3  1 
ATOM   329  H HG2  . ARG A 1 22 ? -15.593 13.132  -0.493  1.00 3.73  ? 22 ARG A HG2  1 
ATOM   330  H HG3  . ARG A 1 22 ? -15.697 13.051  1.266   1.00 4.12  ? 22 ARG A HG3  1 
ATOM   331  H HD2  . ARG A 1 22 ? -14.608 15.217  1.490   1.00 4.81  ? 22 ARG A HD2  1 
ATOM   332  H HD3  . ARG A 1 22 ? -14.309 15.285  -0.259  1.00 4.41  ? 22 ARG A HD3  1 
ATOM   333  H HE   . ARG A 1 22 ? -16.916 15.050  -0.403  1.00 5.11  ? 22 ARG A HE   1 
ATOM   334  H HH11 . ARG A 1 22 ? -17.353 15.253  2.541   1.00 5.75  ? 22 ARG A HH11 1 
ATOM   335  H HH12 . ARG A 1 22 ? -17.654 16.945  2.754   1.00 6.38  ? 22 ARG A HH12 1 
ATOM   336  H HH21 . ARG A 1 22 ? -16.351 17.838  -0.333  1.00 5.68  ? 22 ARG A HH21 1 
ATOM   337  H HH22 . ARG A 1 22 ? -17.086 18.409  1.128   1.00 6.32  ? 22 ARG A HH22 1 
ATOM   338  N N    . ARG A 1 23 ? -15.300 9.771   1.898   1.00 2.07  ? 23 ARG A N    1 
ATOM   339  C CA   . ARG A 1 23 ? -16.300 8.735   1.511   1.00 2.34  ? 23 ARG A CA   1 
ATOM   340  C C    . ARG A 1 23 ? -16.874 8.059   2.760   1.00 2.19  ? 23 ARG A C    1 
ATOM   341  O O    . ARG A 1 23 ? -16.388 8.246   3.857   1.00 2.69  ? 23 ARG A O    1 
ATOM   342  C CB   . ARG A 1 23 ? -15.516 7.728   0.669   1.00 2.91  ? 23 ARG A CB   1 
ATOM   343  C CG   . ARG A 1 23 ? -16.488 6.870   -0.145  1.00 3.36  ? 23 ARG A CG   1 
ATOM   344  C CD   . ARG A 1 23 ? -17.349 7.773   -1.031  1.00 4.20  ? 23 ARG A CD   1 
ATOM   345  N NE   . ARG A 1 23 ? -16.383 8.692   -1.695  1.00 4.86  ? 23 ARG A NE   1 
ATOM   346  C CZ   . ARG A 1 23 ? -16.783 9.857   -2.129  1.00 5.46  ? 23 ARG A CZ   1 
ATOM   347  N NH1  . ARG A 1 23 ? -18.056 10.142  -2.156  1.00 5.90  ? 23 ARG A NH1  1 
ATOM   348  N NH2  . ARG A 1 23 ? -15.909 10.736  -2.537  1.00 5.86  ? 23 ARG A NH2  1 
ATOM   349  H H    . ARG A 1 23 ? -15.049 9.885   2.839   1.00 2.30  ? 23 ARG A H    1 
ATOM   350  H HA   . ARG A 1 23 ? -17.089 9.173   0.922   1.00 2.81  ? 23 ARG A HA   1 
ATOM   351  H HB2  . ARG A 1 23 ? -14.853 8.257   0.000   1.00 3.29  ? 23 ARG A HB2  1 
ATOM   352  H HB3  . ARG A 1 23 ? -14.938 7.091   1.321   1.00 3.33  ? 23 ARG A HB3  1 
ATOM   353  H HG2  . ARG A 1 23 ? -15.929 6.184   -0.764  1.00 3.42  ? 23 ARG A HG2  1 
ATOM   354  H HG3  . ARG A 1 23 ? -17.126 6.313   0.525   1.00 3.60  ? 23 ARG A HG3  1 
ATOM   355  H HD2  . ARG A 1 23 ? -17.876 7.182   -1.768  1.00 4.50  ? 23 ARG A HD2  1 
ATOM   356  H HD3  . ARG A 1 23 ? -18.045 8.337   -0.432  1.00 4.44  ? 23 ARG A HD3  1 
ATOM   357  H HE   . ARG A 1 23 ? -15.448 8.424   -1.805  1.00 5.08  ? 23 ARG A HE   1 
ATOM   358  H HH11 . ARG A 1 23 ? -18.727 9.468   -1.844  1.00 5.79  ? 23 ARG A HH11 1 
ATOM   359  H HH12 . ARG A 1 23 ? -18.362 11.034  -2.490  1.00 6.49  ? 23 ARG A HH12 1 
ATOM   360  H HH21 . ARG A 1 23 ? -14.933 10.517  -2.517  1.00 5.73  ? 23 ARG A HH21 1 
ATOM   361  H HH22 . ARG A 1 23 ? -16.215 11.628  -2.871  1.00 6.44  ? 23 ARG A HH22 1 
ATOM   362  N N    . GLU A 1 24 ? -17.904 7.273   2.600   1.00 2.16  ? 24 GLU A N    1 
ATOM   363  C CA   . GLU A 1 24 ? -18.508 6.585   3.777   1.00 2.31  ? 24 GLU A CA   1 
ATOM   364  C C    . GLU A 1 24 ? -17.651 5.384   4.188   1.00 2.11  ? 24 GLU A C    1 
ATOM   365  O O    . GLU A 1 24 ? -17.727 4.910   5.304   1.00 2.57  ? 24 GLU A O    1 
ATOM   366  C CB   . GLU A 1 24 ? -19.886 6.124   3.300   1.00 2.67  ? 24 GLU A CB   1 
ATOM   367  C CG   . GLU A 1 24 ? -20.963 7.032   3.894   1.00 3.19  ? 24 GLU A CG   1 
ATOM   368  C CD   . GLU A 1 24 ? -20.761 8.463   3.392   1.00 3.83  ? 24 GLU A CD   1 
ATOM   369  O OE1  . GLU A 1 24 ? -20.515 8.623   2.208   1.00 4.23  ? 24 GLU A OE1  1 
ATOM   370  O OE2  . GLU A 1 24 ? -20.854 9.372   4.199   1.00 4.32  ? 24 GLU A OE2  1 
ATOM   371  H H    . GLU A 1 24 ? -18.280 7.136   1.706   1.00 2.49  ? 24 GLU A H    1 
ATOM   372  H HA   . GLU A 1 24 ? -18.615 7.273   4.601   1.00 2.59  ? 24 GLU A HA   1 
ATOM   373  H HB2  . GLU A 1 24 ? -19.927 6.170   2.222   1.00 2.71  ? 24 GLU A HB2  1 
ATOM   374  H HB3  . GLU A 1 24 ? -20.056 5.107   3.624   1.00 3.07  ? 24 GLU A HB3  1 
ATOM   375  H HG2  . GLU A 1 24 ? -21.939 6.679   3.592   1.00 3.62  ? 24 GLU A HG2  1 
ATOM   376  H HG3  . GLU A 1 24 ? -20.893 7.018   4.972   1.00 3.21  ? 24 GLU A HG3  1 
ATOM   377  N N    . LEU A 1 25 ? -16.837 4.889   3.296   1.00 1.83  ? 25 LEU A N    1 
ATOM   378  C CA   . LEU A 1 25 ? -15.979 3.718   3.643   1.00 1.70  ? 25 LEU A CA   1 
ATOM   379  C C    . LEU A 1 25 ? -15.212 3.995   4.939   1.00 1.63  ? 25 LEU A C    1 
ATOM   380  O O    . LEU A 1 25 ? -15.409 5.005   5.584   1.00 2.16  ? 25 LEU A O    1 
ATOM   381  C CB   . LEU A 1 25 ? -15.014 3.570   2.463   1.00 1.64  ? 25 LEU A CB   1 
ATOM   382  C CG   . LEU A 1 25 ? -14.250 4.878   2.256   1.00 1.60  ? 25 LEU A CG   1 
ATOM   383  C CD1  . LEU A 1 25 ? -12.935 4.827   3.030   1.00 2.20  ? 25 LEU A CD1  1 
ATOM   384  C CD2  . LEU A 1 25 ? -13.953 5.063   0.766   1.00 1.74  ? 25 LEU A CD2  1 
ATOM   385  H H    . LEU A 1 25 ? -16.790 5.285   2.401   1.00 2.02  ? 25 LEU A H    1 
ATOM   386  H HA   . LEU A 1 25 ? -16.580 2.829   3.742   1.00 1.84  ? 25 LEU A HA   1 
ATOM   387  H HB2  . LEU A 1 25 ? -14.316 2.772   2.670   1.00 1.92  ? 25 LEU A HB2  1 
ATOM   388  H HB3  . LEU A 1 25 ? -15.573 3.335   1.570   1.00 1.83  ? 25 LEU A HB3  1 
ATOM   389  H HG   . LEU A 1 25 ? -14.847 5.705   2.612   1.00 2.04  ? 25 LEU A HG   1 
ATOM   390  H HD11 . LEU A 1 25 ? -13.141 4.784   4.089   1.00 2.60  ? 25 LEU A HD11 1 
ATOM   391  H HD12 . LEU A 1 25 ? -12.355 5.711   2.812   1.00 2.62  ? 25 LEU A HD12 1 
ATOM   392  H HD13 . LEU A 1 25 ? -12.377 3.949   2.736   1.00 2.62  ? 25 LEU A HD13 1 
ATOM   393  H HD21 . LEU A 1 25 ? -13.180 4.372   0.464   1.00 2.17  ? 25 LEU A HD21 1 
ATOM   394  H HD22 . LEU A 1 25 ? -13.619 6.074   0.588   1.00 2.30  ? 25 LEU A HD22 1 
ATOM   395  H HD23 . LEU A 1 25 ? -14.850 4.874   0.194   1.00 1.89  ? 25 LEU A HD23 1 
ATOM   396  N N    . GLN A 1 26 ? -14.341 3.104   5.330   1.00 1.51  ? 26 GLN A N    1 
ATOM   397  C CA   . GLN A 1 26 ? -13.569 3.321   6.589   1.00 1.62  ? 26 GLN A CA   1 
ATOM   398  C C    . GLN A 1 26 ? -12.086 3.008   6.370   1.00 1.51  ? 26 GLN A C    1 
ATOM   399  O O    . GLN A 1 26 ? -11.340 2.813   7.309   1.00 1.69  ? 26 GLN A O    1 
ATOM   400  C CB   . GLN A 1 26 ? -14.178 2.348   7.598   1.00 1.88  ? 26 GLN A CB   1 
ATOM   401  C CG   . GLN A 1 26 ? -15.439 2.964   8.207   1.00 2.24  ? 26 GLN A CG   1 
ATOM   402  C CD   . GLN A 1 26 ? -16.648 2.086   7.876   1.00 2.21  ? 26 GLN A CD   1 
ATOM   403  O OE1  . GLN A 1 26 ? -16.905 1.108   8.548   1.00 2.42  ? 26 GLN A OE1  1 
ATOM   404  N NE2  . GLN A 1 26 ? -17.406 2.397   6.860   1.00 2.48  ? 26 GLN A NE2  1 
ATOM   405  H H    . GLN A 1 26 ? -14.195 2.293   4.800   1.00 1.76  ? 26 GLN A H    1 
ATOM   406  H HA   . GLN A 1 26 ? -13.693 4.335   6.935   1.00 1.75  ? 26 GLN A HA   1 
ATOM   407  H HB2  . GLN A 1 26 ? -14.433 1.424   7.098   1.00 1.96  ? 26 GLN A HB2  1 
ATOM   408  H HB3  . GLN A 1 26 ? -13.463 2.148   8.382   1.00 2.30  ? 26 GLN A HB3  1 
ATOM   409  H HG2  . GLN A 1 26 ? -15.325 3.031   9.279   1.00 2.81  ? 26 GLN A HG2  1 
ATOM   410  H HG3  . GLN A 1 26 ? -15.591 3.951   7.797   1.00 2.51  ? 26 GLN A HG3  1 
ATOM   411  H HE21 . GLN A 1 26 ? -17.199 3.186   6.318   1.00 2.83  ? 26 GLN A HE21 1 
ATOM   412  H HE22 . GLN A 1 26 ? -18.182 1.841   6.640   1.00 2.60  ? 26 GLN A HE22 1 
ATOM   413  N N    . ARG A 1 27 ? -11.651 2.959   5.142   1.00 1.31  ? 27 ARG A N    1 
ATOM   414  C CA   . ARG A 1 27 ? -10.215 2.657   4.872   1.00 1.24  ? 27 ARG A CA   1 
ATOM   415  C C    . ARG A 1 27 ? -9.533  3.861   4.207   1.00 1.20  ? 27 ARG A C    1 
ATOM   416  O O    . ARG A 1 27 ? -8.483  3.737   3.610   1.00 1.19  ? 27 ARG A O    1 
ATOM   417  C CB   . ARG A 1 27 ? -10.225 1.451   3.926   1.00 1.12  ? 27 ARG A CB   1 
ATOM   418  C CG   . ARG A 1 27 ? -11.320 0.464   4.348   1.00 1.11  ? 27 ARG A CG   1 
ATOM   419  C CD   . ARG A 1 27 ? -11.272 0.261   5.865   1.00 1.65  ? 27 ARG A CD   1 
ATOM   420  N NE   . ARG A 1 27 ? -11.215 -1.215  6.053   1.00 2.17  ? 27 ARG A NE   1 
ATOM   421  C CZ   . ARG A 1 27 ? -11.402 -1.730  7.238   1.00 2.86  ? 27 ARG A CZ   1 
ATOM   422  N NH1  . ARG A 1 27 ? -12.583 -1.682  7.791   1.00 3.42  ? 27 ARG A NH1  1 
ATOM   423  N NH2  . ARG A 1 27 ? -10.408 -2.293  7.869   1.00 3.28  ? 27 ARG A NH2  1 
ATOM   424  H H    . ARG A 1 27 ? -12.267 3.118   4.397   1.00 1.29  ? 27 ARG A H    1 
ATOM   425  H HA   . ARG A 1 27 ? -9.708  2.399   5.789   1.00 1.38  ? 27 ARG A HA   1 
ATOM   426  H HB2  . ARG A 1 27 ? -10.416 1.787   2.918   1.00 1.17  ? 27 ARG A HB2  1 
ATOM   427  H HB3  . ARG A 1 27 ? -9.267  0.956   3.964   1.00 1.27  ? 27 ARG A HB3  1 
ATOM   428  H HG2  . ARG A 1 27 ? -12.287 0.855   4.065   1.00 1.22  ? 27 ARG A HG2  1 
ATOM   429  H HG3  . ARG A 1 27 ? -11.158 -0.484  3.855   1.00 1.23  ? 27 ARG A HG3  1 
ATOM   430  H HD2  . ARG A 1 27 ? -10.389 0.730   6.278   1.00 1.95  ? 27 ARG A HD2  1 
ATOM   431  H HD3  . ARG A 1 27 ? -12.162 0.659   6.326   1.00 2.05  ? 27 ARG A HD3  1 
ATOM   432  H HE   . ARG A 1 27 ? -11.038 -1.800  5.287   1.00 2.33  ? 27 ARG A HE   1 
ATOM   433  H HH11 . ARG A 1 27 ? -13.345 -1.252  7.308   1.00 3.40  ? 27 ARG A HH11 1 
ATOM   434  H HH12 . ARG A 1 27 ? -12.726 -2.077  8.698   1.00 4.05  ? 27 ARG A HH12 1 
ATOM   435  H HH21 . ARG A 1 27 ? -9.502  -2.329  7.445   1.00 3.17  ? 27 ARG A HH21 1 
ATOM   436  H HH22 . ARG A 1 27 ? -10.550 -2.687  8.776   1.00 3.89  ? 27 ARG A HH22 1 
ATOM   437  N N    . ARG A 1 28 ? -10.125 5.023   4.304   1.00 1.27  ? 28 ARG A N    1 
ATOM   438  C CA   . ARG A 1 28 ? -9.506  6.232   3.671   1.00 1.31  ? 28 ARG A CA   1 
ATOM   439  C C    . ARG A 1 28 ? -8.365  6.778   4.546   1.00 1.46  ? 28 ARG A C    1 
ATOM   440  O O    . ARG A 1 28 ? -7.227  6.900   4.107   1.00 1.52  ? 28 ARG A O    1 
ATOM   441  C CB   . ARG A 1 28 ? -10.639 7.258   3.540   1.00 1.43  ? 28 ARG A CB   1 
ATOM   442  C CG   . ARG A 1 28 ? -11.596 7.165   4.733   1.00 2.05  ? 28 ARG A CG   1 
ATOM   443  C CD   . ARG A 1 28 ? -12.068 8.568   5.119   1.00 2.33  ? 28 ARG A CD   1 
ATOM   444  N NE   . ARG A 1 28 ? -12.611 8.425   6.498   1.00 2.94  ? 28 ARG A NE   1 
ATOM   445  C CZ   . ARG A 1 28 ? -13.127 9.457   7.108   1.00 3.55  ? 28 ARG A CZ   1 
ATOM   446  N NH1  . ARG A 1 28 ? -12.856 10.664  6.690   1.00 3.83  ? 28 ARG A NH1  1 
ATOM   447  N NH2  . ARG A 1 28 ? -13.914 9.283   8.134   1.00 4.20  ? 28 ARG A NH2  1 
ATOM   448  H H    . ARG A 1 28 ? -10.972 5.098   4.788   1.00 1.34  ? 28 ARG A H    1 
ATOM   449  H HA   . ARG A 1 28 ? -9.132  5.982   2.691   1.00 1.23  ? 28 ARG A HA   1 
ATOM   450  H HB2  . ARG A 1 28 ? -10.214 8.249   3.499   1.00 1.70  ? 28 ARG A HB2  1 
ATOM   451  H HB3  . ARG A 1 28 ? -11.185 7.066   2.625   1.00 1.42  ? 28 ARG A HB3  1 
ATOM   452  H HG2  . ARG A 1 28 ? -12.449 6.561   4.463   1.00 2.43  ? 28 ARG A HG2  1 
ATOM   453  H HG3  . ARG A 1 28 ? -11.089 6.715   5.572   1.00 2.55  ? 28 ARG A HG3  1 
ATOM   454  H HD2  . ARG A 1 28 ? -11.236 9.259   5.109   1.00 2.56  ? 28 ARG A HD2  1 
ATOM   455  H HD3  . ARG A 1 28 ? -12.844 8.902   4.449   1.00 2.50  ? 28 ARG A HD3  1 
ATOM   456  H HE   . ARG A 1 28 ? -12.581 7.555   6.949   1.00 3.22  ? 28 ARG A HE   1 
ATOM   457  H HH11 . ARG A 1 28 ? -12.252 10.796  5.904   1.00 3.66  ? 28 ARG A HH11 1 
ATOM   458  H HH12 . ARG A 1 28 ? -13.251 11.454  7.156   1.00 4.44  ? 28 ARG A HH12 1 
ATOM   459  H HH21 . ARG A 1 28 ? -14.122 8.358   8.454   1.00 4.28  ? 28 ARG A HH21 1 
ATOM   460  H HH22 . ARG A 1 28 ? -14.310 10.075  8.601   1.00 4.78  ? 28 ARG A HH22 1 
ATOM   461  N N    . LEU A 1 29 ? -8.641  7.091   5.785   1.00 1.57  ? 29 LEU A N    1 
ATOM   462  C CA   . LEU A 1 29 ? -7.551  7.597   6.664   1.00 1.75  ? 29 LEU A CA   1 
ATOM   463  C C    . LEU A 1 29 ? -6.407  6.595   6.598   1.00 1.70  ? 29 LEU A C    1 
ATOM   464  O O    . LEU A 1 29 ? -5.251  6.945   6.452   1.00 1.77  ? 29 LEU A O    1 
ATOM   465  C CB   . LEU A 1 29 ? -8.153  7.650   8.070   1.00 1.91  ? 29 LEU A CB   1 
ATOM   466  C CG   . LEU A 1 29 ? -8.922  8.960   8.247   1.00 2.31  ? 29 LEU A CG   1 
ATOM   467  C CD1  . LEU A 1 29 ? -8.013  10.140  7.901   1.00 3.14  ? 29 LEU A CD1  1 
ATOM   468  C CD2  . LEU A 1 29 ? -10.137 8.965   7.317   1.00 2.50  ? 29 LEU A CD2  1 
ATOM   469  H H    . LEU A 1 29 ? -9.548  6.973   6.135   1.00 1.56  ? 29 LEU A H    1 
ATOM   470  H HA   . LEU A 1 29 ? -7.227  8.577   6.349   1.00 1.83  ? 29 LEU A HA   1 
ATOM   471  H HB2  . LEU A 1 29 ? -8.824  6.816   8.206   1.00 1.92  ? 29 LEU A HB2  1 
ATOM   472  H HB3  . LEU A 1 29 ? -7.360  7.599   8.802   1.00 2.00  ? 29 LEU A HB3  1 
ATOM   473  H HG   . LEU A 1 29 ? -9.252  9.048   9.272   1.00 2.66  ? 29 LEU A HG   1 
ATOM   474  H HD11 . LEU A 1 29 ? -6.980  9.844   8.016   1.00 3.61  ? 29 LEU A HD11 1 
ATOM   475  H HD12 . LEU A 1 29 ? -8.227  10.966  8.564   1.00 3.51  ? 29 LEU A HD12 1 
ATOM   476  H HD13 . LEU A 1 29 ? -8.188  10.443  6.880   1.00 3.49  ? 29 LEU A HD13 1 
ATOM   477  H HD21 . LEU A 1 29 ? -10.849 9.701   7.658   1.00 2.84  ? 29 LEU A HD21 1 
ATOM   478  H HD22 . LEU A 1 29 ? -10.598 7.988   7.322   1.00 2.78  ? 29 LEU A HD22 1 
ATOM   479  H HD23 . LEU A 1 29 ? -9.820  9.208   6.313   1.00 2.87  ? 29 LEU A HD23 1 
ATOM   480  N N    . ASP A 1 30 ? -6.742  5.339   6.662   1.00 1.60  ? 30 ASP A N    1 
ATOM   481  C CA   . ASP A 1 30 ? -5.713  4.278   6.559   1.00 1.58  ? 30 ASP A CA   1 
ATOM   482  C C    . ASP A 1 30 ? -5.171  4.265   5.132   1.00 1.43  ? 30 ASP A C    1 
ATOM   483  O O    . ASP A 1 30 ? -4.076  3.814   4.873   1.00 1.46  ? 30 ASP A O    1 
ATOM   484  C CB   . ASP A 1 30 ? -6.446  2.973   6.875   1.00 1.54  ? 30 ASP A CB   1 
ATOM   485  C CG   . ASP A 1 30 ? -5.562  2.092   7.761   1.00 1.88  ? 30 ASP A CG   1 
ATOM   486  O OD1  . ASP A 1 30 ? -4.390  1.959   7.447   1.00 2.43  ? 30 ASP A OD1  1 
ATOM   487  O OD2  . ASP A 1 30 ? -6.072  1.566   8.736   1.00 2.38  ? 30 ASP A OD2  1 
ATOM   488  H H    . ASP A 1 30 ? -7.687  5.093   6.747   1.00 1.57  ? 30 ASP A H    1 
ATOM   489  H HA   . ASP A 1 30 ? -4.918  4.445   7.270   1.00 1.73  ? 30 ASP A HA   1 
ATOM   490  H HB2  . ASP A 1 30 ? -7.368  3.195   7.393   1.00 1.65  ? 30 ASP A HB2  1 
ATOM   491  H HB3  . ASP A 1 30 ? -6.665  2.451   5.956   1.00 1.67  ? 30 ASP A HB3  1 
ATOM   492  N N    . VAL A 1 31 ? -5.943  4.757   4.197   1.00 1.32  ? 31 VAL A N    1 
ATOM   493  C CA   . VAL A 1 31 ? -5.485  4.765   2.781   1.00 1.22  ? 31 VAL A CA   1 
ATOM   494  C C    . VAL A 1 31 ? -4.139  5.490   2.680   1.00 1.34  ? 31 VAL A C    1 
ATOM   495  O O    . VAL A 1 31 ? -3.151  4.949   2.200   1.00 1.31  ? 31 VAL A O    1 
ATOM   496  C CB   . VAL A 1 31 ? -6.595  5.525   2.031   1.00 1.26  ? 31 VAL A CB   1 
ATOM   497  C CG1  . VAL A 1 31 ? -6.127  6.925   1.617   1.00 1.52  ? 31 VAL A CG1  1 
ATOM   498  C CG2  . VAL A 1 31 ? -6.990  4.751   0.781   1.00 1.37  ? 31 VAL A CG2  1 
ATOM   499  H H    . VAL A 1 31 ? -6.828  5.115   4.427   1.00 1.33  ? 31 VAL A H    1 
ATOM   500  H HA   . VAL A 1 31 ? -5.409  3.759   2.403   1.00 1.16  ? 31 VAL A HA   1 
ATOM   501  H HB   . VAL A 1 31 ? -7.455  5.616   2.675   1.00 1.52  ? 31 VAL A HB   1 
ATOM   502  H HG11 . VAL A 1 31 ? -5.122  6.872   1.227   1.00 1.91  ? 31 VAL A HG11 1 
ATOM   503  H HG12 . VAL A 1 31 ? -6.148  7.581   2.473   1.00 1.73  ? 31 VAL A HG12 1 
ATOM   504  H HG13 . VAL A 1 31 ? -6.787  7.311   0.854   1.00 2.07  ? 31 VAL A HG13 1 
ATOM   505  H HG21 . VAL A 1 31 ? -7.896  4.197   0.975   1.00 1.67  ? 31 VAL A HG21 1 
ATOM   506  H HG22 . VAL A 1 31 ? -6.197  4.068   0.514   1.00 1.83  ? 31 VAL A HG22 1 
ATOM   507  H HG23 . VAL A 1 31 ? -7.160  5.443   -0.030  1.00 1.78  ? 31 VAL A HG23 1 
ATOM   508  N N    . GLU A 1 32 ? -4.079  6.699   3.146   1.00 1.53  ? 32 GLU A N    1 
ATOM   509  C CA   . GLU A 1 32 ? -2.790  7.441   3.076   1.00 1.71  ? 32 GLU A CA   1 
ATOM   510  C C    . GLU A 1 32 ? -1.790  6.868   4.083   1.00 1.78  ? 32 GLU A C    1 
ATOM   511  O O    . GLU A 1 32 ? -0.600  6.804   3.828   1.00 1.84  ? 32 GLU A O    1 
ATOM   512  C CB   . GLU A 1 32 ? -3.149  8.886   3.416   1.00 1.89  ? 32 GLU A CB   1 
ATOM   513  C CG   . GLU A 1 32 ? -4.005  9.470   2.290   1.00 1.92  ? 32 GLU A CG   1 
ATOM   514  C CD   . GLU A 1 32 ? -4.242  10.959  2.546   1.00 2.07  ? 32 GLU A CD   1 
ATOM   515  O OE1  . GLU A 1 32 ? -4.568  11.302  3.671   1.00 2.39  ? 32 GLU A OE1  1 
ATOM   516  O OE2  . GLU A 1 32 ? -4.093  11.732  1.614   1.00 2.39  ? 32 GLU A OE2  1 
ATOM   517  H H    . GLU A 1 32 ? -4.880  7.116   3.548   1.00 1.57  ? 32 GLU A H    1 
ATOM   518  H HA   . GLU A 1 32 ? -2.384  7.391   2.076   1.00 1.71  ? 32 GLU A HA   1 
ATOM   519  H HB2  . GLU A 1 32 ? -3.704  8.910   4.343   1.00 2.01  ? 32 GLU A HB2  1 
ATOM   520  H HB3  . GLU A 1 32 ? -2.246  9.468   3.519   1.00 2.00  ? 32 GLU A HB3  1 
ATOM   521  H HG2  . GLU A 1 32 ? -3.494  9.341   1.346   1.00 1.89  ? 32 GLU A HG2  1 
ATOM   522  H HG3  . GLU A 1 32 ? -4.954  8.956   2.255   1.00 1.97  ? 32 GLU A HG3  1 
ATOM   523  N N    . LYS A 1 33 ? -2.261  6.454   5.228   1.00 1.81  ? 33 LYS A N    1 
ATOM   524  C CA   . LYS A 1 33 ? -1.339  5.894   6.258   1.00 1.93  ? 33 LYS A CA   1 
ATOM   525  C C    . LYS A 1 33 ? -0.884  4.473   5.896   1.00 1.80  ? 33 LYS A C    1 
ATOM   526  O O    . LYS A 1 33 ? 0.228   4.082   6.193   1.00 1.86  ? 33 LYS A O    1 
ATOM   527  C CB   . LYS A 1 33 ? -2.160  5.875   7.547   1.00 2.03  ? 33 LYS A CB   1 
ATOM   528  C CG   . LYS A 1 33 ? -1.326  6.449   8.695   1.00 2.36  ? 33 LYS A CG   1 
ATOM   529  C CD   . LYS A 1 33 ? -1.925  6.010   10.032  1.00 2.79  ? 33 LYS A CD   1 
ATOM   530  C CE   . LYS A 1 33 ? -1.086  6.579   11.179  1.00 3.30  ? 33 LYS A CE   1 
ATOM   531  N NZ   . LYS A 1 33 ? -1.021  5.485   12.188  1.00 3.89  ? 33 LYS A NZ   1 
ATOM   532  H H    . LYS A 1 33 ? -3.223  6.517   5.414   1.00 1.78  ? 33 LYS A H    1 
ATOM   533  H HA   . LYS A 1 33 ? -0.484  6.539   6.383   1.00 2.09  ? 33 LYS A HA   1 
ATOM   534  H HB2  . LYS A 1 33 ? -3.050  6.473   7.415   1.00 2.13  ? 33 LYS A HB2  1 
ATOM   535  H HB3  . LYS A 1 33 ? -2.439  4.859   7.782   1.00 2.01  ? 33 LYS A HB3  1 
ATOM   536  H HG2  . LYS A 1 33 ? -0.311  6.086   8.617   1.00 2.63  ? 33 LYS A HG2  1 
ATOM   537  H HG3  . LYS A 1 33 ? -1.328  7.527   8.638   1.00 2.71  ? 33 LYS A HG3  1 
ATOM   538  H HD2  . LYS A 1 33 ? -2.939  6.376   10.110  1.00 2.99  ? 33 LYS A HD2  1 
ATOM   539  H HD3  . LYS A 1 33 ? -1.925  4.932   10.090  1.00 3.25  ? 33 LYS A HD3  1 
ATOM   540  H HE2  . LYS A 1 33 ? -0.093  6.830   10.828  1.00 3.65  ? 33 LYS A HE2  1 
ATOM   541  H HE3  . LYS A 1 33 ? -1.567  7.446   11.604  1.00 3.52  ? 33 LYS A HE3  1 
ATOM   542  H HZ1  . LYS A 1 33 ? -1.953  5.031   12.268  1.00 4.35  ? 33 LYS A HZ1  1 
ATOM   543  H HZ2  . LYS A 1 33 ? -0.746  5.881   13.110  1.00 4.21  ? 33 LYS A HZ2  1 
ATOM   544  H HZ3  . LYS A 1 33 ? -0.319  4.778   11.890  1.00 4.03  ? 33 LYS A HZ3  1 
ATOM   545  N N    . TRP A 1 34 ? -1.726  3.687   5.276   1.00 1.65  ? 34 TRP A N    1 
ATOM   546  C CA   . TRP A 1 34 ? -1.310  2.296   4.935   1.00 1.56  ? 34 TRP A CA   1 
ATOM   547  C C    . TRP A 1 34 ? -0.257  2.284   3.825   1.00 1.47  ? 34 TRP A C    1 
ATOM   548  O O    . TRP A 1 34 ? 0.757   1.625   3.934   1.00 1.49  ? 34 TRP A O    1 
ATOM   549  C CB   . TRP A 1 34 ? -2.578  1.583   4.451   1.00 1.47  ? 34 TRP A CB   1 
ATOM   550  C CG   . TRP A 1 34 ? -2.635  1.630   2.977   1.00 1.26  ? 34 TRP A CG   1 
ATOM   551  C CD1  . TRP A 1 34 ? -3.366  2.505   2.259   1.00 1.27  ? 34 TRP A CD1  1 
ATOM   552  C CD2  . TRP A 1 34 ? -1.945  0.788   2.024   1.00 1.09  ? 34 TRP A CD2  1 
ATOM   553  N NE1  . TRP A 1 34 ? -3.156  2.265   0.924   1.00 1.12  ? 34 TRP A NE1  1 
ATOM   554  C CE2  . TRP A 1 34 ? -2.298  1.208   0.735   1.00 0.97  ? 34 TRP A CE2  1 
ATOM   555  C CE3  . TRP A 1 34 ? -1.053  -0.293  2.146   1.00 1.09  ? 34 TRP A CE3  1 
ATOM   556  C CZ2  . TRP A 1 34 ? -1.798  0.591   -0.381  1.00 0.84  ? 34 TRP A CZ2  1 
ATOM   557  C CZ3  . TRP A 1 34 ? -0.545  -0.921  1.000   1.00 0.95  ? 34 TRP A CZ3  1 
ATOM   558  C CH2  . TRP A 1 34 ? -0.925  -0.476  -0.265  1.00 0.81  ? 34 TRP A CH2  1 
ATOM   559  H H    . TRP A 1 34 ? -2.627  4.002   5.049   1.00 1.62  ? 34 TRP A H    1 
ATOM   560  H HA   . TRP A 1 34 ? -0.929  1.797   5.812   1.00 1.66  ? 34 TRP A HA   1 
ATOM   561  H HB2  . TRP A 1 34 ? -2.555  0.554   4.761   1.00 1.50  ? 34 TRP A HB2  1 
ATOM   562  H HB3  . TRP A 1 34 ? -3.448  2.064   4.854   1.00 1.59  ? 34 TRP A HB3  1 
ATOM   563  H HD1  . TRP A 1 34 ? -3.994  3.273   2.662   1.00 1.41  ? 34 TRP A HD1  1 
ATOM   564  H HE1  . TRP A 1 34 ? -3.559  2.770   0.185   1.00 1.15  ? 34 TRP A HE1  1 
ATOM   565  H HE3  . TRP A 1 34 ? -0.752  -0.636  3.120   1.00 1.25  ? 34 TRP A HE3  1 
ATOM   566  H HZ2  . TRP A 1 34 ? -2.096  0.927   -1.324  1.00 0.84  ? 34 TRP A HZ2  1 
ATOM   567  H HZ3  . TRP A 1 34 ? 0.127   -1.756  1.098   1.00 1.01  ? 34 TRP A HZ3  1 
ATOM   568  H HH2  . TRP A 1 34 ? -0.538  -0.950  -1.155  1.00 0.76  ? 34 TRP A HH2  1 
ATOM   569  N N    . ILE A 1 35 ? -0.494  2.973   2.740   1.00 1.39  ? 35 ILE A N    1 
ATOM   570  C CA   . ILE A 1 35 ? 0.503   2.934   1.632   1.00 1.34  ? 35 ILE A CA   1 
ATOM   571  C C    . ILE A 1 35 ? 1.777   3.699   2.002   1.00 1.53  ? 35 ILE A C    1 
ATOM   572  O O    . ILE A 1 35 ? 2.875   3.213   1.801   1.00 1.56  ? 35 ILE A O    1 
ATOM   573  C CB   . ILE A 1 35 ? -0.208  3.554   0.432   1.00 1.27  ? 35 ILE A CB   1 
ATOM   574  C CG1  . ILE A 1 35 ? 0.206   2.803   -0.834  1.00 1.33  ? 35 ILE A CG1  1 
ATOM   575  C CG2  . ILE A 1 35 ? 0.166   5.026   0.298   1.00 1.51  ? 35 ILE A CG2  1 
ATOM   576  C CD1  . ILE A 1 35 ? 1.616   3.226   -1.246  1.00 1.65  ? 35 ILE A CD1  1 
ATOM   577  H H    . ILE A 1 35 ? -1.329  3.488   2.642   1.00 1.39  ? 35 ILE A H    1 
ATOM   578  H HA   . ILE A 1 35 ? 0.751   1.908   1.407   1.00 1.23  ? 35 ILE A HA   1 
ATOM   579  H HB   . ILE A 1 35 ? -1.276  3.468   0.566   1.00 1.24  ? 35 ILE A HB   1 
ATOM   580  H HG12 . ILE A 1 35 ? 0.192   1.740   -0.642  1.00 1.86  ? 35 ILE A HG12 1 
ATOM   581  H HG13 . ILE A 1 35 ? -0.483  3.033   -1.630  1.00 1.78  ? 35 ILE A HG13 1 
ATOM   582  H HG21 . ILE A 1 35 ? -0.277  5.423   -0.599  1.00 1.80  ? 35 ILE A HG21 1 
ATOM   583  H HG22 . ILE A 1 35 ? 1.241   5.121   0.242   1.00 1.83  ? 35 ILE A HG22 1 
ATOM   584  H HG23 . ILE A 1 35 ? -0.200  5.572   1.154   1.00 2.01  ? 35 ILE A HG23 1 
ATOM   585  H HD11 . ILE A 1 35 ? 2.028   3.886   -0.497  1.00 2.16  ? 35 ILE A HD11 1 
ATOM   586  H HD12 . ILE A 1 35 ? 1.574   3.739   -2.195  1.00 1.96  ? 35 ILE A HD12 1 
ATOM   587  H HD13 . ILE A 1 35 ? 2.243   2.351   -1.338  1.00 2.28  ? 35 ILE A HD13 1 
ATOM   588  N N    . ASP A 1 36 ? 1.659   4.880   2.543   1.00 1.68  ? 36 ASP A N    1 
ATOM   589  C CA   . ASP A 1 36 ? 2.890   5.632   2.916   1.00 1.89  ? 36 ASP A CA   1 
ATOM   590  C C    . ASP A 1 36 ? 3.739   4.783   3.867   1.00 1.95  ? 36 ASP A C    1 
ATOM   591  O O    . ASP A 1 36 ? 4.949   4.682   3.731   1.00 2.04  ? 36 ASP A O    1 
ATOM   592  C CB   . ASP A 1 36 ? 2.389   6.893   3.619   1.00 2.05  ? 36 ASP A CB   1 
ATOM   593  C CG   . ASP A 1 36 ? 3.573   7.810   3.930   1.00 2.39  ? 36 ASP A CG   1 
ATOM   594  O OD1  . ASP A 1 36 ? 4.632   7.291   4.245   1.00 2.63  ? 36 ASP A OD1  1 
ATOM   595  O OD2  . ASP A 1 36 ? 3.402   9.015   3.848   1.00 2.86  ? 36 ASP A OD2  1 
ATOM   596  H H    . ASP A 1 36 ? 0.771   5.267   2.710   1.00 1.68  ? 36 ASP A H    1 
ATOM   597  H HA   . ASP A 1 36 ? 3.455   5.896   2.035   1.00 1.89  ? 36 ASP A HA   1 
ATOM   598  H HB2  . ASP A 1 36 ? 1.691   7.410   2.976   1.00 1.96  ? 36 ASP A HB2  1 
ATOM   599  H HB3  . ASP A 1 36 ? 1.896   6.621   4.540   1.00 2.08  ? 36 ASP A HB3  1 
ATOM   600  N N    . GLY A 1 37 ? 3.110   4.155   4.820   1.00 1.92  ? 37 GLY A N    1 
ATOM   601  C CA   . GLY A 1 37 ? 3.866   3.303   5.777   1.00 2.02  ? 37 GLY A CA   1 
ATOM   602  C C    . GLY A 1 37 ? 4.344   2.053   5.049   1.00 1.88  ? 37 GLY A C    1 
ATOM   603  O O    . GLY A 1 37 ? 5.287   1.402   5.456   1.00 1.97  ? 37 GLY A O    1 
ATOM   604  H H    . GLY A 1 37 ? 2.135   4.233   4.895   1.00 1.86  ? 37 GLY A H    1 
ATOM   605  H HA2  . GLY A 1 37 ? 4.715   3.853   6.156   1.00 2.18  ? 37 GLY A HA2  1 
ATOM   606  H HA3  . GLY A 1 37 ? 3.222   3.017   6.595   1.00 2.05  ? 37 GLY A HA3  1 
ATOM   607  N N    . ARG A 1 38 ? 3.703   1.718   3.966   1.00 1.67  ? 38 ARG A N    1 
ATOM   608  C CA   . ARG A 1 38 ? 4.122   0.517   3.205   1.00 1.55  ? 38 ARG A CA   1 
ATOM   609  C C    . ARG A 1 38 ? 5.510   0.746   2.616   1.00 1.60  ? 38 ARG A C    1 
ATOM   610  O O    . ARG A 1 38 ? 6.474   0.140   3.040   1.00 1.71  ? 38 ARG A O    1 
ATOM   611  C CB   . ARG A 1 38 ? 3.073   0.354   2.110   1.00 1.36  ? 38 ARG A CB   1 
ATOM   612  C CG   . ARG A 1 38 ? 2.486   -1.057  2.178   1.00 1.45  ? 38 ARG A CG   1 
ATOM   613  C CD   . ARG A 1 38 ? 1.698   -1.227  3.479   1.00 1.40  ? 38 ARG A CD   1 
ATOM   614  N NE   . ARG A 1 38 ? 2.660   -1.841  4.436   1.00 1.51  ? 38 ARG A NE   1 
ATOM   615  C CZ   . ARG A 1 38 ? 2.645   -1.487  5.693   1.00 1.75  ? 38 ARG A CZ   1 
ATOM   616  N NH1  . ARG A 1 38 ? 1.603   -1.750  6.432   1.00 1.96  ? 38 ARG A NH1  1 
ATOM   617  N NH2  . ARG A 1 38 ? 3.673   -0.871  6.210   1.00 2.34  ? 38 ARG A NH2  1 
ATOM   618  H H    . ARG A 1 38 ? 2.951   2.261   3.651   1.00 1.61  ? 38 ARG A H    1 
ATOM   619  H HA   . ARG A 1 38 ? 4.127   -0.347  3.846   1.00 1.59  ? 38 ARG A HA   1 
ATOM   620  H HB2  . ARG A 1 38 ? 2.287   1.080   2.252   1.00 1.35  ? 38 ARG A HB2  1 
ATOM   621  H HB3  . ARG A 1 38 ? 3.533   0.504   1.147   1.00 1.48  ? 38 ARG A HB3  1 
ATOM   622  H HG2  . ARG A 1 38 ? 1.829   -1.212  1.336   1.00 1.92  ? 38 ARG A HG2  1 
ATOM   623  H HG3  . ARG A 1 38 ? 3.286   -1.782  2.148   1.00 1.85  ? 38 ARG A HG3  1 
ATOM   624  H HD2  . ARG A 1 38 ? 1.363   -0.267  3.843   1.00 1.77  ? 38 ARG A HD2  1 
ATOM   625  H HD3  . ARG A 1 38 ? 0.857   -1.886  3.328   1.00 1.74  ? 38 ARG A HD3  1 
ATOM   626  H HE   . ARG A 1 38 ? 3.304   -2.509  4.122   1.00 1.93  ? 38 ARG A HE   1 
ATOM   627  H HH11 . ARG A 1 38 ? 0.816   -2.223  6.036   1.00 2.04  ? 38 ARG A HH11 1 
ATOM   628  H HH12 . ARG A 1 38 ? 1.591   -1.480  7.395   1.00 2.39  ? 38 ARG A HH12 1 
ATOM   629  H HH21 . ARG A 1 38 ? 4.471   -0.669  5.643   1.00 2.62  ? 38 ARG A HH21 1 
ATOM   630  H HH22 . ARG A 1 38 ? 3.661   -0.599  7.172   1.00 2.76  ? 38 ARG A HH22 1 
ATOM   631  N N    . LEU A 1 39 ? 5.638   1.622   1.656   1.00 1.58  ? 39 LEU A N    1 
ATOM   632  C CA   . LEU A 1 39 ? 6.986   1.867   1.092   1.00 1.66  ? 39 LEU A CA   1 
ATOM   633  C C    . LEU A 1 39 ? 7.948   2.187   2.229   1.00 1.85  ? 39 LEU A C    1 
ATOM   634  O O    . LEU A 1 39 ? 9.133   1.932   2.143   1.00 1.92  ? 39 LEU A O    1 
ATOM   635  C CB   . LEU A 1 39 ? 6.817   3.056   0.155   1.00 1.68  ? 39 LEU A CB   1 
ATOM   636  C CG   . LEU A 1 39 ? 6.015   2.633   -1.080  1.00 1.52  ? 39 LEU A CG   1 
ATOM   637  C CD1  . LEU A 1 39 ? 6.220   1.139   -1.355  1.00 1.44  ? 39 LEU A CD1  1 
ATOM   638  C CD2  . LEU A 1 39 ? 4.530   2.902   -0.841  1.00 1.48  ? 39 LEU A CD2  1 
ATOM   639  H H    . LEU A 1 39 ? 4.861   2.121   1.319   1.00 1.53  ? 39 LEU A H    1 
ATOM   640  H HA   . LEU A 1 39 ? 7.330   1.003   0.545   1.00 1.60  ? 39 LEU A HA   1 
ATOM   641  H HB2  . LEU A 1 39 ? 6.295   3.850   0.669   1.00 1.73  ? 39 LEU A HB2  1 
ATOM   642  H HB3  . LEU A 1 39 ? 7.788   3.407   -0.154  1.00 1.78  ? 39 LEU A HB3  1 
ATOM   643  H HG   . LEU A 1 39 ? 6.349   3.203   -1.933  1.00 1.55  ? 39 LEU A HG   1 
ATOM   644  H HD11 . LEU A 1 39 ? 7.229   0.968   -1.695  1.00 1.55  ? 39 LEU A HD11 1 
ATOM   645  H HD12 . LEU A 1 39 ? 5.523   0.813   -2.108  1.00 1.98  ? 39 LEU A HD12 1 
ATOM   646  H HD13 . LEU A 1 39 ? 6.048   0.578   -0.450  1.00 1.70  ? 39 LEU A HD13 1 
ATOM   647  H HD21 . LEU A 1 39 ? 4.096   2.072   -0.303  1.00 1.57  ? 39 LEU A HD21 1 
ATOM   648  H HD22 . LEU A 1 39 ? 4.028   3.014   -1.790  1.00 1.90  ? 39 LEU A HD22 1 
ATOM   649  H HD23 . LEU A 1 39 ? 4.416   3.805   -0.263  1.00 1.83  ? 39 LEU A HD23 1 
ATOM   650  N N    . GLU A 1 40 ? 7.447   2.719   3.311   1.00 1.94  ? 40 GLU A N    1 
ATOM   651  C CA   . GLU A 1 40 ? 8.346   3.017   4.457   1.00 2.13  ? 40 GLU A CA   1 
ATOM   652  C C    . GLU A 1 40 ? 8.954   1.706   4.959   1.00 2.13  ? 40 GLU A C    1 
ATOM   653  O O    . GLU A 1 40 ? 10.094  1.651   5.378   1.00 2.25  ? 40 GLU A O    1 
ATOM   654  C CB   . GLU A 1 40 ? 7.444   3.640   5.523   1.00 2.20  ? 40 GLU A CB   1 
ATOM   655  C CG   . GLU A 1 40 ? 8.303   4.189   6.662   1.00 2.55  ? 40 GLU A CG   1 
ATOM   656  C CD   . GLU A 1 40 ? 8.749   5.613   6.326   1.00 2.31  ? 40 GLU A CD   1 
ATOM   657  O OE1  . GLU A 1 40 ? 7.937   6.358   5.803   1.00 2.62  ? 40 GLU A OE1  1 
ATOM   658  O OE2  . GLU A 1 40 ? 9.895   5.934   6.596   1.00 2.55  ? 40 GLU A OE2  1 
ATOM   659  H H    . GLU A 1 40 ? 6.479   2.902   3.377   1.00 1.89  ? 40 GLU A H    1 
ATOM   660  H HA   . GLU A 1 40 ? 9.117   3.712   4.167   1.00 2.22  ? 40 GLU A HA   1 
ATOM   661  H HB2  . GLU A 1 40 ? 6.870   4.443   5.084   1.00 2.27  ? 40 GLU A HB2  1 
ATOM   662  H HB3  . GLU A 1 40 ? 6.773   2.887   5.910   1.00 2.20  ? 40 GLU A HB3  1 
ATOM   663  H HG2  . GLU A 1 40 ? 7.728   4.197   7.576   1.00 3.03  ? 40 GLU A HG2  1 
ATOM   664  H HG3  . GLU A 1 40 ? 9.174   3.563   6.791   1.00 3.00  ? 40 GLU A HG3  1 
ATOM   665  N N    . GLU A 1 41 ? 8.195   0.645   4.898   1.00 1.99  ? 41 GLU A N    1 
ATOM   666  C CA   . GLU A 1 41 ? 8.704   -0.683  5.342   1.00 2.01  ? 41 GLU A CA   1 
ATOM   667  C C    . GLU A 1 41 ? 9.314   -1.413  4.153   1.00 1.94  ? 41 GLU A C    1 
ATOM   668  O O    . GLU A 1 41 ? 10.511  -1.593  4.055   1.00 2.04  ? 41 GLU A O    1 
ATOM   669  C CB   . GLU A 1 41 ? 7.469   -1.432  5.847   1.00 1.91  ? 41 GLU A CB   1 
ATOM   670  C CG   . GLU A 1 41 ? 7.832   -2.895  6.098   1.00 2.09  ? 41 GLU A CG   1 
ATOM   671  C CD   . GLU A 1 41 ? 7.448   -3.280  7.528   1.00 2.06  ? 41 GLU A CD   1 
ATOM   672  O OE1  . GLU A 1 41 ? 7.877   -2.593  8.440   1.00 2.50  ? 41 GLU A OE1  1 
ATOM   673  O OE2  . GLU A 1 41 ? 6.731   -4.254  7.686   1.00 2.48  ? 41 GLU A OE2  1 
ATOM   674  H H    . GLU A 1 41 ? 7.293   0.715   4.528   1.00 1.90  ? 41 GLU A H    1 
ATOM   675  H HA   . GLU A 1 41 ? 9.425   -0.571  6.137   1.00 2.14  ? 41 GLU A HA   1 
ATOM   676  H HB2  . GLU A 1 41 ? 7.122   -0.982  6.765   1.00 1.97  ? 41 GLU A HB2  1 
ATOM   677  H HB3  . GLU A 1 41 ? 6.687   -1.381  5.102   1.00 1.90  ? 41 GLU A HB3  1 
ATOM   678  H HG2  . GLU A 1 41 ? 7.298   -3.522  5.399   1.00 2.55  ? 41 GLU A HG2  1 
ATOM   679  H HG3  . GLU A 1 41 ? 8.894   -3.031  5.963   1.00 2.52  ? 41 GLU A HG3  1 
ATOM   680  N N    . LEU A 1 42 ? 8.467   -1.831  3.251   1.00 1.79  ? 42 LEU A N    1 
ATOM   681  C CA   . LEU A 1 42 ? 8.913   -2.559  2.033   1.00 1.74  ? 42 LEU A CA   1 
ATOM   682  C C    . LEU A 1 42 ? 10.415  -2.402  1.800   1.00 1.89  ? 42 LEU A C    1 
ATOM   683  O O    . LEU A 1 42 ? 11.208  -3.153  2.332   1.00 2.02  ? 42 LEU A O    1 
ATOM   684  C CB   . LEU A 1 42 ? 8.105   -1.921  0.896   1.00 1.60  ? 42 LEU A CB   1 
ATOM   685  C CG   . LEU A 1 42 ? 7.576   -2.998  -0.058  1.00 1.55  ? 42 LEU A CG   1 
ATOM   686  C CD1  . LEU A 1 42 ? 7.225   -4.268  0.720   1.00 1.70  ? 42 LEU A CD1  1 
ATOM   687  C CD2  . LEU A 1 42 ? 6.322   -2.476  -0.760  1.00 1.46  ? 42 LEU A CD2  1 
ATOM   688  H H    . LEU A 1 42 ? 7.512   -1.666  3.379   1.00 1.75  ? 42 LEU A H    1 
ATOM   689  H HA   . LEU A 1 42 ? 8.662   -3.602  2.117   1.00 1.73  ? 42 LEU A HA   1 
ATOM   690  H HB2  . LEU A 1 42 ? 7.271   -1.377  1.314   1.00 1.62  ? 42 LEU A HB2  1 
ATOM   691  H HB3  . LEU A 1 42 ? 8.733   -1.239  0.347   1.00 1.73  ? 42 LEU A HB3  1 
ATOM   692  H HG   . LEU A 1 42 ? 8.331   -3.225  -0.795  1.00 1.72  ? 42 LEU A HG   1 
ATOM   693  H HD11 . LEU A 1 42 ? 8.087   -4.916  0.763   1.00 2.04  ? 42 LEU A HD11 1 
ATOM   694  H HD12 . LEU A 1 42 ? 6.417   -4.781  0.223   1.00 2.03  ? 42 LEU A HD12 1 
ATOM   695  H HD13 . LEU A 1 42 ? 6.922   -4.007  1.723   1.00 2.05  ? 42 LEU A HD13 1 
ATOM   696  H HD21 . LEU A 1 42 ? 6.471   -2.499  -1.829  1.00 1.77  ? 42 LEU A HD21 1 
ATOM   697  H HD22 . LEU A 1 42 ? 6.129   -1.461  -0.445  1.00 1.64  ? 42 LEU A HD22 1 
ATOM   698  H HD23 . LEU A 1 42 ? 5.478   -3.099  -0.502  1.00 1.85  ? 42 LEU A HD23 1 
ATOM   699  N N    . TYR A 1 43 ? 10.823  -1.448  1.007   1.00 1.89  ? 43 TYR A N    1 
ATOM   700  C CA   . TYR A 1 43 ? 12.287  -1.291  0.747   1.00 2.05  ? 43 TYR A CA   1 
ATOM   701  C C    . TYR A 1 43 ? 12.570  -0.351  -0.426  1.00 2.04  ? 43 TYR A C    1 
ATOM   702  O O    . TYR A 1 43 ? 13.484  0.447   -0.372  1.00 2.18  ? 43 TYR A O    1 
ATOM   703  C CB   . TYR A 1 43 ? 12.776  -2.691  0.370   1.00 2.04  ? 43 TYR A CB   1 
ATOM   704  C CG   . TYR A 1 43 ? 11.786  -3.330  -0.577  1.00 1.84  ? 43 TYR A CG   1 
ATOM   705  C CD1  . TYR A 1 43 ? 11.805  -3.023  -1.944  1.00 1.88  ? 43 TYR A CD1  1 
ATOM   706  C CD2  . TYR A 1 43 ? 10.837  -4.217  -0.082  1.00 1.85  ? 43 TYR A CD2  1 
ATOM   707  C CE1  . TYR A 1 43 ? 10.867  -3.609  -2.803  1.00 1.75  ? 43 TYR A CE1  1 
ATOM   708  C CE2  . TYR A 1 43 ? 9.903   -4.804  -0.938  1.00 1.72  ? 43 TYR A CE2  1 
ATOM   709  C CZ   . TYR A 1 43 ? 9.916   -4.501  -2.295  1.00 1.57  ? 43 TYR A CZ   1 
ATOM   710  O OH   . TYR A 1 43 ? 8.987   -5.080  -3.133  1.00 1.52  ? 43 TYR A OH   1 
ATOM   711  H H    . TYR A 1 43 ? 10.176  -0.847  0.590   1.00 1.82  ? 43 TYR A H    1 
ATOM   712  H HA   . TYR A 1 43 ? 12.797  -0.956  1.635   1.00 2.19  ? 43 TYR A HA   1 
ATOM   713  H HB2  . TYR A 1 43 ? 13.736  -2.612  -0.115  1.00 2.14  ? 43 TYR A HB2  1 
ATOM   714  H HB3  . TYR A 1 43 ? 12.870  -3.297  1.257   1.00 2.11  ? 43 TYR A HB3  1 
ATOM   715  H HD1  . TYR A 1 43 ? 12.540  -2.335  -2.333  1.00 2.17  ? 43 TYR A HD1  1 
ATOM   716  H HD2  . TYR A 1 43 ? 10.827  -4.451  0.966   1.00 2.12  ? 43 TYR A HD2  1 
ATOM   717  H HE1  . TYR A 1 43 ? 10.878  -3.372  -3.857  1.00 1.97  ? 43 TYR A HE1  1 
ATOM   718  H HE2  . TYR A 1 43 ? 9.169   -5.492  -0.546  1.00 1.91  ? 43 TYR A HE2  1 
ATOM   719  H HH   . TYR A 1 43 ? 8.423   -5.649  -2.604  1.00 1.82  ? 43 TYR A HH   1 
ATOM   720  N N    . ARG A 1 44 ? 11.837  -0.455  -1.506  1.00 1.89  ? 44 ARG A N    1 
ATOM   721  C CA   . ARG A 1 44 ? 12.144  0.427   -2.671  1.00 1.93  ? 44 ARG A CA   1 
ATOM   722  C C    . ARG A 1 44 ? 13.606  0.242   -3.099  1.00 2.06  ? 44 ARG A C    1 
ATOM   723  O O    . ARG A 1 44 ? 14.512  0.695   -2.427  1.00 2.27  ? 44 ARG A O    1 
ATOM   724  C CB   . ARG A 1 44 ? 11.959  1.861   -2.179  1.00 2.05  ? 44 ARG A CB   1 
ATOM   725  C CG   . ARG A 1 44 ? 12.583  2.822   -3.201  1.00 2.17  ? 44 ARG A CG   1 
ATOM   726  C CD   . ARG A 1 44 ? 12.256  2.361   -4.634  1.00 2.01  ? 44 ARG A CD   1 
ATOM   727  N NE   . ARG A 1 44 ? 13.200  3.121   -5.501  1.00 2.13  ? 44 ARG A NE   1 
ATOM   728  C CZ   . ARG A 1 44 ? 14.486  3.039   -5.296  1.00 2.40  ? 44 ARG A CZ   1 
ATOM   729  N NH1  . ARG A 1 44 ? 15.061  3.824   -4.428  1.00 2.78  ? 44 ARG A NH1  1 
ATOM   730  N NH2  . ARG A 1 44 ? 15.198  2.171   -5.962  1.00 2.84  ? 44 ARG A NH2  1 
ATOM   731  H H    . ARG A 1 44 ? 11.106  -1.129  -1.564  1.00 1.78  ? 44 ARG A H    1 
ATOM   732  H HA   . ARG A 1 44 ? 11.475  0.225   -3.491  1.00 1.80  ? 44 ARG A HA   1 
ATOM   733  H HB2  . ARG A 1 44 ? 10.912  2.080   -2.062  1.00 1.97  ? 44 ARG A HB2  1 
ATOM   734  H HB3  . ARG A 1 44 ? 12.457  1.983   -1.230  1.00 2.17  ? 44 ARG A HB3  1 
ATOM   735  H HG2  . ARG A 1 44 ? 12.192  3.817   -3.043  1.00 2.26  ? 44 ARG A HG2  1 
ATOM   736  H HG3  . ARG A 1 44 ? 13.654  2.836   -3.068  1.00 2.32  ? 44 ARG A HG3  1 
ATOM   737  H HD2  . ARG A 1 44 ? 12.422  1.298   -4.739  1.00 2.00  ? 44 ARG A HD2  1 
ATOM   738  H HD3  . ARG A 1 44 ? 11.239  2.609   -4.894  1.00 1.98  ? 44 ARG A HD3  1 
ATOM   739  H HE   . ARG A 1 44 ? 12.854  3.683   -6.226  1.00 2.38  ? 44 ARG A HE   1 
ATOM   740  H HH11 . ARG A 1 44 ? 14.516  4.490   -3.918  1.00 2.85  ? 44 ARG A HH11 1 
ATOM   741  H HH12 . ARG A 1 44 ? 16.046  3.760   -4.271  1.00 3.29  ? 44 ARG A HH12 1 
ATOM   742  H HH21 . ARG A 1 44 ? 14.758  1.569   -6.629  1.00 2.92  ? 44 ARG A HH21 1 
ATOM   743  H HH22 . ARG A 1 44 ? 16.184  2.107   -5.804  1.00 3.36  ? 44 ARG A HH22 1 
ATOM   744  N N    . GLY A 1 45 ? 13.854  -0.395  -4.209  1.00 1.98  ? 45 GLY A N    1 
ATOM   745  C CA   . GLY A 1 45 ? 15.268  -0.566  -4.652  1.00 2.11  ? 45 GLY A CA   1 
ATOM   746  C C    . GLY A 1 45 ? 15.533  -2.025  -5.012  1.00 2.08  ? 45 GLY A C    1 
ATOM   747  O O    . GLY A 1 45 ? 16.647  -2.409  -5.308  1.00 2.24  ? 45 GLY A O    1 
ATOM   748  H H    . GLY A 1 45 ? 13.117  -0.747  -4.753  1.00 1.85  ? 45 GLY A H    1 
ATOM   749  H HA2  . GLY A 1 45 ? 15.450  0.056   -5.517  1.00 2.13  ? 45 GLY A HA2  1 
ATOM   750  H HA3  . GLY A 1 45 ? 15.932  -0.271  -3.853  1.00 2.26  ? 45 GLY A HA3  1 
ATOM   751  N N    . ARG A 1 46 ? 14.521  -2.842  -4.994  1.00 1.96  ? 46 ARG A N    1 
ATOM   752  C CA   . ARG A 1 46 ? 14.721  -4.274  -5.340  1.00 1.95  ? 46 ARG A CA   1 
ATOM   753  C C    . ARG A 1 46 ? 13.463  -4.828  -6.009  1.00 1.79  ? 46 ARG A C    1 
ATOM   754  O O    . ARG A 1 46 ? 13.507  -5.316  -7.121  1.00 1.83  ? 46 ARG A O    1 
ATOM   755  C CB   . ARG A 1 46 ? 14.988  -4.980  -4.008  1.00 2.05  ? 46 ARG A CB   1 
ATOM   756  C CG   . ARG A 1 46 ? 13.990  -4.493  -2.955  1.00 2.02  ? 46 ARG A CG   1 
ATOM   757  C CD   . ARG A 1 46 ? 14.703  -4.311  -1.614  1.00 2.10  ? 46 ARG A CD   1 
ATOM   758  N NE   . ARG A 1 46 ? 15.601  -5.493  -1.489  1.00 2.25  ? 46 ARG A NE   1 
ATOM   759  C CZ   . ARG A 1 46 ? 16.792  -5.356  -0.975  1.00 2.37  ? 46 ARG A CZ   1 
ATOM   760  N NH1  . ARG A 1 46 ? 17.507  -4.301  -1.258  1.00 2.55  ? 46 ARG A NH1  1 
ATOM   761  N NH2  . ARG A 1 46 ? 17.268  -6.273  -0.177  1.00 2.68  ? 46 ARG A NH2  1 
ATOM   762  H H    . ARG A 1 46 ? 13.629  -2.513  -4.757  1.00 1.94  ? 46 ARG A H    1 
ATOM   763  H HA   . ARG A 1 46 ? 15.573  -4.386  -5.992  1.00 2.04  ? 46 ARG A HA   1 
ATOM   764  H HB2  . ARG A 1 46 ? 14.881  -6.047  -4.139  1.00 2.04  ? 46 ARG A HB2  1 
ATOM   765  H HB3  . ARG A 1 46 ? 15.992  -4.758  -3.678  1.00 2.21  ? 46 ARG A HB3  1 
ATOM   766  H HG2  . ARG A 1 46 ? 13.568  -3.552  -3.268  1.00 2.21  ? 46 ARG A HG2  1 
ATOM   767  H HG3  . ARG A 1 46 ? 13.202  -5.221  -2.843  1.00 2.25  ? 46 ARG A HG3  1 
ATOM   768  H HD2  . ARG A 1 46 ? 15.279  -3.396  -1.618  1.00 2.48  ? 46 ARG A HD2  1 
ATOM   769  H HD3  . ARG A 1 46 ? 13.988  -4.303  -0.807  1.00 2.37  ? 46 ARG A HD3  1 
ATOM   770  H HE   . ARG A 1 46 ? 15.297  -6.374  -1.792  1.00 2.64  ? 46 ARG A HE   1 
ATOM   771  H HH11 . ARG A 1 46 ? 17.141  -3.599  -1.869  1.00 2.55  ? 46 ARG A HH11 1 
ATOM   772  H HH12 . ARG A 1 46 ? 18.421  -4.196  -0.864  1.00 2.90  ? 46 ARG A HH12 1 
ATOM   773  H HH21 . ARG A 1 46 ? 16.720  -7.080  0.039   1.00 2.77  ? 46 ARG A HH21 1 
ATOM   774  H HH22 . ARG A 1 46 ? 18.182  -6.167  0.216   1.00 3.01  ? 46 ARG A HH22 1 
ATOM   775  N N    . GLU A 1 47 ? 12.342  -4.769  -5.343  1.00 1.65  ? 47 GLU A N    1 
ATOM   776  C CA   . GLU A 1 47 ? 11.099  -5.305  -5.952  1.00 1.52  ? 47 GLU A CA   1 
ATOM   777  C C    . GLU A 1 47 ? 10.054  -4.199  -6.121  1.00 1.43  ? 47 GLU A C    1 
ATOM   778  O O    . GLU A 1 47 ? 10.004  -3.518  -7.126  1.00 1.61  ? 47 GLU A O    1 
ATOM   779  C CB   . GLU A 1 47 ? 10.624  -6.344  -4.945  1.00 1.51  ? 47 GLU A CB   1 
ATOM   780  C CG   . GLU A 1 47 ? 11.596  -7.524  -4.936  1.00 1.60  ? 47 GLU A CG   1 
ATOM   781  C CD   . GLU A 1 47 ? 11.499  -8.284  -6.260  1.00 1.71  ? 47 GLU A CD   1 
ATOM   782  O OE1  . GLU A 1 47 ? 11.923  -7.740  -7.266  1.00 2.25  ? 47 GLU A OE1  1 
ATOM   783  O OE2  . GLU A 1 47 ? 11.004  -9.399  -6.245  1.00 2.25  ? 47 GLU A OE2  1 
ATOM   784  H H    . GLU A 1 47 ? 12.318  -4.384  -4.438  1.00 1.66  ? 47 GLU A H    1 
ATOM   785  H HA   . GLU A 1 47 ? 11.309  -5.774  -6.899  1.00 1.59  ? 47 GLU A HA   1 
ATOM   786  H HB2  . GLU A 1 47 ? 10.595  -5.896  -3.961  1.00 1.46  ? 47 GLU A HB2  1 
ATOM   787  H HB3  . GLU A 1 47 ? 9.638   -6.686  -5.213  1.00 1.68  ? 47 GLU A HB3  1 
ATOM   788  H HG2  . GLU A 1 47 ? 12.604  -7.154  -4.806  1.00 2.13  ? 47 GLU A HG2  1 
ATOM   789  H HG3  . GLU A 1 47 ? 11.348  -8.187  -4.122  1.00 1.95  ? 47 GLU A HG3  1 
ATOM   790  N N    . ALA A 1 48 ? 9.216   -4.031  -5.142  1.00 1.41  ? 48 ALA A N    1 
ATOM   791  C CA   . ALA A 1 48 ? 8.154   -2.992  -5.210  1.00 1.37  ? 48 ALA A CA   1 
ATOM   792  C C    . ALA A 1 48 ? 8.717   -1.649  -5.660  1.00 1.45  ? 48 ALA A C    1 
ATOM   793  O O    . ALA A 1 48 ? 7.968   -0.769  -6.007  1.00 1.52  ? 48 ALA A O    1 
ATOM   794  C CB   . ALA A 1 48 ? 7.616   -2.891  -3.784  1.00 1.41  ? 48 ALA A CB   1 
ATOM   795  H H    . ALA A 1 48 ? 9.278   -4.600  -4.355  1.00 1.59  ? 48 ALA A H    1 
ATOM   796  H HA   . ALA A 1 48 ? 7.369   -3.303  -5.875  1.00 1.35  ? 48 ALA A HA   1 
ATOM   797  H HB1  . ALA A 1 48 ? 7.310   -3.869  -3.444  1.00 1.82  ? 48 ALA A HB1  1 
ATOM   798  H HB2  . ALA A 1 48 ? 6.767   -2.223  -3.765  1.00 1.72  ? 48 ALA A HB2  1 
ATOM   799  H HB3  . ALA A 1 48 ? 8.388   -2.510  -3.133  1.00 1.74  ? 48 ALA A HB3  1 
ATOM   800  N N    . ASP A 1 49 ? 10.015  -1.479  -5.654  1.00 1.52  ? 49 ASP A N    1 
ATOM   801  C CA   . ASP A 1 49 ? 10.609  -0.173  -6.090  1.00 1.68  ? 49 ASP A CA   1 
ATOM   802  C C    . ASP A 1 49 ? 9.568   0.682   -6.827  1.00 1.64  ? 49 ASP A C    1 
ATOM   803  O O    . ASP A 1 49 ? 9.487   1.879   -6.644  1.00 1.79  ? 49 ASP A O    1 
ATOM   804  C CB   . ASP A 1 49 ? 11.751  -0.557  -7.030  1.00 1.79  ? 49 ASP A CB   1 
ATOM   805  C CG   . ASP A 1 49 ? 12.697  0.632   -7.199  1.00 1.93  ? 49 ASP A CG   1 
ATOM   806  O OD1  . ASP A 1 49 ? 12.206  1.745   -7.296  1.00 2.58  ? 49 ASP A OD1  1 
ATOM   807  O OD2  . ASP A 1 49 ? 13.896  0.410   -7.230  1.00 2.23  ? 49 ASP A OD2  1 
ATOM   808  H H    . ASP A 1 49 ? 10.603  -2.207  -5.362  1.00 1.52  ? 49 ASP A H    1 
ATOM   809  H HA   . ASP A 1 49 ? 10.999  0.362   -5.240  1.00 1.82  ? 49 ASP A HA   1 
ATOM   810  H HB2  . ASP A 1 49 ? 12.294  -1.394  -6.613  1.00 2.13  ? 49 ASP A HB2  1 
ATOM   811  H HB3  . ASP A 1 49 ? 11.347  -0.835  -7.992  1.00 1.82  ? 49 ASP A HB3  1 
ATOM   812  N N    . MET A 1 50 ? 8.761   0.063   -7.646  1.00 1.51  ? 50 MET A N    1 
ATOM   813  C CA   . MET A 1 50 ? 7.707   0.820   -8.390  1.00 1.56  ? 50 MET A CA   1 
ATOM   814  C C    . MET A 1 50 ? 6.551   1.187   -7.446  1.00 1.45  ? 50 MET A C    1 
ATOM   815  O O    . MET A 1 50 ? 6.478   0.705   -6.338  1.00 1.35  ? 50 MET A O    1 
ATOM   816  C CB   . MET A 1 50 ? 7.226   -0.138  -9.480  1.00 1.57  ? 50 MET A CB   1 
ATOM   817  C CG   . MET A 1 50 ? 8.177   -0.068  -10.676 1.00 2.03  ? 50 MET A CG   1 
ATOM   818  S SD   . MET A 1 50 ? 9.812   -0.671  -10.183 1.00 2.40  ? 50 MET A SD   1 
ATOM   819  C CE   . MET A 1 50 ? 10.492  0.923   -9.662  1.00 2.51  ? 50 MET A CE   1 
ATOM   820  H H    . MET A 1 50 ? 8.843   -0.908  -7.761  1.00 1.44  ? 50 MET A H    1 
ATOM   821  H HA   . MET A 1 50 ? 8.124   1.708   -8.836  1.00 1.74  ? 50 MET A HA   1 
ATOM   822  H HB2  . MET A 1 50 ? 7.209   -1.146  -9.091  1.00 1.57  ? 50 MET A HB2  1 
ATOM   823  H HB3  . MET A 1 50 ? 6.233   0.143   -9.795  1.00 1.63  ? 50 MET A HB3  1 
ATOM   824  H HG2  . MET A 1 50 ? 7.794   -0.683  -11.478 1.00 2.44  ? 50 MET A HG2  1 
ATOM   825  H HG3  . MET A 1 50 ? 8.258   0.954   -11.013 1.00 2.49  ? 50 MET A HG3  1 
ATOM   826  H HE1  . MET A 1 50 ? 9.708   1.666   -9.664  1.00 2.90  ? 50 MET A HE1  1 
ATOM   827  H HE2  . MET A 1 50 ? 11.270  1.223   -10.343 1.00 2.83  ? 50 MET A HE2  1 
ATOM   828  H HE3  . MET A 1 50 ? 10.904  0.830   -8.668  1.00 2.49  ? 50 MET A HE3  1 
ATOM   829  N N    . PRO A 1 51 ? 5.689   2.046   -7.917  1.00 1.57  ? 51 PRO A N    1 
ATOM   830  C CA   . PRO A 1 51 ? 4.528   2.498   -7.100  1.00 1.51  ? 51 PRO A CA   1 
ATOM   831  C C    . PRO A 1 51 ? 3.493   1.377   -6.919  1.00 1.28  ? 51 PRO A C    1 
ATOM   832  O O    . PRO A 1 51 ? 3.484   0.405   -7.646  1.00 1.27  ? 51 PRO A O    1 
ATOM   833  C CB   . PRO A 1 51 ? 3.946   3.646   -7.921  1.00 1.78  ? 51 PRO A CB   1 
ATOM   834  C CG   . PRO A 1 51 ? 4.378   3.374   -9.327  1.00 1.91  ? 51 PRO A CG   1 
ATOM   835  C CD   . PRO A 1 51 ? 5.706   2.669   -9.245  1.00 1.84  ? 51 PRO A CD   1 
ATOM   836  H HA   . PRO A 1 51 ? 4.864   2.861   -6.141  1.00 1.55  ? 51 PRO A HA   1 
ATOM   837  H HB2  . PRO A 1 51 ? 2.867   3.650   -7.849  1.00 1.74  ? 51 PRO A HB2  1 
ATOM   838  H HB3  . PRO A 1 51 ? 4.351   4.589   -7.588  1.00 1.95  ? 51 PRO A HB3  1 
ATOM   839  H HG2  . PRO A 1 51 ? 3.651   2.745   -9.819  1.00 1.88  ? 51 PRO A HG2  1 
ATOM   840  H HG3  . PRO A 1 51 ? 4.492   4.302   -9.866  1.00 2.15  ? 51 PRO A HG3  1 
ATOM   841  H HD2  . PRO A 1 51 ? 5.783   1.919   -10.020 1.00 1.86  ? 51 PRO A HD2  1 
ATOM   842  H HD3  . PRO A 1 51 ? 6.518   3.376   -9.314  1.00 2.02  ? 51 PRO A HD3  1 
ATOM   843  N N    . ASP A 1 52 ? 2.615   1.511   -5.950  1.00 1.18  ? 52 ASP A N    1 
ATOM   844  C CA   . ASP A 1 52 ? 1.581   0.452   -5.728  1.00 0.99  ? 52 ASP A CA   1 
ATOM   845  C C    . ASP A 1 52 ? 0.517   0.911   -4.714  1.00 0.98  ? 52 ASP A C    1 
ATOM   846  O O    . ASP A 1 52 ? 0.761   0.955   -3.526  1.00 1.14  ? 52 ASP A O    1 
ATOM   847  C CB   . ASP A 1 52 ? 2.359   -0.740  -5.175  1.00 1.00  ? 52 ASP A CB   1 
ATOM   848  C CG   . ASP A 1 52 ? 1.783   -2.033  -5.748  1.00 1.20  ? 52 ASP A CG   1 
ATOM   849  O OD1  . ASP A 1 52 ? 1.497   -2.053  -6.933  1.00 1.48  ? 52 ASP A OD1  1 
ATOM   850  O OD2  . ASP A 1 52 ? 1.638   -2.981  -4.994  1.00 1.90  ? 52 ASP A OD2  1 
ATOM   851  H H    . ASP A 1 52 ? 2.636   2.304   -5.375  1.00 1.29  ? 52 ASP A H    1 
ATOM   852  H HA   . ASP A 1 52 ? 1.116   0.181   -6.663  1.00 1.02  ? 52 ASP A HA   1 
ATOM   853  H HB2  . ASP A 1 52 ? 3.399   -0.652  -5.455  1.00 1.37  ? 52 ASP A HB2  1 
ATOM   854  H HB3  . ASP A 1 52 ? 2.276   -0.758  -4.099  1.00 1.19  ? 52 ASP A HB3  1 
ATOM   855  N N    . GLU A 1 53 ? -0.666  1.239   -5.173  1.00 0.90  ? 53 GLU A N    1 
ATOM   856  C CA   . GLU A 1 53 ? -1.744  1.677   -4.233  1.00 0.96  ? 53 GLU A CA   1 
ATOM   857  C C    . GLU A 1 53 ? -3.084  1.772   -4.969  1.00 0.86  ? 53 GLU A C    1 
ATOM   858  O O    . GLU A 1 53 ? -3.246  2.574   -5.865  1.00 0.99  ? 53 GLU A O    1 
ATOM   859  C CB   . GLU A 1 53 ? -1.309  3.048   -3.729  1.00 1.22  ? 53 GLU A CB   1 
ATOM   860  C CG   . GLU A 1 53 ? -1.529  4.108   -4.813  1.00 1.23  ? 53 GLU A CG   1 
ATOM   861  C CD   . GLU A 1 53 ? -0.911  3.639   -6.132  1.00 1.48  ? 53 GLU A CD   1 
ATOM   862  O OE1  . GLU A 1 53 ? 0.254   3.277   -6.121  1.00 2.22  ? 53 GLU A OE1  1 
ATOM   863  O OE2  . GLU A 1 53 ? -1.613  3.650   -7.130  1.00 1.98  ? 53 GLU A OE2  1 
ATOM   864  H H    . GLU A 1 53 ? -0.848  1.188   -6.131  1.00 0.89  ? 53 GLU A H    1 
ATOM   865  H HA   . GLU A 1 53 ? -1.821  0.989   -3.405  1.00 1.00  ? 53 GLU A HA   1 
ATOM   866  H HB2  . GLU A 1 53 ? -1.890  3.301   -2.858  1.00 1.42  ? 53 GLU A HB2  1 
ATOM   867  H HB3  . GLU A 1 53 ? -0.264  3.015   -3.467  1.00 1.52  ? 53 GLU A HB3  1 
ATOM   868  H HG2  . GLU A 1 53 ? -2.589  4.269   -4.948  1.00 1.62  ? 53 GLU A HG2  1 
ATOM   869  H HG3  . GLU A 1 53 ? -1.062  5.033   -4.509  1.00 1.80  ? 53 GLU A HG3  1 
ATOM   870  N N    . VAL A 1 54 ? -4.042  0.958   -4.604  1.00 0.73  ? 54 VAL A N    1 
ATOM   871  C CA   . VAL A 1 54 ? -5.366  1.004   -5.309  1.00 0.73  ? 54 VAL A CA   1 
ATOM   872  C C    . VAL A 1 54 ? -6.476  0.283   -4.512  1.00 0.75  ? 54 VAL A C    1 
ATOM   873  O O    . VAL A 1 54 ? -7.649  0.543   -4.695  1.00 1.48  ? 54 VAL A O    1 
ATOM   874  C CB   . VAL A 1 54 ? -5.128  0.257   -6.626  1.00 0.79  ? 54 VAL A CB   1 
ATOM   875  C CG1  . VAL A 1 54 ? -4.034  0.947   -7.444  1.00 0.91  ? 54 VAL A CG1  1 
ATOM   876  C CG2  . VAL A 1 54 ? -4.688  -1.177  -6.319  1.00 0.77  ? 54 VAL A CG2  1 
ATOM   877  H H    . VAL A 1 54 ? -3.887  0.319   -3.881  1.00 0.73  ? 54 VAL A H    1 
ATOM   878  H HA   . VAL A 1 54 ? -5.651  2.024   -5.515  1.00 0.82  ? 54 VAL A HA   1 
ATOM   879  H HB   . VAL A 1 54 ? -6.042  0.241   -7.198  1.00 0.92  ? 54 VAL A HB   1 
ATOM   880  H HG11 . VAL A 1 54 ? -4.236  2.007   -7.495  1.00 1.39  ? 54 VAL A HG11 1 
ATOM   881  H HG12 . VAL A 1 54 ? -4.019  0.536   -8.442  1.00 1.22  ? 54 VAL A HG12 1 
ATOM   882  H HG13 . VAL A 1 54 ? -3.075  0.784   -6.974  1.00 1.50  ? 54 VAL A HG13 1 
ATOM   883  H HG21 . VAL A 1 54 ? -5.317  -1.871  -6.856  1.00 1.26  ? 54 VAL A HG21 1 
ATOM   884  H HG22 . VAL A 1 54 ? -4.773  -1.361  -5.258  1.00 1.05  ? 54 VAL A HG22 1 
ATOM   885  H HG23 . VAL A 1 54 ? -3.660  -1.312  -6.623  1.00 1.27  ? 54 VAL A HG23 1 
ATOM   886  N N    . ASN A 1 55 ? -6.116  -0.642  -3.666  1.00 0.61  ? 55 ASN A N    1 
ATOM   887  C CA   . ASN A 1 55 ? -7.137  -1.419  -2.884  1.00 0.61  ? 55 ASN A CA   1 
ATOM   888  C C    . ASN A 1 55 ? -8.317  -0.551  -2.412  1.00 0.63  ? 55 ASN A C    1 
ATOM   889  O O    . ASN A 1 55 ? -9.450  -0.769  -2.793  1.00 0.76  ? 55 ASN A O    1 
ATOM   890  C CB   . ASN A 1 55 ? -6.351  -1.985  -1.692  1.00 0.71  ? 55 ASN A CB   1 
ATOM   891  C CG   . ASN A 1 55 ? -6.932  -1.490  -0.363  1.00 0.92  ? 55 ASN A CG   1 
ATOM   892  O OD1  . ASN A 1 55 ? -8.044  -1.825  -0.012  1.00 1.84  ? 55 ASN A OD1  1 
ATOM   893  N ND2  . ASN A 1 55 ? -6.218  -0.698  0.396   1.00 0.71  ? 55 ASN A ND2  1 
ATOM   894  H H    . ASN A 1 55 ? -5.166  -0.854  -3.557  1.00 1.10  ? 55 ASN A H    1 
ATOM   895  H HA   . ASN A 1 55 ? -7.508  -2.235  -3.480  1.00 0.70  ? 55 ASN A HA   1 
ATOM   896  H HB2  . ASN A 1 55 ? -6.394  -3.063  -1.718  1.00 1.09  ? 55 ASN A HB2  1 
ATOM   897  H HB3  . ASN A 1 55 ? -5.321  -1.669  -1.767  1.00 0.95  ? 55 ASN A HB3  1 
ATOM   898  H HD21 . ASN A 1 55 ? -5.321  -0.423  0.113   1.00 1.03  ? 55 ASN A HD21 1 
ATOM   899  H HD22 . ASN A 1 55 ? -6.578  -0.385  1.253   1.00 0.99  ? 55 ASN A HD22 1 
ATOM   900  N N    . ILE A 1 56 ? -8.064  0.401   -1.568  1.00 0.69  ? 56 ILE A N    1 
ATOM   901  C CA   . ILE A 1 56 ? -9.161  1.262   -1.034  1.00 0.81  ? 56 ILE A CA   1 
ATOM   902  C C    . ILE A 1 56 ? -10.170 1.658   -2.117  1.00 0.88  ? 56 ILE A C    1 
ATOM   903  O O    . ILE A 1 56 ? -11.318 1.919   -1.826  1.00 1.09  ? 56 ILE A O    1 
ATOM   904  C CB   . ILE A 1 56 ? -8.451  2.491   -0.489  1.00 0.96  ? 56 ILE A CB   1 
ATOM   905  C CG1  . ILE A 1 56 ? -7.923  3.331   -1.653  1.00 1.15  ? 56 ILE A CG1  1 
ATOM   906  C CG2  . ILE A 1 56 ? -7.289  2.043   0.398   1.00 1.15  ? 56 ILE A CG2  1 
ATOM   907  C CD1  . ILE A 1 56 ? -6.981  2.493   -2.524  1.00 1.88  ? 56 ILE A CD1  1 
ATOM   908  H H    . ILE A 1 56 ? -7.146  0.543   -1.263  1.00 0.76  ? 56 ILE A H    1 
ATOM   909  H HA   . ILE A 1 56 ? -9.667  0.760   -0.230  1.00 0.82  ? 56 ILE A HA   1 
ATOM   910  H HB   . ILE A 1 56 ? -9.145  3.077   0.097   1.00 1.21  ? 56 ILE A HB   1 
ATOM   911  H HG12 . ILE A 1 56 ? -8.752  3.674   -2.250  1.00 1.63  ? 56 ILE A HG12 1 
ATOM   912  H HG13 . ILE A 1 56 ? -7.388  4.179   -1.264  1.00 1.48  ? 56 ILE A HG13 1 
ATOM   913  H HG21 . ILE A 1 56 ? -7.338  2.554   1.346   1.00 1.55  ? 56 ILE A HG21 1 
ATOM   914  H HG22 . ILE A 1 56 ? -6.352  2.271   -0.089  1.00 1.70  ? 56 ILE A HG22 1 
ATOM   915  H HG23 . ILE A 1 56 ? -7.358  0.981   0.562   1.00 1.54  ? 56 ILE A HG23 1 
ATOM   916  H HD11 . ILE A 1 56 ? -6.552  3.116   -3.293  1.00 2.32  ? 56 ILE A HD11 1 
ATOM   917  H HD12 . ILE A 1 56 ? -7.530  1.690   -2.982  1.00 2.37  ? 56 ILE A HD12 1 
ATOM   918  H HD13 . ILE A 1 56 ? -6.192  2.083   -1.910  1.00 2.35  ? 56 ILE A HD13 1 
ATOM   919  N N    . ASP A 1 57 ? -9.765  1.721   -3.351  1.00 0.82  ? 57 ASP A N    1 
ATOM   920  C CA   . ASP A 1 57 ? -10.727 2.120   -4.420  1.00 1.00  ? 57 ASP A CA   1 
ATOM   921  C C    . ASP A 1 57 ? -11.929 1.177   -4.442  1.00 1.01  ? 57 ASP A C    1 
ATOM   922  O O    . ASP A 1 57 ? -13.069 1.600   -4.363  1.00 1.12  ? 57 ASP A O    1 
ATOM   923  C CB   . ASP A 1 57 ? -9.937  2.015   -5.725  1.00 1.11  ? 57 ASP A CB   1 
ATOM   924  C CG   . ASP A 1 57 ? -10.848 2.363   -6.904  1.00 1.38  ? 57 ASP A CG   1 
ATOM   925  O OD1  . ASP A 1 57 ? -11.951 2.821   -6.659  1.00 1.97  ? 57 ASP A OD1  1 
ATOM   926  O OD2  . ASP A 1 57 ? -10.425 2.165   -8.031  1.00 1.85  ? 57 ASP A OD2  1 
ATOM   927  H H    . ASP A 1 57 ? -8.835  1.514   -3.576  1.00 0.74  ? 57 ASP A H    1 
ATOM   928  H HA   . ASP A 1 57 ? -11.056 3.132   -4.270  1.00 1.11  ? 57 ASP A HA   1 
ATOM   929  H HB2  . ASP A 1 57 ? -9.104  2.704   -5.697  1.00 1.29  ? 57 ASP A HB2  1 
ATOM   930  H HB3  . ASP A 1 57 ? -9.568  1.008   -5.843  1.00 1.40  ? 57 ASP A HB3  1 
ATOM   931  N N    . GLU A 1 58 ? -11.688 -0.095  -4.549  1.00 0.96  ? 58 GLU A N    1 
ATOM   932  C CA   . GLU A 1 58 ? -12.817 -1.062  -4.579  1.00 1.08  ? 58 GLU A CA   1 
ATOM   933  C C    . GLU A 1 58 ? -13.627 -0.976  -3.283  1.00 1.03  ? 58 GLU A C    1 
ATOM   934  O O    . GLU A 1 58 ? -14.793 -0.633  -3.291  1.00 1.14  ? 58 GLU A O    1 
ATOM   935  C CB   . GLU A 1 58 ? -12.147 -2.424  -4.700  1.00 1.11  ? 58 GLU A CB   1 
ATOM   936  C CG   . GLU A 1 58 ? -12.780 -3.209  -5.852  1.00 1.47  ? 58 GLU A CG   1 
ATOM   937  C CD   . GLU A 1 58 ? -12.183 -2.740  -7.181  1.00 1.69  ? 58 GLU A CD   1 
ATOM   938  O OE1  . GLU A 1 58 ? -11.577 -1.681  -7.195  1.00 2.07  ? 58 GLU A OE1  1 
ATOM   939  O OE2  . GLU A 1 58 ? -12.343 -3.449  -8.161  1.00 2.27  ? 58 GLU A OE2  1 
ATOM   940  H H    . GLU A 1 58 ? -10.764 -0.417  -4.611  1.00 0.90  ? 58 GLU A H    1 
ATOM   941  H HA   . GLU A 1 58 ? -13.446 -0.883  -5.435  1.00 1.23  ? 58 GLU A HA   1 
ATOM   942  H HB2  . GLU A 1 58 ? -11.092 -2.286  -4.891  1.00 1.28  ? 58 GLU A HB2  1 
ATOM   943  H HB3  . GLU A 1 58 ? -12.279 -2.966  -3.781  1.00 1.26  ? 58 GLU A HB3  1 
ATOM   944  H HG2  . GLU A 1 58 ? -12.582 -4.263  -5.720  1.00 1.89  ? 58 GLU A HG2  1 
ATOM   945  H HG3  . GLU A 1 58 ? -13.846 -3.040  -5.859  1.00 1.88  ? 58 GLU A HG3  1 
ATOM   946  N N    . LEU A 1 59 ? -13.022 -1.288  -2.169  1.00 0.92  ? 59 LEU A N    1 
ATOM   947  C CA   . LEU A 1 59 ? -13.769 -1.226  -0.878  1.00 0.97  ? 59 LEU A CA   1 
ATOM   948  C C    . LEU A 1 59 ? -14.321 0.184   -0.643  1.00 0.93  ? 59 LEU A C    1 
ATOM   949  O O    . LEU A 1 59 ? -15.363 0.355   -0.041  1.00 0.95  ? 59 LEU A O    1 
ATOM   950  C CB   . LEU A 1 59 ? -12.749 -1.610  0.199   1.00 1.03  ? 59 LEU A CB   1 
ATOM   951  C CG   . LEU A 1 59 ? -11.904 -0.398  0.590   1.00 0.91  ? 59 LEU A CG   1 
ATOM   952  C CD1  . LEU A 1 59 ? -12.516 0.275   1.817   1.00 1.51  ? 59 LEU A CD1  1 
ATOM   953  C CD2  . LEU A 1 59 ? -10.487 -0.864  0.924   1.00 1.34  ? 59 LEU A CD2  1 
ATOM   954  H H    . LEU A 1 59 ? -12.081 -1.570  -2.182  1.00 0.85  ? 59 LEU A H    1 
ATOM   955  H HA   . LEU A 1 59 ? -14.576 -1.940  -0.883  1.00 1.13  ? 59 LEU A HA   1 
ATOM   956  H HB2  . LEU A 1 59 ? -13.268 -1.979  1.069   1.00 1.51  ? 59 LEU A HB2  1 
ATOM   957  H HB3  . LEU A 1 59 ? -12.102 -2.382  -0.181  1.00 1.45  ? 59 LEU A HB3  1 
ATOM   958  H HG   . LEU A 1 59 ? -11.872 0.303   -0.231  1.00 1.38  ? 59 LEU A HG   1 
ATOM   959  H HD11 . LEU A 1 59 ? -11.893 1.102   2.121   1.00 2.04  ? 59 LEU A HD11 1 
ATOM   960  H HD12 . LEU A 1 59 ? -12.584 -0.441  2.623   1.00 2.05  ? 59 LEU A HD12 1 
ATOM   961  H HD13 . LEU A 1 59 ? -13.503 0.638   1.574   1.00 1.91  ? 59 LEU A HD13 1 
ATOM   962  H HD21 . LEU A 1 59 ? -9.925  -0.994  0.012   1.00 1.67  ? 59 LEU A HD21 1 
ATOM   963  H HD22 . LEU A 1 59 ? -10.536 -1.802  1.450   1.00 2.01  ? 59 LEU A HD22 1 
ATOM   964  H HD23 . LEU A 1 59 ? -10.001 -0.127  1.546   1.00 1.79  ? 59 LEU A HD23 1 
ATOM   965  N N    . LEU A 1 60 ? -13.649 1.197   -1.118  1.00 0.96  ? 60 LEU A N    1 
ATOM   966  C CA   . LEU A 1 60 ? -14.168 2.580   -0.916  1.00 1.01  ? 60 LEU A CA   1 
ATOM   967  C C    . LEU A 1 60 ? -15.599 2.666   -1.443  1.00 1.13  ? 60 LEU A C    1 
ATOM   968  O O    . LEU A 1 60 ? -16.499 3.119   -0.764  1.00 1.22  ? 60 LEU A O    1 
ATOM   969  C CB   . LEU A 1 60 ? -13.238 3.488   -1.728  1.00 1.02  ? 60 LEU A CB   1 
ATOM   970  C CG   . LEU A 1 60 ? -13.982 4.760   -2.148  1.00 1.35  ? 60 LEU A CG   1 
ATOM   971  C CD1  . LEU A 1 60 ? -13.162 5.989   -1.752  1.00 1.83  ? 60 LEU A CD1  1 
ATOM   972  C CD2  . LEU A 1 60 ? -14.182 4.752   -3.665  1.00 1.79  ? 60 LEU A CD2  1 
ATOM   973  H H    . LEU A 1 60 ? -12.815 1.050   -1.611  1.00 1.02  ? 60 LEU A H    1 
ATOM   974  H HA   . LEU A 1 60 ? -14.132 2.848   0.127   1.00 1.05  ? 60 LEU A HA   1 
ATOM   975  H HB2  . LEU A 1 60 ? -12.382 3.754   -1.125  1.00 1.03  ? 60 LEU A HB2  1 
ATOM   976  H HB3  . LEU A 1 60 ? -12.907 2.962   -2.611  1.00 1.11  ? 60 LEU A HB3  1 
ATOM   977  H HG   . LEU A 1 60 ? -14.942 4.798   -1.657  1.00 1.70  ? 60 LEU A HG   1 
ATOM   978  H HD11 . LEU A 1 60 ? -13.819 6.746   -1.349  1.00 2.35  ? 60 LEU A HD11 1 
ATOM   979  H HD12 . LEU A 1 60 ? -12.654 6.379   -2.622  1.00 2.21  ? 60 LEU A HD12 1 
ATOM   980  H HD13 . LEU A 1 60 ? -12.433 5.710   -1.004  1.00 2.14  ? 60 LEU A HD13 1 
ATOM   981  H HD21 . LEU A 1 60 ? -13.220 4.806   -4.155  1.00 2.25  ? 60 LEU A HD21 1 
ATOM   982  H HD22 . LEU A 1 60 ? -14.782 5.601   -3.955  1.00 2.21  ? 60 LEU A HD22 1 
ATOM   983  H HD23 . LEU A 1 60 ? -14.682 3.840   -3.956  1.00 2.18  ? 60 LEU A HD23 1 
ATOM   984  N N    . GLU A 1 61 ? -15.814 2.232   -2.654  1.00 1.21  ? 61 GLU A N    1 
ATOM   985  C CA   . GLU A 1 61 ? -17.189 2.286   -3.228  1.00 1.41  ? 61 GLU A CA   1 
ATOM   986  C C    . GLU A 1 61 ? -17.260 1.448   -4.505  1.00 1.40  ? 61 GLU A C    1 
ATOM   987  O O    . GLU A 1 61 ? -17.318 1.973   -5.600  1.00 1.56  ? 61 GLU A O    1 
ATOM   988  C CB   . GLU A 1 61 ? -17.430 3.763   -3.542  1.00 1.66  ? 61 GLU A CB   1 
ATOM   989  C CG   . GLU A 1 61 ? -18.704 4.233   -2.836  1.00 2.05  ? 61 GLU A CG   1 
ATOM   990  C CD   . GLU A 1 61 ? -19.714 4.717   -3.877  1.00 2.31  ? 61 GLU A CD   1 
ATOM   991  O OE1  . GLU A 1 61 ? -19.351 5.563   -4.679  1.00 2.83  ? 61 GLU A OE1  1 
ATOM   992  O OE2  . GLU A 1 61 ? -20.834 4.234   -3.856  1.00 2.62  ? 61 GLU A OE2  1 
ATOM   993  H H    . GLU A 1 61 ? -15.069 1.869   -3.184  1.00 1.17  ? 61 GLU A H    1 
ATOM   994  H HA   . GLU A 1 61 ? -17.913 1.939   -2.508  1.00 1.48  ? 61 GLU A HA   1 
ATOM   995  H HB2  . GLU A 1 61 ? -16.589 4.345   -3.195  1.00 1.80  ? 61 GLU A HB2  1 
ATOM   996  H HB3  . GLU A 1 61 ? -17.543 3.891   -4.608  1.00 1.86  ? 61 GLU A HB3  1 
ATOM   997  H HG2  . GLU A 1 61 ? -19.128 3.412   -2.276  1.00 2.36  ? 61 GLU A HG2  1 
ATOM   998  H HG3  . GLU A 1 61 ? -18.465 5.043   -2.165  1.00 2.44  ? 61 GLU A HG3  1 
ATOM   999  N N    . LEU A 1 62 ? -17.254 0.150   -4.377  1.00 1.32  ? 62 LEU A N    1 
ATOM   1000 C CA   . LEU A 1 62 ? -17.318 -0.712  -5.592  1.00 1.42  ? 62 LEU A CA   1 
ATOM   1001 C C    . LEU A 1 62 ? -18.198 -1.938  -5.336  1.00 1.54  ? 62 LEU A C    1 
ATOM   1002 O O    . LEU A 1 62 ? -19.014 -2.306  -6.156  1.00 2.23  ? 62 LEU A O    1 
ATOM   1003 C CB   . LEU A 1 62 ? -15.874 -1.135  -5.852  1.00 1.43  ? 62 LEU A CB   1 
ATOM   1004 C CG   . LEU A 1 62 ? -15.596 -1.113  -7.355  1.00 1.86  ? 62 LEU A CG   1 
ATOM   1005 C CD1  . LEU A 1 62 ? -14.364 -0.251  -7.636  1.00 2.39  ? 62 LEU A CD1  1 
ATOM   1006 C CD2  . LEU A 1 62 ? -15.343 -2.540  -7.847  1.00 2.16  ? 62 LEU A CD2  1 
ATOM   1007 H H    . LEU A 1 62 ? -17.204 -0.256  -3.484  1.00 1.28  ? 62 LEU A H    1 
ATOM   1008 H HA   . LEU A 1 62 ? -17.693 -0.149  -6.433  1.00 1.63  ? 62 LEU A HA   1 
ATOM   1009 H HB2  . LEU A 1 62 ? -15.204 -0.451  -5.351  1.00 1.57  ? 62 LEU A HB2  1 
ATOM   1010 H HB3  . LEU A 1 62 ? -15.717 -2.134  -5.473  1.00 1.44  ? 62 LEU A HB3  1 
ATOM   1011 H HG   . LEU A 1 62 ? -16.450 -0.698  -7.873  1.00 2.17  ? 62 LEU A HG   1 
ATOM   1012 H HD11 . LEU A 1 62 ? -14.301 -0.047  -8.694  1.00 2.68  ? 62 LEU A HD11 1 
ATOM   1013 H HD12 . LEU A 1 62 ? -13.477 -0.778  -7.318  1.00 2.69  ? 62 LEU A HD12 1 
ATOM   1014 H HD13 . LEU A 1 62 ? -14.445 0.680   -7.093  1.00 2.89  ? 62 LEU A HD13 1 
ATOM   1015 H HD21 . LEU A 1 62 ? -16.122 -2.827  -8.538  1.00 2.61  ? 62 LEU A HD21 1 
ATOM   1016 H HD22 . LEU A 1 62 ? -15.341 -3.216  -7.005  1.00 2.56  ? 62 LEU A HD22 1 
ATOM   1017 H HD23 . LEU A 1 62 ? -14.385 -2.584  -8.345  1.00 2.31  ? 62 LEU A HD23 1 
ATOM   1018 N N    . GLU A 1 63 ? -18.023 -2.580  -4.209  1.00 1.54  ? 63 GLU A N    1 
ATOM   1019 C CA   . GLU A 1 63 ? -18.830 -3.794  -3.890  1.00 1.68  ? 63 GLU A CA   1 
ATOM   1020 C C    . GLU A 1 63 ? -18.177 -5.011  -4.537  1.00 1.72  ? 63 GLU A C    1 
ATOM   1021 O O    . GLU A 1 63 ? -18.771 -6.065  -4.652  1.00 1.99  ? 63 GLU A O    1 
ATOM   1022 C CB   . GLU A 1 63 ? -20.223 -3.542  -4.476  1.00 1.93  ? 63 GLU A CB   1 
ATOM   1023 C CG   . GLU A 1 63 ? -21.280 -4.189  -3.577  1.00 2.52  ? 63 GLU A CG   1 
ATOM   1024 C CD   . GLU A 1 63 ? -22.361 -4.835  -4.445  1.00 2.81  ? 63 GLU A CD   1 
ATOM   1025 O OE1  . GLU A 1 63 ? -22.262 -4.730  -5.656  1.00 2.99  ? 63 GLU A OE1  1 
ATOM   1026 O OE2  . GLU A 1 63 ? -23.270 -5.424  -3.884  1.00 3.45  ? 63 GLU A OE2  1 
ATOM   1027 H H    . GLU A 1 63 ? -17.347 -2.271  -3.575  1.00 1.92  ? 63 GLU A H    1 
ATOM   1028 H HA   . GLU A 1 63 ? -18.897 -3.928  -2.822  1.00 1.74  ? 63 GLU A HA   1 
ATOM   1029 H HB2  . GLU A 1 63 ? -20.402 -2.478  -4.534  1.00 2.10  ? 63 GLU A HB2  1 
ATOM   1030 H HB3  . GLU A 1 63 ? -20.282 -3.972  -5.464  1.00 2.12  ? 63 GLU A HB3  1 
ATOM   1031 H HG2  . GLU A 1 63 ? -20.814 -4.943  -2.959  1.00 3.06  ? 63 GLU A HG2  1 
ATOM   1032 H HG3  . GLU A 1 63 ? -21.729 -3.435  -2.948  1.00 2.86  ? 63 GLU A HG3  1 
ATOM   1033 N N    . SER A 1 64 ? -16.949 -4.869  -4.957  1.00 1.61  ? 64 SER A N    1 
ATOM   1034 C CA   . SER A 1 64 ? -16.244 -6.012  -5.594  1.00 1.67  ? 64 SER A CA   1 
ATOM   1035 C C    . SER A 1 64 ? -15.002 -6.383  -4.782  1.00 1.57  ? 64 SER A C    1 
ATOM   1036 O O    . SER A 1 64 ? -14.224 -5.531  -4.399  1.00 1.77  ? 64 SER A O    1 
ATOM   1037 C CB   . SER A 1 64 ? -15.849 -5.518  -6.984  1.00 1.71  ? 64 SER A CB   1 
ATOM   1038 O OG   . SER A 1 64 ? -15.834 -6.618  -7.884  1.00 2.19  ? 64 SER A OG   1 
ATOM   1039 H H    . SER A 1 64 ? -16.490 -4.010  -4.850  1.00 1.64  ? 64 SER A H    1 
ATOM   1040 H HA   . SER A 1 64 ? -16.906 -6.854  -5.676  1.00 1.79  ? 64 SER A HA   1 
ATOM   1041 H HB2  . SER A 1 64 ? -16.562 -4.789  -7.327  1.00 1.85  ? 64 SER A HB2  1 
ATOM   1042 H HB3  . SER A 1 64 ? -14.867 -5.065  -6.938  1.00 1.72  ? 64 SER A HB3  1 
ATOM   1043 H HG   . SER A 1 64 ? -16.002 -6.282  -8.767  1.00 2.52  ? 64 SER A HG   1 
ATOM   1044 N N    . GLU A 1 65 ? -14.813 -7.647  -4.514  1.00 1.54  ? 65 GLU A N    1 
ATOM   1045 C CA   . GLU A 1 65 ? -13.623 -8.078  -3.722  1.00 1.44  ? 65 GLU A CA   1 
ATOM   1046 C C    . GLU A 1 65 ? -12.411 -7.196  -4.042  1.00 1.29  ? 65 GLU A C    1 
ATOM   1047 O O    . GLU A 1 65 ? -12.303 -6.644  -5.116  1.00 1.36  ? 65 GLU A O    1 
ATOM   1048 C CB   . GLU A 1 65 ? -13.364 -9.520  -4.154  1.00 1.58  ? 65 GLU A CB   1 
ATOM   1049 C CG   . GLU A 1 65 ? -13.444 -9.619  -5.679  1.00 2.07  ? 65 GLU A CG   1 
ATOM   1050 C CD   . GLU A 1 65 ? -12.986 -11.008 -6.126  1.00 2.39  ? 65 GLU A CD   1 
ATOM   1051 O OE1  . GLU A 1 65 ? -12.619 -11.794 -5.268  1.00 2.62  ? 65 GLU A OE1  1 
ATOM   1052 O OE2  . GLU A 1 65 ? -13.008 -11.263 -7.319  1.00 2.94  ? 65 GLU A OE2  1 
ATOM   1053 H H    . GLU A 1 65 ? -15.455 -8.315  -4.832  1.00 1.77  ? 65 GLU A H    1 
ATOM   1054 H HA   . GLU A 1 65 ? -13.843 -8.046  -2.667  1.00 1.43  ? 65 GLU A HA   1 
ATOM   1055 H HB2  . GLU A 1 65 ? -12.381 -9.822  -3.823  1.00 1.78  ? 65 GLU A HB2  1 
ATOM   1056 H HB3  . GLU A 1 65 ? -14.108 -10.167 -3.713  1.00 1.85  ? 65 GLU A HB3  1 
ATOM   1057 H HG2  . GLU A 1 65 ? -14.464 -9.456  -5.997  1.00 2.47  ? 65 GLU A HG2  1 
ATOM   1058 H HG3  . GLU A 1 65 ? -12.805 -8.871  -6.123  1.00 2.47  ? 65 GLU A HG3  1 
ATOM   1059 N N    . GLU A 1 66 ? -11.515 -7.057  -3.101  1.00 1.14  ? 66 GLU A N    1 
ATOM   1060 C CA   . GLU A 1 66 ? -10.300 -6.207  -3.306  1.00 1.00  ? 66 GLU A CA   1 
ATOM   1061 C C    . GLU A 1 66 ? -9.653  -6.429  -4.682  1.00 1.04  ? 66 GLU A C    1 
ATOM   1062 O O    . GLU A 1 66 ? -8.544  -6.923  -4.788  1.00 1.04  ? 66 GLU A O    1 
ATOM   1063 C CB   . GLU A 1 66 ? -9.346  -6.646  -2.197  1.00 0.95  ? 66 GLU A CB   1 
ATOM   1064 C CG   . GLU A 1 66 ? -9.244  -8.173  -2.184  1.00 1.44  ? 66 GLU A CG   1 
ATOM   1065 C CD   . GLU A 1 66 ? -9.366  -8.679  -0.745  1.00 1.72  ? 66 GLU A CD   1 
ATOM   1066 O OE1  . GLU A 1 66 ? -9.198  -7.878  0.160   1.00 2.20  ? 66 GLU A OE1  1 
ATOM   1067 O OE2  . GLU A 1 66 ? -9.625  -9.858  -0.572  1.00 2.25  ? 66 GLU A OE2  1 
ATOM   1068 H H    . GLU A 1 66 ? -11.645 -7.505  -2.237  1.00 1.18  ? 66 GLU A H    1 
ATOM   1069 H HA   . GLU A 1 66 ? -10.546 -5.168  -3.181  1.00 0.94  ? 66 GLU A HA   1 
ATOM   1070 H HB2  . GLU A 1 66 ? -8.371  -6.222  -2.375  1.00 1.15  ? 66 GLU A HB2  1 
ATOM   1071 H HB3  . GLU A 1 66 ? -9.719  -6.304  -1.245  1.00 1.20  ? 66 GLU A HB3  1 
ATOM   1072 H HG2  . GLU A 1 66 ? -10.040 -8.592  -2.782  1.00 1.99  ? 66 GLU A HG2  1 
ATOM   1073 H HG3  . GLU A 1 66 ? -8.292  -8.474  -2.590  1.00 1.86  ? 66 GLU A HG3  1 
ATOM   1074 N N    . GLU A 1 67 ? -10.315 -6.035  -5.735  1.00 1.13  ? 67 GLU A N    1 
ATOM   1075 C CA   . GLU A 1 67 ? -9.716  -6.198  -7.087  1.00 1.22  ? 67 GLU A CA   1 
ATOM   1076 C C    . GLU A 1 67 ? -8.465  -5.324  -7.187  1.00 1.10  ? 67 GLU A C    1 
ATOM   1077 O O    . GLU A 1 67 ? -7.424  -5.753  -7.649  1.00 1.10  ? 67 GLU A O    1 
ATOM   1078 C CB   . GLU A 1 67 ? -10.793 -5.718  -8.062  1.00 1.36  ? 67 GLU A CB   1 
ATOM   1079 C CG   . GLU A 1 67 ? -10.704 -6.521  -9.360  1.00 1.57  ? 67 GLU A CG   1 
ATOM   1080 C CD   . GLU A 1 67 ? -11.076 -7.979  -9.085  1.00 1.73  ? 67 GLU A CD   1 
ATOM   1081 O OE1  . GLU A 1 67 ? -12.259 -8.278  -9.087  1.00 2.20  ? 67 GLU A OE1  1 
ATOM   1082 O OE2  . GLU A 1 67 ? -10.172 -8.772  -8.876  1.00 2.28  ? 67 GLU A OE2  1 
ATOM   1083 H H    . GLU A 1 67 ? -11.193 -5.613  -5.634  1.00 1.17  ? 67 GLU A H    1 
ATOM   1084 H HA   . GLU A 1 67 ? -9.476  -7.233  -7.276  1.00 1.29  ? 67 GLU A HA   1 
ATOM   1085 H HB2  . GLU A 1 67 ? -11.768 -5.857  -7.617  1.00 1.46  ? 67 GLU A HB2  1 
ATOM   1086 H HB3  . GLU A 1 67 ? -10.642 -4.671  -8.277  1.00 1.39  ? 67 GLU A HB3  1 
ATOM   1087 H HG2  . GLU A 1 67 ? -11.387 -6.106  -10.088 1.00 2.05  ? 67 GLU A HG2  1 
ATOM   1088 H HG3  . GLU A 1 67 ? -9.696  -6.475  -9.744  1.00 1.85  ? 67 GLU A HG3  1 
ATOM   1089 N N    . ARG A 1 68 ? -8.555  -4.102  -6.736  1.00 1.04  ? 68 ARG A N    1 
ATOM   1090 C CA   . ARG A 1 68 ? -7.371  -3.202  -6.783  1.00 0.97  ? 68 ARG A CA   1 
ATOM   1091 C C    . ARG A 1 68 ? -6.254  -3.787  -5.916  1.00 0.85  ? 68 ARG A C    1 
ATOM   1092 O O    . ARG A 1 68 ? -5.123  -3.902  -6.341  1.00 0.84  ? 68 ARG A O    1 
ATOM   1093 C CB   . ARG A 1 68 ? -7.855  -1.869  -6.215  1.00 0.95  ? 68 ARG A CB   1 
ATOM   1094 C CG   . ARG A 1 68 ? -9.034  -1.357  -7.046  1.00 1.08  ? 68 ARG A CG   1 
ATOM   1095 C CD   . ARG A 1 68 ? -8.549  -0.267  -8.004  1.00 1.46  ? 68 ARG A CD   1 
ATOM   1096 N NE   . ARG A 1 68 ? -9.626  -0.147  -9.025  1.00 1.58  ? 68 ARG A NE   1 
ATOM   1097 C CZ   . ARG A 1 68 ? -9.334  -0.233  -10.294 1.00 1.89  ? 68 ARG A CZ   1 
ATOM   1098 N NH1  . ARG A 1 68 ? -8.215  0.267   -10.742 1.00 2.21  ? 68 ARG A NH1  1 
ATOM   1099 N NH2  . ARG A 1 68 ? -10.161 -0.819  -11.116 1.00 2.46  ? 68 ARG A NH2  1 
ATOM   1100 H H    . ARG A 1 68 ? -9.399  -3.781  -6.355  1.00 1.08  ? 68 ARG A H    1 
ATOM   1101 H HA   . ARG A 1 68 ? -7.033  -3.074  -7.800  1.00 1.04  ? 68 ARG A HA   1 
ATOM   1102 H HB2  . ARG A 1 68 ? -8.170  -2.008  -5.191  1.00 0.99  ? 68 ARG A HB2  1 
ATOM   1103 H HB3  . ARG A 1 68 ? -7.052  -1.148  -6.252  1.00 1.12  ? 68 ARG A HB3  1 
ATOM   1104 H HG2  . ARG A 1 68 ? -9.454  -2.175  -7.613  1.00 1.55  ? 68 ARG A HG2  1 
ATOM   1105 H HG3  . ARG A 1 68 ? -9.787  -0.948  -6.390  1.00 1.61  ? 68 ARG A HG3  1 
ATOM   1106 H HD2  . ARG A 1 68 ? -8.423  0.668   -7.474  1.00 2.10  ? 68 ARG A HD2  1 
ATOM   1107 H HD3  . ARG A 1 68 ? -7.624  -0.562  -8.474  1.00 1.99  ? 68 ARG A HD3  1 
ATOM   1108 H HE   . ARG A 1 68 ? -10.553 -0.003  -8.745  1.00 2.00  ? 68 ARG A HE   1 
ATOM   1109 H HH11 . ARG A 1 68 ? -7.581  0.718   -10.113 1.00 2.33  ? 68 ARG A HH11 1 
ATOM   1110 H HH12 . ARG A 1 68 ? -7.991  0.202   -11.715 1.00 2.66  ? 68 ARG A HH12 1 
ATOM   1111 H HH21 . ARG A 1 68 ? -11.019 -1.203  -10.773 1.00 2.66  ? 68 ARG A HH21 1 
ATOM   1112 H HH22 . ARG A 1 68 ? -9.938  -0.885  -12.088 1.00 2.95  ? 68 ARG A HH22 1 
ATOM   1113 N N    . SER A 1 69 ? -6.567  -4.173  -4.707  1.00 0.80  ? 69 SER A N    1 
ATOM   1114 C CA   . SER A 1 69 ? -5.518  -4.765  -3.830  1.00 0.75  ? 69 SER A CA   1 
ATOM   1115 C C    . SER A 1 69 ? -4.758  -5.828  -4.616  1.00 0.83  ? 69 SER A C    1 
ATOM   1116 O O    . SER A 1 69 ? -3.569  -6.001  -4.456  1.00 0.88  ? 69 SER A O    1 
ATOM   1117 C CB   . SER A 1 69 ? -6.270  -5.392  -2.661  1.00 0.80  ? 69 SER A CB   1 
ATOM   1118 O OG   . SER A 1 69 ? -6.445  -6.782  -2.908  1.00 1.42  ? 69 SER A OG   1 
ATOM   1119 H H    . SER A 1 69 ? -7.488  -4.084  -4.383  1.00 0.83  ? 69 SER A H    1 
ATOM   1120 H HA   . SER A 1 69 ? -4.846  -4.001  -3.475  1.00 0.68  ? 69 SER A HA   1 
ATOM   1121 H HB2  . SER A 1 69 ? -5.704  -5.261  -1.754  1.00 1.18  ? 69 SER A HB2  1 
ATOM   1122 H HB3  . SER A 1 69 ? -7.231  -4.911  -2.556  1.00 1.20  ? 69 SER A HB3  1 
ATOM   1123 H HG   . SER A 1 69 ? -6.818  -6.883  -3.786  1.00 1.81  ? 69 SER A HG   1 
ATOM   1124 N N    . ARG A 1 70 ? -5.431  -6.535  -5.478  1.00 0.91  ? 70 ARG A N    1 
ATOM   1125 C CA   . ARG A 1 70 ? -4.720  -7.563  -6.283  1.00 1.03  ? 70 ARG A CA   1 
ATOM   1126 C C    . ARG A 1 70 ? -3.846  -6.861  -7.327  1.00 1.04  ? 70 ARG A C    1 
ATOM   1127 O O    . ARG A 1 70 ? -2.778  -7.326  -7.674  1.00 1.10  ? 70 ARG A O    1 
ATOM   1128 C CB   . ARG A 1 70 ? -5.817  -8.392  -6.948  1.00 1.21  ? 70 ARG A CB   1 
ATOM   1129 C CG   . ARG A 1 70 ? -5.839  -9.787  -6.322  1.00 1.32  ? 70 ARG A CG   1 
ATOM   1130 C CD   . ARG A 1 70 ? -6.917  -10.636 -7.001  1.00 1.56  ? 70 ARG A CD   1 
ATOM   1131 N NE   . ARG A 1 70 ? -6.483  -12.045 -6.795  1.00 1.84  ? 70 ARG A NE   1 
ATOM   1132 C CZ   . ARG A 1 70 ? -7.048  -13.007 -7.472  1.00 2.36  ? 70 ARG A CZ   1 
ATOM   1133 N NH1  . ARG A 1 70 ? -6.792  -13.149 -8.744  1.00 2.89  ? 70 ARG A NH1  1 
ATOM   1134 N NH2  . ARG A 1 70 ? -7.869  -13.829 -6.876  1.00 2.83  ? 70 ARG A NH2  1 
ATOM   1135 H H    . ARG A 1 70 ? -6.396  -6.381  -5.605  1.00 0.93  ? 70 ARG A H    1 
ATOM   1136 H HA   . ARG A 1 70 ? -4.116  -8.189  -5.644  1.00 1.04  ? 70 ARG A HA   1 
ATOM   1137 H HB2  . ARG A 1 70 ? -6.773  -7.911  -6.798  1.00 1.20  ? 70 ARG A HB2  1 
ATOM   1138 H HB3  . ARG A 1 70 ? -5.616  -8.477  -8.005  1.00 1.31  ? 70 ARG A HB3  1 
ATOM   1139 H HG2  . ARG A 1 70 ? -4.873  -10.256 -6.453  1.00 1.37  ? 70 ARG A HG2  1 
ATOM   1140 H HG3  . ARG A 1 70 ? -6.058  -9.706  -5.267  1.00 1.33  ? 70 ARG A HG3  1 
ATOM   1141 H HD2  . ARG A 1 70 ? -7.878  -10.464 -6.535  1.00 1.92  ? 70 ARG A HD2  1 
ATOM   1142 H HD3  . ARG A 1 70 ? -6.963  -10.413 -8.055  1.00 1.95  ? 70 ARG A HD3  1 
ATOM   1143 H HE   . ARG A 1 70 ? -5.772  -12.250 -6.152  1.00 2.17  ? 70 ARG A HE   1 
ATOM   1144 H HH11 . ARG A 1 70 ? -6.164  -12.519 -9.200  1.00 2.99  ? 70 ARG A HH11 1 
ATOM   1145 H HH12 . ARG A 1 70 ? -7.225  -13.886 -9.262  1.00 3.44  ? 70 ARG A HH12 1 
ATOM   1146 H HH21 . ARG A 1 70 ? -8.065  -13.721 -5.901  1.00 2.92  ? 70 ARG A HH21 1 
ATOM   1147 H HH22 . ARG A 1 70 ? -8.302  -14.566 -7.394  1.00 3.37  ? 70 ARG A HH22 1 
ATOM   1148 N N    . LYS A 1 71 ? -4.285  -5.727  -7.815  1.00 1.01  ? 71 LYS A N    1 
ATOM   1149 C CA   . LYS A 1 71 ? -3.466  -4.984  -8.819  1.00 1.07  ? 71 LYS A CA   1 
ATOM   1150 C C    . LYS A 1 71 ? -2.123  -4.597  -8.192  1.00 0.98  ? 71 LYS A C    1 
ATOM   1151 O O    . LYS A 1 71 ? -1.067  -4.953  -8.685  1.00 1.04  ? 71 LYS A O    1 
ATOM   1152 C CB   . LYS A 1 71 ? -4.282  -3.737  -9.158  1.00 1.08  ? 71 LYS A CB   1 
ATOM   1153 C CG   . LYS A 1 71 ? -3.832  -3.185  -10.512 1.00 1.52  ? 71 LYS A CG   1 
ATOM   1154 C CD   . LYS A 1 71 ? -5.057  -2.747  -11.317 1.00 2.15  ? 71 LYS A CD   1 
ATOM   1155 C CE   . LYS A 1 71 ? -4.606  -1.937  -12.535 1.00 2.85  ? 71 LYS A CE   1 
ATOM   1156 N NZ   . LYS A 1 71 ? -5.176  -2.657  -13.708 1.00 3.65  ? 71 LYS A NZ   1 
ATOM   1157 H H    . LYS A 1 71 ? -5.143  -5.360  -7.511  1.00 0.97  ? 71 LYS A H    1 
ATOM   1158 H HA   . LYS A 1 71 ? -3.314  -5.583  -9.704  1.00 1.20  ? 71 LYS A HA   1 
ATOM   1159 H HB2  . LYS A 1 71 ? -5.331  -3.994  -9.204  1.00 1.08  ? 71 LYS A HB2  1 
ATOM   1160 H HB3  . LYS A 1 71 ? -4.128  -2.987  -8.397  1.00 1.07  ? 71 LYS A HB3  1 
ATOM   1161 H HG2  . LYS A 1 71 ? -3.181  -2.338  -10.356 1.00 1.99  ? 71 LYS A HG2  1 
ATOM   1162 H HG3  . LYS A 1 71 ? -3.303  -3.953  -11.056 1.00 1.88  ? 71 LYS A HG3  1 
ATOM   1163 H HD2  . LYS A 1 71 ? -5.603  -3.619  -11.647 1.00 2.51  ? 71 LYS A HD2  1 
ATOM   1164 H HD3  . LYS A 1 71 ? -5.696  -2.135  -10.698 1.00 2.62  ? 71 LYS A HD3  1 
ATOM   1165 H HE2  . LYS A 1 71 ? -4.997  -0.930  -12.482 1.00 3.27  ? 71 LYS A HE2  1 
ATOM   1166 H HE3  . LYS A 1 71 ? -3.529  -1.921  -12.599 1.00 2.99  ? 71 LYS A HE3  1 
ATOM   1167 H HZ1  . LYS A 1 71 ? -6.172  -2.888  -13.522 1.00 4.14  ? 71 LYS A HZ1  1 
ATOM   1168 H HZ2  . LYS A 1 71 ? -4.640  -3.534  -13.871 1.00 3.83  ? 71 LYS A HZ2  1 
ATOM   1169 H HZ3  . LYS A 1 71 ? -5.114  -2.052  -14.551 1.00 3.99  ? 71 LYS A HZ3  1 
ATOM   1170 N N    . ILE A 1 72 ? -2.152  -3.892  -7.091  1.00 0.87  ? 72 ILE A N    1 
ATOM   1171 C CA   . ILE A 1 72 ? -0.869  -3.524  -6.432  1.00 0.86  ? 72 ILE A CA   1 
ATOM   1172 C C    . ILE A 1 72 ? -0.046  -4.794  -6.252  1.00 0.86  ? 72 ILE A C    1 
ATOM   1173 O O    . ILE A 1 72 ? 1.149   -4.815  -6.467  1.00 0.90  ? 72 ILE A O    1 
ATOM   1174 C CB   . ILE A 1 72 ? -1.242  -2.931  -5.074  1.00 0.90  ? 72 ILE A CB   1 
ATOM   1175 C CG1  . ILE A 1 72 ? -2.309  -3.801  -4.413  1.00 0.95  ? 72 ILE A CG1  1 
ATOM   1176 C CG2  . ILE A 1 72 ? -1.774  -1.509  -5.258  1.00 1.34  ? 72 ILE A CG2  1 
ATOM   1177 C CD1  . ILE A 1 72 ? -1.635  -4.789  -3.460  1.00 1.56  ? 72 ILE A CD1  1 
ATOM   1178 H H    . ILE A 1 72 ? -3.006  -3.628  -6.694  1.00 0.85  ? 72 ILE A H    1 
ATOM   1179 H HA   . ILE A 1 72 ? -0.332  -2.803  -7.024  1.00 0.91  ? 72 ILE A HA   1 
ATOM   1180 H HB   . ILE A 1 72 ? -0.363  -2.903  -4.447  1.00 1.22  ? 72 ILE A HB   1 
ATOM   1181 H HG12 . ILE A 1 72 ? -2.993  -3.175  -3.861  1.00 1.18  ? 72 ILE A HG12 1 
ATOM   1182 H HG13 . ILE A 1 72 ? -2.851  -4.345  -5.168  1.00 1.48  ? 72 ILE A HG13 1 
ATOM   1183 H HG21 . ILE A 1 72 ? -2.810  -1.470  -4.952  1.00 1.85  ? 72 ILE A HG21 1 
ATOM   1184 H HG22 . ILE A 1 72 ? -1.694  -1.225  -6.297  1.00 1.78  ? 72 ILE A HG22 1 
ATOM   1185 H HG23 . ILE A 1 72 ? -1.195  -0.828  -4.652  1.00 1.78  ? 72 ILE A HG23 1 
ATOM   1186 H HD11 . ILE A 1 72 ? -1.547  -5.750  -3.942  1.00 2.00  ? 72 ILE A HD11 1 
ATOM   1187 H HD12 . ILE A 1 72 ? -2.231  -4.888  -2.569  1.00 2.08  ? 72 ILE A HD12 1 
ATOM   1188 H HD13 . ILE A 1 72 ? -0.652  -4.424  -3.201  1.00 2.06  ? 72 ILE A HD13 1 
ATOM   1189 N N    . GLN A 1 73 ? -0.694  -5.865  -5.881  1.00 0.88  ? 73 GLN A N    1 
ATOM   1190 C CA   . GLN A 1 73 ? 0.032   -7.150  -5.714  1.00 0.98  ? 73 GLN A CA   1 
ATOM   1191 C C    . GLN A 1 73 ? 0.634   -7.532  -7.061  1.00 1.06  ? 73 GLN A C    1 
ATOM   1192 O O    . GLN A 1 73 ? 1.589   -8.272  -7.144  1.00 1.16  ? 73 GLN A O    1 
ATOM   1193 C CB   . GLN A 1 73 ? -1.031  -8.163  -5.286  1.00 1.05  ? 73 GLN A CB   1 
ATOM   1194 C CG   . GLN A 1 73 ? -0.482  -9.033  -4.153  1.00 1.30  ? 73 GLN A CG   1 
ATOM   1195 C CD   . GLN A 1 73 ? 0.066   -10.339 -4.732  1.00 1.85  ? 73 GLN A CD   1 
ATOM   1196 O OE1  . GLN A 1 73 ? -0.352  -11.412 -4.343  1.00 2.66  ? 73 GLN A OE1  1 
ATOM   1197 N NE2  . GLN A 1 73 ? 0.992   -10.294 -5.651  1.00 2.35  ? 73 GLN A NE2  1 
ATOM   1198 H H    . GLN A 1 73 ? -1.663  -5.828  -5.734  1.00 0.87  ? 73 GLN A H    1 
ATOM   1199 H HA   . GLN A 1 73 ? 0.799   -7.063  -4.960  1.00 1.00  ? 73 GLN A HA   1 
ATOM   1200 H HB2  . GLN A 1 73 ? -1.911  -7.638  -4.944  1.00 1.16  ? 73 GLN A HB2  1 
ATOM   1201 H HB3  . GLN A 1 73 ? -1.289  -8.790  -6.126  1.00 1.32  ? 73 GLN A HB3  1 
ATOM   1202 H HG2  . GLN A 1 73 ? 0.309   -8.503  -3.644  1.00 1.73  ? 73 GLN A HG2  1 
ATOM   1203 H HG3  . GLN A 1 73 ? -1.275  -9.257  -3.456  1.00 1.87  ? 73 GLN A HG3  1 
ATOM   1204 H HE21 . GLN A 1 73 ? 1.328   -9.429  -5.963  1.00 2.45  ? 73 GLN A HE21 1 
ATOM   1205 H HE22 . GLN A 1 73 ? 1.349   -11.124 -6.028  1.00 3.05  ? 73 GLN A HE22 1 
ATOM   1206 N N    . GLY A 1 74 ? 0.077   -7.008  -8.119  1.00 1.07  ? 74 GLY A N    1 
ATOM   1207 C CA   . GLY A 1 74 ? 0.611   -7.310  -9.471  1.00 1.21  ? 74 GLY A CA   1 
ATOM   1208 C C    . GLY A 1 74 ? 1.973   -6.634  -9.616  1.00 1.19  ? 74 GLY A C    1 
ATOM   1209 O O    . GLY A 1 74 ? 2.940   -7.247  -10.020 1.00 1.27  ? 74 GLY A O    1 
ATOM   1210 H H    . GLY A 1 74 ? -0.688  -6.403  -8.018  1.00 1.02  ? 74 GLY A H    1 
ATOM   1211 H HA2  . GLY A 1 74 ? 0.719   -8.380  -9.588  1.00 1.32  ? 74 GLY A HA2  1 
ATOM   1212 H HA3  . GLY A 1 74 ? -0.061  -6.928  -10.223 1.00 1.27  ? 74 GLY A HA3  1 
ATOM   1213 N N    . LEU A 1 75 ? 2.061   -5.374  -9.276  1.00 1.11  ? 75 LEU A N    1 
ATOM   1214 C CA   . LEU A 1 75 ? 3.377   -4.677  -9.386  1.00 1.14  ? 75 LEU A CA   1 
ATOM   1215 C C    . LEU A 1 75 ? 4.277   -5.073  -8.212  1.00 1.09  ? 75 LEU A C    1 
ATOM   1216 O O    . LEU A 1 75 ? 5.478   -5.197  -8.350  1.00 1.21  ? 75 LEU A O    1 
ATOM   1217 C CB   . LEU A 1 75 ? 3.056   -3.185  -9.336  1.00 1.12  ? 75 LEU A CB   1 
ATOM   1218 C CG   . LEU A 1 75 ? 4.353   -2.383  -9.172  1.00 1.19  ? 75 LEU A CG   1 
ATOM   1219 C CD1  . LEU A 1 75 ? 4.304   -1.145  -10.069 1.00 1.78  ? 75 LEU A CD1  1 
ATOM   1220 C CD2  . LEU A 1 75 ? 4.502   -1.947  -7.714  1.00 1.61  ? 75 LEU A CD2  1 
ATOM   1221 H H    . LEU A 1 75 ? 1.265   -4.891  -8.941  1.00 1.06  ? 75 LEU A H    1 
ATOM   1222 H HA   . LEU A 1 75 ? 3.852   -4.920  -10.321 1.00 1.25  ? 75 LEU A HA   1 
ATOM   1223 H HB2  . LEU A 1 75 ? 2.563   -2.892  -10.252 1.00 1.21  ? 75 LEU A HB2  1 
ATOM   1224 H HB3  . LEU A 1 75 ? 2.407   -2.987  -8.500  1.00 1.05  ? 75 LEU A HB3  1 
ATOM   1225 H HG   . LEU A 1 75 ? 5.197   -2.997  -9.453  1.00 1.25  ? 75 LEU A HG   1 
ATOM   1226 H HD11 . LEU A 1 75 ? 4.322   -0.256  -9.457  1.00 2.24  ? 75 LEU A HD11 1 
ATOM   1227 H HD12 . LEU A 1 75 ? 3.397   -1.161  -10.654 1.00 2.24  ? 75 LEU A HD12 1 
ATOM   1228 H HD13 . LEU A 1 75 ? 5.159   -1.146  -10.729 1.00 2.15  ? 75 LEU A HD13 1 
ATOM   1229 H HD21 . LEU A 1 75 ? 5.070   -1.030  -7.668  1.00 2.20  ? 75 LEU A HD21 1 
ATOM   1230 H HD22 . LEU A 1 75 ? 5.017   -2.717  -7.158  1.00 2.00  ? 75 LEU A HD22 1 
ATOM   1231 H HD23 . LEU A 1 75 ? 3.524   -1.786  -7.284  1.00 1.92  ? 75 LEU A HD23 1 
ATOM   1232 N N    . LEU A 1 76 ? 3.699   -5.279  -7.061  1.00 0.96  ? 76 LEU A N    1 
ATOM   1233 C CA   . LEU A 1 76 ? 4.511   -5.676  -5.874  1.00 0.97  ? 76 LEU A CA   1 
ATOM   1234 C C    . LEU A 1 76 ? 4.613   -7.202  -5.798  1.00 1.05  ? 76 LEU A C    1 
ATOM   1235 O O    . LEU A 1 76 ? 5.359   -7.744  -5.009  1.00 1.12  ? 76 LEU A O    1 
ATOM   1236 C CB   . LEU A 1 76 ? 3.745   -5.128  -4.669  1.00 0.93  ? 76 LEU A CB   1 
ATOM   1237 C CG   . LEU A 1 76 ? 4.579   -4.046  -3.983  1.00 0.96  ? 76 LEU A CG   1 
ATOM   1238 C CD1  . LEU A 1 76 ? 4.528   -2.761  -4.812  1.00 0.99  ? 76 LEU A CD1  1 
ATOM   1239 C CD2  . LEU A 1 76 ? 4.011   -3.776  -2.588  1.00 0.96  ? 76 LEU A CD2  1 
ATOM   1240 H H    . LEU A 1 76 ? 2.729   -5.178  -6.976  1.00 0.90  ? 76 LEU A H    1 
ATOM   1241 H HA   . LEU A 1 76 ? 5.493   -5.233  -5.921  1.00 1.02  ? 76 LEU A HA   1 
ATOM   1242 H HB2  . LEU A 1 76 ? 2.808   -4.707  -5.001  1.00 0.89  ? 76 LEU A HB2  1 
ATOM   1243 H HB3  . LEU A 1 76 ? 3.554   -5.929  -3.970  1.00 0.97  ? 76 LEU A HB3  1 
ATOM   1244 H HG   . LEU A 1 76 ? 5.603   -4.379  -3.900  1.00 1.05  ? 76 LEU A HG   1 
ATOM   1245 H HD11 . LEU A 1 76 ? 3.911   -2.919  -5.683  1.00 1.51  ? 76 LEU A HD11 1 
ATOM   1246 H HD12 . LEU A 1 76 ? 5.527   -2.492  -5.123  1.00 1.38  ? 76 LEU A HD12 1 
ATOM   1247 H HD13 . LEU A 1 76 ? 4.110   -1.963  -4.214  1.00 1.39  ? 76 LEU A HD13 1 
ATOM   1248 H HD21 . LEU A 1 76 ? 4.419   -4.490  -1.889  1.00 1.16  ? 76 LEU A HD21 1 
ATOM   1249 H HD22 . LEU A 1 76 ? 2.935   -3.869  -2.613  1.00 1.44  ? 76 LEU A HD22 1 
ATOM   1250 H HD23 . LEU A 1 76 ? 4.278   -2.776  -2.278  1.00 1.25  ? 76 LEU A HD23 1 
ATOM   1251 N N    . LYS A 1 77 ? 3.855   -7.890  -6.612  1.00 1.09  ? 77 LYS A N    1 
ATOM   1252 C CA   . LYS A 1 77 ? 3.885   -9.385  -6.599  1.00 1.21  ? 77 LYS A CA   1 
ATOM   1253 C C    . LYS A 1 77 ? 5.266   -9.892  -6.185  1.00 1.29  ? 77 LYS A C    1 
ATOM   1254 O O    . LYS A 1 77 ? 5.391   -10.846 -5.443  1.00 1.38  ? 77 LYS A O    1 
ATOM   1255 C CB   . LYS A 1 77 ? 3.574   -9.799  -8.039  1.00 1.31  ? 77 LYS A CB   1 
ATOM   1256 C CG   . LYS A 1 77 ? 4.002   -11.251 -8.260  1.00 1.91  ? 77 LYS A CG   1 
ATOM   1257 C CD   . LYS A 1 77 ? 3.484   -11.735 -9.616  1.00 2.43  ? 77 LYS A CD   1 
ATOM   1258 C CE   . LYS A 1 77 ? 4.167   -13.054 -9.983  1.00 2.84  ? 77 LYS A CE   1 
ATOM   1259 N NZ   . LYS A 1 77 ? 3.108   -13.861 -10.652 1.00 3.39  ? 77 LYS A NZ   1 
ATOM   1260 H H    . LYS A 1 77 ? 3.260   -7.421  -7.233  1.00 1.07  ? 77 LYS A H    1 
ATOM   1261 H HA   . LYS A 1 77 ? 3.127   -9.771  -5.936  1.00 1.23  ? 77 LYS A HA   1 
ATOM   1262 H HB2  . LYS A 1 77 ? 2.514   -9.705  -8.222  1.00 1.59  ? 77 LYS A HB2  1 
ATOM   1263 H HB3  . LYS A 1 77 ? 4.114   -9.160  -8.722  1.00 1.48  ? 77 LYS A HB3  1 
ATOM   1264 H HG2  . LYS A 1 77 ? 5.081   -11.316 -8.241  1.00 2.45  ? 77 LYS A HG2  1 
ATOM   1265 H HG3  . LYS A 1 77 ? 3.590   -11.871 -7.478  1.00 2.35  ? 77 LYS A HG3  1 
ATOM   1266 H HD2  . LYS A 1 77 ? 2.415   -11.884 -9.561  1.00 2.75  ? 77 LYS A HD2  1 
ATOM   1267 H HD3  . LYS A 1 77 ? 3.705   -10.995 -10.370 1.00 2.88  ? 77 LYS A HD3  1 
ATOM   1268 H HE2  . LYS A 1 77 ? 4.991   -12.874 -10.660 1.00 3.10  ? 77 LYS A HE2  1 
ATOM   1269 H HE3  . LYS A 1 77 ? 4.510   -13.560 -9.095  1.00 3.07  ? 77 LYS A HE3  1 
ATOM   1270 H HZ1  . LYS A 1 77 ? 2.607   -13.269 -11.346 1.00 3.59  ? 77 LYS A HZ1  1 
ATOM   1271 H HZ2  . LYS A 1 77 ? 2.434   -14.207 -9.940  1.00 3.78  ? 77 LYS A HZ2  1 
ATOM   1272 H HZ3  . LYS A 1 77 ? 3.544   -14.668 -11.140 1.00 3.73  ? 77 LYS A HZ3  1 
ATOM   1273 N N    . SER A 1 78 ? 6.303   -9.263  -6.659  1.00 1.30  ? 78 SER A N    1 
ATOM   1274 C CA   . SER A 1 78 ? 7.674   -9.709  -6.292  1.00 1.40  ? 78 SER A CA   1 
ATOM   1275 C C    . SER A 1 78 ? 7.773   -9.930  -4.779  1.00 1.42  ? 78 SER A C    1 
ATOM   1276 O O    . SER A 1 78 ? 8.041   -11.023 -4.321  1.00 1.53  ? 78 SER A O    1 
ATOM   1277 C CB   . SER A 1 78 ? 8.589   -8.568  -6.726  1.00 1.43  ? 78 SER A CB   1 
ATOM   1278 O OG   . SER A 1 78 ? 9.364   -8.986  -7.843  1.00 1.61  ? 78 SER A OG   1 
ATOM   1279 H H    . SER A 1 78 ? 6.180   -8.496  -7.256  1.00 1.26  ? 78 SER A H    1 
ATOM   1280 H HA   . SER A 1 78 ? 7.932   -10.612 -6.823  1.00 1.50  ? 78 SER A HA   1 
ATOM   1281 H HB2  . SER A 1 78 ? 7.995   -7.714  -7.007  1.00 1.47  ? 78 SER A HB2  1 
ATOM   1282 H HB3  . SER A 1 78 ? 9.237   -8.298  -5.905  1.00 1.57  ? 78 SER A HB3  1 
ATOM   1283 H HG   . SER A 1 78 ? 9.051   -8.510  -8.615  1.00 1.93  ? 78 SER A HG   1 
ATOM   1284 N N    . CYS A 1 79 ? 7.560   -8.901  -4.002  1.00 1.36  ? 79 CYS A N    1 
ATOM   1285 C CA   . CYS A 1 79 ? 7.648   -9.053  -2.519  1.00 1.44  ? 79 CYS A CA   1 
ATOM   1286 C C    . CYS A 1 79 ? 9.027   -9.597  -2.134  1.00 1.60  ? 79 CYS A C    1 
ATOM   1287 O O    . CYS A 1 79 ? 9.491   -10.582 -2.674  1.00 1.85  ? 79 CYS A O    1 
ATOM   1288 C CB   . CYS A 1 79 ? 6.544   -10.045 -2.155  1.00 1.48  ? 79 CYS A CB   1 
ATOM   1289 S SG   . CYS A 1 79 ? 6.839   -10.705 -0.496  1.00 2.25  ? 79 CYS A SG   1 
ATOM   1290 H H    . CYS A 1 79 ? 7.345   -8.029  -4.394  1.00 1.29  ? 79 CYS A H    1 
ATOM   1291 H HA   . CYS A 1 79 ? 7.468   -8.107  -2.034  1.00 1.41  ? 79 CYS A HA   1 
ATOM   1292 H HB2  . CYS A 1 79 ? 5.589   -9.541  -2.177  1.00 1.57  ? 79 CYS A HB2  1 
ATOM   1293 H HB3  . CYS A 1 79 ? 6.539   -10.855 -2.869  1.00 1.76  ? 79 CYS A HB3  1 
ATOM   1294 H HG   . CYS A 1 79 ? 7.326   -11.528 -0.585  1.00 2.57  ? 79 CYS A HG   1 
ATOM   1295 N N    . THR A 1 80 ? 9.700   -8.952  -1.221  1.00 1.57  ? 80 THR A N    1 
ATOM   1296 C CA   . THR A 1 80 ? 11.060  -9.428  -0.832  1.00 1.72  ? 80 THR A CA   1 
ATOM   1297 C C    . THR A 1 80 ? 11.276  -9.339  0.684   1.00 1.82  ? 80 THR A C    1 
ATOM   1298 O O    . THR A 1 80 ? 12.310  -9.727  1.189   1.00 2.27  ? 80 THR A O    1 
ATOM   1299 C CB   . THR A 1 80 ? 12.009  -8.469  -1.554  1.00 1.74  ? 80 THR A CB   1 
ATOM   1300 O OG1  . THR A 1 80 ? 13.247  -8.419  -0.860  1.00 1.87  ? 80 THR A OG1  1 
ATOM   1301 C CG2  . THR A 1 80 ? 11.383  -7.069  -1.592  1.00 1.69  ? 80 THR A CG2  1 
ATOM   1302 H H    . THR A 1 80 ? 9.323   -8.147  -0.809  1.00 1.54  ? 80 THR A H    1 
ATOM   1303 H HA   . THR A 1 80 ? 11.224  -10.435 -1.181  1.00 1.79  ? 80 THR A HA   1 
ATOM   1304 H HB   . THR A 1 80 ? 12.173  -8.813  -2.562  1.00 1.75  ? 80 THR A HB   1 
ATOM   1305 H HG1  . THR A 1 80 ? 13.824  -9.089  -1.234  1.00 2.19  ? 80 THR A HG1  1 
ATOM   1306 H HG21 . THR A 1 80 ? 10.510  -7.082  -2.229  1.00 2.11  ? 80 THR A HG21 1 
ATOM   1307 H HG22 . THR A 1 80 ? 12.100  -6.363  -1.980  1.00 1.93  ? 80 THR A HG22 1 
ATOM   1308 H HG23 . THR A 1 80 ? 11.093  -6.776  -0.594  1.00 1.84  ? 80 THR A HG23 1 
ATOM   1309 N N    . ASN A 1 81 ? 10.329  -8.819  1.413   1.00 1.65  ? 81 ASN A N    1 
ATOM   1310 C CA   . ASN A 1 81 ? 10.520  -8.698  2.889   1.00 1.75  ? 81 ASN A CA   1 
ATOM   1311 C C    . ASN A 1 81 ? 9.151   -8.508  3.583   1.00 1.76  ? 81 ASN A C    1 
ATOM   1312 O O    . ASN A 1 81 ? 8.286   -9.339  3.397   1.00 1.74  ? 81 ASN A O    1 
ATOM   1313 C CB   . ASN A 1 81 ? 11.460  -7.503  3.022   1.00 1.82  ? 81 ASN A CB   1 
ATOM   1314 C CG   . ASN A 1 81 ? 11.103  -6.466  1.957   1.00 1.81  ? 81 ASN A CG   1 
ATOM   1315 O OD1  . ASN A 1 81 ? 11.953  -6.059  1.190   1.00 2.20  ? 81 ASN A OD1  1 
ATOM   1316 N ND2  . ASN A 1 81 ? 9.875   -6.023  1.871   1.00 1.74  ? 81 ASN A ND2  1 
ATOM   1317 H H    . ASN A 1 81 ? 9.505   -8.495  0.995   1.00 1.67  ? 81 ASN A H    1 
ATOM   1318 H HA   . ASN A 1 81 ? 11.001  -9.586  3.271   1.00 1.80  ? 81 ASN A HA   1 
ATOM   1319 H HB2  . ASN A 1 81 ? 11.382  -7.077  4.003   1.00 1.92  ? 81 ASN A HB2  1 
ATOM   1320 H HB3  . ASN A 1 81 ? 12.471  -7.832  2.860   1.00 1.93  ? 81 ASN A HB3  1 
ATOM   1321 H HD21 . ASN A 1 81 ? 9.191   -6.349  2.487   1.00 1.93  ? 81 ASN A HD21 1 
ATOM   1322 H HD22 . ASN A 1 81 ? 9.637   -5.372  1.187   1.00 1.77  ? 81 ASN A HD22 1 
ATOM   1323 N N    . PRO A 1 82 ? 8.951   -7.453  4.362   1.00 1.86  ? 82 PRO A N    1 
ATOM   1324 C CA   . PRO A 1 82 ? 7.633   -7.289  5.018   1.00 1.89  ? 82 PRO A CA   1 
ATOM   1325 C C    . PRO A 1 82 ? 6.542   -7.000  3.983   1.00 1.64  ? 82 PRO A C    1 
ATOM   1326 O O    . PRO A 1 82 ? 5.427   -6.664  4.328   1.00 1.63  ? 82 PRO A O    1 
ATOM   1327 C CB   . PRO A 1 82 ? 7.828   -6.110  5.964   1.00 2.10  ? 82 PRO A CB   1 
ATOM   1328 C CG   . PRO A 1 82 ? 8.959   -5.341  5.379   1.00 2.12  ? 82 PRO A CG   1 
ATOM   1329 C CD   . PRO A 1 82 ? 9.859   -6.344  4.714   1.00 2.03  ? 82 PRO A CD   1 
ATOM   1330 H HA   . PRO A 1 82 ? 7.388   -8.169  5.583   1.00 1.98  ? 82 PRO A HA   1 
ATOM   1331 H HB2  . PRO A 1 82 ? 6.933   -5.502  5.997   1.00 2.07  ? 82 PRO A HB2  1 
ATOM   1332 H HB3  . PRO A 1 82 ? 8.087   -6.456  6.952   1.00 2.30  ? 82 PRO A HB3  1 
ATOM   1333 H HG2  . PRO A 1 82 ? 8.587   -4.633  4.652   1.00 2.03  ? 82 PRO A HG2  1 
ATOM   1334 H HG3  . PRO A 1 82 ? 9.500   -4.827  6.157   1.00 2.35  ? 82 PRO A HG3  1 
ATOM   1335 H HD2  . PRO A 1 82 ? 10.304  -5.907  3.837   1.00 1.96  ? 82 PRO A HD2  1 
ATOM   1336 H HD3  . PRO A 1 82 ? 10.618  -6.686  5.400   1.00 2.20  ? 82 PRO A HD3  1 
ATOM   1337 N N    . THR A 1 83 ? 6.846   -7.143  2.716   1.00 1.53  ? 83 THR A N    1 
ATOM   1338 C CA   . THR A 1 83 ? 5.810   -6.893  1.676   1.00 1.33  ? 83 THR A CA   1 
ATOM   1339 C C    . THR A 1 83 ? 4.484   -7.472  2.155   1.00 1.28  ? 83 THR A C    1 
ATOM   1340 O O    . THR A 1 83 ? 3.421   -6.974  1.841   1.00 1.18  ? 83 THR A O    1 
ATOM   1341 C CB   . THR A 1 83 ? 6.305   -7.628  0.428   1.00 1.27  ? 83 THR A CB   1 
ATOM   1342 O OG1  . THR A 1 83 ? 7.702   -7.858  0.541   1.00 1.43  ? 83 THR A OG1  1 
ATOM   1343 C CG2  . THR A 1 83 ? 6.023   -6.782  -0.813  1.00 1.24  ? 83 THR A CG2  1 
ATOM   1344 H H    . THR A 1 83 ? 7.743   -7.425  2.452   1.00 1.63  ? 83 THR A H    1 
ATOM   1345 H HA   . THR A 1 83 ? 5.714   -5.838  1.479   1.00 1.32  ? 83 THR A HA   1 
ATOM   1346 H HB   . THR A 1 83 ? 5.791   -8.573  0.339   1.00 1.30  ? 83 THR A HB   1 
ATOM   1347 H HG1  . THR A 1 83 ? 8.154   -7.027  0.373   1.00 1.70  ? 83 THR A HG1  1 
ATOM   1348 H HG21 . THR A 1 83 ? 6.920   -6.255  -1.101  1.00 1.51  ? 83 THR A HG21 1 
ATOM   1349 H HG22 . THR A 1 83 ? 5.241   -6.069  -0.594  1.00 1.61  ? 83 THR A HG22 1 
ATOM   1350 H HG23 . THR A 1 83 ? 5.708   -7.423  -1.624  1.00 1.68  ? 83 THR A HG23 1 
ATOM   1351 N N    . GLU A 1 84 ? 4.546   -8.514  2.939   1.00 1.40  ? 84 GLU A N    1 
ATOM   1352 C CA   . GLU A 1 84 ? 3.301   -9.119  3.470   1.00 1.42  ? 84 GLU A CA   1 
ATOM   1353 C C    . GLU A 1 84 ? 2.363   -8.004  3.928   1.00 1.37  ? 84 GLU A C    1 
ATOM   1354 O O    . GLU A 1 84 ? 1.156   -8.125  3.875   1.00 1.35  ? 84 GLU A O    1 
ATOM   1355 C CB   . GLU A 1 84 ? 3.760   -9.966  4.657   1.00 1.62  ? 84 GLU A CB   1 
ATOM   1356 C CG   . GLU A 1 84 ? 2.937   -11.254 4.715   1.00 1.74  ? 84 GLU A CG   1 
ATOM   1357 C CD   . GLU A 1 84 ? 2.075   -11.254 5.980   1.00 1.57  ? 84 GLU A CD   1 
ATOM   1358 O OE1  . GLU A 1 84 ? 1.546   -10.206 6.311   1.00 2.05  ? 84 GLU A OE1  1 
ATOM   1359 O OE2  . GLU A 1 84 ? 1.959   -12.301 6.593   1.00 2.04  ? 84 GLU A OE2  1 
ATOM   1360 H H    . GLU A 1 84 ? 5.417   -8.885  3.191   1.00 1.50  ? 84 GLU A H    1 
ATOM   1361 H HA   . GLU A 1 84 ? 2.826   -9.740  2.726   1.00 1.39  ? 84 GLU A HA   1 
ATOM   1362 H HB2  . GLU A 1 84 ? 4.808   -10.211 4.538   1.00 1.77  ? 84 GLU A HB2  1 
ATOM   1363 H HB3  . GLU A 1 84 ? 3.623   -9.410  5.572   1.00 1.74  ? 84 GLU A HB3  1 
ATOM   1364 H HG2  . GLU A 1 84 ? 2.301   -11.313 3.844   1.00 2.41  ? 84 GLU A HG2  1 
ATOM   1365 H HG3  . GLU A 1 84 ? 3.602   -12.105 4.734   1.00 2.11  ? 84 GLU A HG3  1 
ATOM   1366 N N    . ASN A 1 85 ? 2.921   -6.906  4.363   1.00 1.40  ? 85 ASN A N    1 
ATOM   1367 C CA   . ASN A 1 85 ? 2.079   -5.765  4.810   1.00 1.38  ? 85 ASN A CA   1 
ATOM   1368 C C    . ASN A 1 85 ? 1.460   -5.078  3.593   1.00 1.20  ? 85 ASN A C    1 
ATOM   1369 O O    . ASN A 1 85 ? 0.260   -4.945  3.487   1.00 1.14  ? 85 ASN A O    1 
ATOM   1370 C CB   . ASN A 1 85 ? 3.042   -4.819  5.530   1.00 1.53  ? 85 ASN A CB   1 
ATOM   1371 C CG   . ASN A 1 85 ? 3.111   -5.190  7.012   1.00 2.01  ? 85 ASN A CG   1 
ATOM   1372 O OD1  . ASN A 1 85 ? 2.682   -6.258  7.404   1.00 2.51  ? 85 ASN A OD1  1 
ATOM   1373 N ND2  . ASN A 1 85 ? 3.635   -4.348  7.860   1.00 2.35  ? 85 ASN A ND2  1 
ATOM   1374 H H    . ASN A 1 85 ? 3.899   -6.830  4.384   1.00 1.46  ? 85 ASN A H    1 
ATOM   1375 H HA   . ASN A 1 85 ? 1.313   -6.101  5.489   1.00 1.43  ? 85 ASN A HA   1 
ATOM   1376 H HB2  . ASN A 1 85 ? 4.026   -4.906  5.091   1.00 1.85  ? 85 ASN A HB2  1 
ATOM   1377 H HB3  . ASN A 1 85 ? 2.691   -3.804  5.431   1.00 1.73  ? 85 ASN A HB3  1 
ATOM   1378 H HD21 . ASN A 1 85 ? 3.981   -3.488  7.544   1.00 2.19  ? 85 ASN A HD21 1 
ATOM   1379 H HD22 . ASN A 1 85 ? 3.683   -4.576  8.812   1.00 2.95  ? 85 ASN A HD22 1 
ATOM   1380 N N    . PHE A 1 86 ? 2.271   -4.649  2.666   1.00 1.14  ? 86 PHE A N    1 
ATOM   1381 C CA   . PHE A 1 86 ? 1.724   -3.979  1.454   1.00 1.00  ? 86 PHE A CA   1 
ATOM   1382 C C    . PHE A 1 86 ? 0.590   -4.812  0.856   1.00 0.88  ? 86 PHE A C    1 
ATOM   1383 O O    . PHE A 1 86 ? -0.510  -4.336  0.669   1.00 0.79  ? 86 PHE A O    1 
ATOM   1384 C CB   . PHE A 1 86 ? 2.900   -3.892  0.479   1.00 1.01  ? 86 PHE A CB   1 
ATOM   1385 C CG   . PHE A 1 86 ? 2.774   -2.624  -0.324  1.00 0.95  ? 86 PHE A CG   1 
ATOM   1386 C CD1  . PHE A 1 86 ? 1.704   -2.468  -1.209  1.00 0.85  ? 86 PHE A CD1  1 
ATOM   1387 C CD2  . PHE A 1 86 ? 3.711   -1.597  -0.169  1.00 1.22  ? 86 PHE A CD2  1 
ATOM   1388 C CE1  . PHE A 1 86 ? 1.569   -1.284  -1.942  1.00 0.87  ? 86 PHE A CE1  1 
ATOM   1389 C CE2  . PHE A 1 86 ? 3.576   -0.415  -0.903  1.00 1.23  ? 86 PHE A CE2  1 
ATOM   1390 C CZ   . PHE A 1 86 ? 2.504   -0.258  -1.789  1.00 0.98  ? 86 PHE A CZ   1 
ATOM   1391 H H    . PHE A 1 86 ? 3.239   -4.770  2.765   1.00 1.22  ? 86 PHE A H    1 
ATOM   1392 H HA   . PHE A 1 86 ? 1.371   -2.987  1.693   1.00 1.01  ? 86 PHE A HA   1 
ATOM   1393 H HB2  . PHE A 1 86 ? 3.828   -3.882  1.032   1.00 1.15  ? 86 PHE A HB2  1 
ATOM   1394 H HB3  . PHE A 1 86 ? 2.883   -4.744  -0.186  1.00 0.99  ? 86 PHE A HB3  1 
ATOM   1395 H HD1  . PHE A 1 86 ? 0.985   -3.263  -1.329  1.00 0.96  ? 86 PHE A HD1  1 
ATOM   1396 H HD2  . PHE A 1 86 ? 4.542   -1.720  0.513   1.00 1.50  ? 86 PHE A HD2  1 
ATOM   1397 H HE1  . PHE A 1 86 ? 0.741   -1.161  -2.623  1.00 0.99  ? 86 PHE A HE1  1 
ATOM   1398 H HE2  . PHE A 1 86 ? 4.292   0.379   -0.780  1.00 1.52  ? 86 PHE A HE2  1 
ATOM   1399 H HZ   . PHE A 1 86 ? 2.400   0.656   -2.355  1.00 1.04  ? 86 PHE A HZ   1 
ATOM   1400 N N    . VAL A 1 87 ? 0.846   -6.054  0.555   1.00 0.94  ? 87 VAL A N    1 
ATOM   1401 C CA   . VAL A 1 87 ? -0.227  -6.908  -0.034  1.00 0.92  ? 87 VAL A CA   1 
ATOM   1402 C C    . VAL A 1 87 ? -1.378  -7.084  0.960   1.00 0.93  ? 87 VAL A C    1 
ATOM   1403 O O    . VAL A 1 87 ? -2.534  -6.933  0.617   1.00 0.87  ? 87 VAL A O    1 
ATOM   1404 C CB   . VAL A 1 87 ? 0.436   -8.253  -0.328  1.00 1.08  ? 87 VAL A CB   1 
ATOM   1405 C CG1  . VAL A 1 87 ? -0.453  -9.061  -1.278  1.00 1.12  ? 87 VAL A CG1  1 
ATOM   1406 C CG2  . VAL A 1 87 ? 1.798   -8.017  -0.986  1.00 1.18  ? 87 VAL A CG2  1 
ATOM   1407 H H    . VAL A 1 87 ? 1.741   -6.423  0.716   1.00 1.03  ? 87 VAL A H    1 
ATOM   1408 H HA   . VAL A 1 87 ? -0.590  -6.470  -0.951  1.00 0.86  ? 87 VAL A HA   1 
ATOM   1409 H HB   . VAL A 1 87 ? 0.569   -8.799  0.595   1.00 1.16  ? 87 VAL A HB   1 
ATOM   1410 H HG11 . VAL A 1 87 ? 0.165   -9.606  -1.975  1.00 1.40  ? 87 VAL A HG11 1 
ATOM   1411 H HG12 . VAL A 1 87 ? -1.103  -8.390  -1.820  1.00 1.63  ? 87 VAL A HG12 1 
ATOM   1412 H HG13 . VAL A 1 87 ? -1.051  -9.756  -0.707  1.00 1.49  ? 87 VAL A HG13 1 
ATOM   1413 H HG21 . VAL A 1 87 ? 2.012   -8.824  -1.671  1.00 1.60  ? 87 VAL A HG21 1 
ATOM   1414 H HG22 . VAL A 1 87 ? 2.563   -7.978  -0.225  1.00 1.56  ? 87 VAL A HG22 1 
ATOM   1415 H HG23 . VAL A 1 87 ? 1.780   -7.082  -1.525  1.00 1.56  ? 87 VAL A HG23 1 
ATOM   1416 N N    . GLN A 1 88 ? -1.076  -7.408  2.188   1.00 1.10  ? 88 GLN A N    1 
ATOM   1417 C CA   . GLN A 1 88 ? -2.163  -7.599  3.190   1.00 1.19  ? 88 GLN A CA   1 
ATOM   1418 C C    . GLN A 1 88 ? -2.821  -6.257  3.534   1.00 1.09  ? 88 GLN A C    1 
ATOM   1419 O O    . GLN A 1 88 ? -3.975  -6.209  3.907   1.00 1.10  ? 88 GLN A O    1 
ATOM   1420 C CB   . GLN A 1 88 ? -1.485  -8.217  4.418   1.00 1.41  ? 88 GLN A CB   1 
ATOM   1421 C CG   . GLN A 1 88 ? -0.836  -7.125  5.269   1.00 1.84  ? 88 GLN A CG   1 
ATOM   1422 C CD   . GLN A 1 88 ? -1.702  -6.853  6.501   1.00 2.40  ? 88 GLN A CD   1 
ATOM   1423 O OE1  . GLN A 1 88 ? -2.028  -5.719  6.790   1.00 2.65  ? 88 GLN A OE1  1 
ATOM   1424 N NE2  . GLN A 1 88 ? -2.089  -7.853  7.244   1.00 3.17  ? 88 GLN A NE2  1 
ATOM   1425 H H    . GLN A 1 88 ? -0.140  -7.531  2.449   1.00 1.23  ? 88 GLN A H    1 
ATOM   1426 H HA   . GLN A 1 88 ? -2.903  -8.282  2.804   1.00 1.21  ? 88 GLN A HA   1 
ATOM   1427 H HB2  . GLN A 1 88 ? -2.225  -8.738  5.009   1.00 1.84  ? 88 GLN A HB2  1 
ATOM   1428 H HB3  . GLN A 1 88 ? -0.729  -8.915  4.096   1.00 1.79  ? 88 GLN A HB3  1 
ATOM   1429 H HG2  . GLN A 1 88 ? 0.144   -7.451  5.583   1.00 2.27  ? 88 GLN A HG2  1 
ATOM   1430 H HG3  . GLN A 1 88 ? -0.746  -6.221  4.689   1.00 2.11  ? 88 GLN A HG3  1 
ATOM   1431 H HE21 . GLN A 1 88 ? -1.825  -8.768  7.011   1.00 3.53  ? 88 GLN A HE21 1 
ATOM   1432 H HE22 . GLN A 1 88 ? -2.643  -7.690  8.035   1.00 3.62  ? 88 GLN A HE22 1 
ATOM   1433 N N    . GLU A 1 89 ? -2.111  -5.163  3.408   1.00 1.06  ? 89 GLU A N    1 
ATOM   1434 C CA   . GLU A 1 89 ? -2.741  -3.849  3.727   1.00 1.04  ? 89 GLU A CA   1 
ATOM   1435 C C    . GLU A 1 89 ? -3.837  -3.550  2.708   1.00 0.87  ? 89 GLU A C    1 
ATOM   1436 O O    . GLU A 1 89 ? -4.996  -3.433  3.052   1.00 0.91  ? 89 GLU A O    1 
ATOM   1437 C CB   . GLU A 1 89 ? -1.627  -2.809  3.635   1.00 1.08  ? 89 GLU A CB   1 
ATOM   1438 C CG   . GLU A 1 89 ? -1.969  -1.633  4.552   1.00 1.30  ? 89 GLU A CG   1 
ATOM   1439 C CD   . GLU A 1 89 ? -2.337  -2.151  5.944   1.00 1.63  ? 89 GLU A CD   1 
ATOM   1440 O OE1  . GLU A 1 89 ? -1.543  -2.886  6.509   1.00 2.13  ? 89 GLU A OE1  1 
ATOM   1441 O OE2  . GLU A 1 89 ? -3.405  -1.806  6.420   1.00 1.99  ? 89 GLU A OE2  1 
ATOM   1442 H H    . GLU A 1 89 ? -1.182  -5.208  3.100   1.00 1.10  ? 89 GLU A H    1 
ATOM   1443 H HA   . GLU A 1 89 ? -3.152  -3.866  4.724   1.00 1.17  ? 89 GLU A HA   1 
ATOM   1444 H HB2  . GLU A 1 89 ? -0.692  -3.248  3.943   1.00 1.49  ? 89 GLU A HB2  1 
ATOM   1445 H HB3  . GLU A 1 89 ? -1.546  -2.458  2.617   1.00 1.33  ? 89 GLU A HB3  1 
ATOM   1446 H HG2  . GLU A 1 89 ? -1.117  -0.975  4.627   1.00 1.64  ? 89 GLU A HG2  1 
ATOM   1447 H HG3  . GLU A 1 89 ? -2.808  -1.091  4.138   1.00 1.48  ? 89 GLU A HG3  1 
ATOM   1448 N N    . LEU A 1 90 ? -3.494  -3.441  1.451   1.00 0.73  ? 90 LEU A N    1 
ATOM   1449 C CA   . LEU A 1 90 ? -4.541  -3.170  0.440   1.00 0.63  ? 90 LEU A CA   1 
ATOM   1450 C C    . LEU A 1 90 ? -5.691  -4.161  0.648   1.00 0.67  ? 90 LEU A C    1 
ATOM   1451 O O    . LEU A 1 90 ? -6.857  -3.809  0.609   1.00 0.70  ? 90 LEU A O    1 
ATOM   1452 C CB   . LEU A 1 90 ? -3.849  -3.412  -0.901  1.00 0.60  ? 90 LEU A CB   1 
ATOM   1453 C CG   . LEU A 1 90 ? -2.756  -2.364  -1.092  1.00 0.67  ? 90 LEU A CG   1 
ATOM   1454 C CD1  . LEU A 1 90 ? -1.411  -3.060  -1.306  1.00 1.22  ? 90 LEU A CD1  1 
ATOM   1455 C CD2  . LEU A 1 90 ? -3.080  -1.496  -2.309  1.00 1.30  ? 90 LEU A CD2  1 
ATOM   1456 H H    . LEU A 1 90 ? -2.556  -3.533  1.176   1.00 0.74  ? 90 LEU A H    1 
ATOM   1457 H HA   . LEU A 1 90 ? -4.878  -2.154  0.511   1.00 0.65  ? 90 LEU A HA   1 
ATOM   1458 H HB2  . LEU A 1 90 ? -3.409  -4.399  -0.907  1.00 0.66  ? 90 LEU A HB2  1 
ATOM   1459 H HB3  . LEU A 1 90 ? -4.567  -3.333  -1.703  1.00 0.67  ? 90 LEU A HB3  1 
ATOM   1460 H HG   . LEU A 1 90 ? -2.704  -1.744  -0.209  1.00 1.42  ? 90 LEU A HG   1 
ATOM   1461 H HD11 . LEU A 1 90 ? -0.696  -2.694  -0.584  1.00 1.69  ? 90 LEU A HD11 1 
ATOM   1462 H HD12 . LEU A 1 90 ? -1.053  -2.852  -2.302  1.00 1.85  ? 90 LEU A HD12 1 
ATOM   1463 H HD13 . LEU A 1 90 ? -1.532  -4.125  -1.180  1.00 1.84  ? 90 LEU A HD13 1 
ATOM   1464 H HD21 . LEU A 1 90 ? -3.382  -0.513  -1.980  1.00 1.85  ? 90 LEU A HD21 1 
ATOM   1465 H HD22 . LEU A 1 90 ? -3.883  -1.950  -2.870  1.00 1.86  ? 90 LEU A HD22 1 
ATOM   1466 H HD23 . LEU A 1 90 ? -2.205  -1.413  -2.935  1.00 1.81  ? 90 LEU A HD23 1 
ATOM   1467 N N    . LEU A 1 91 ? -5.364  -5.399  0.902   1.00 0.74  ? 91 LEU A N    1 
ATOM   1468 C CA   . LEU A 1 91 ? -6.421  -6.419  1.146   1.00 0.85  ? 91 LEU A CA   1 
ATOM   1469 C C    . LEU A 1 91 ? -7.092  -6.149  2.496   1.00 0.96  ? 91 LEU A C    1 
ATOM   1470 O O    . LEU A 1 91 ? -8.303  -6.142  2.614   1.00 1.00  ? 91 LEU A O    1 
ATOM   1471 C CB   . LEU A 1 91 ? -5.671  -7.751  1.179   1.00 0.95  ? 91 LEU A CB   1 
ATOM   1472 C CG   . LEU A 1 91 ? -6.500  -8.830  0.483   1.00 1.42  ? 91 LEU A CG   1 
ATOM   1473 C CD1  . LEU A 1 91 ? -6.590  -8.519  -1.011  1.00 2.11  ? 91 LEU A CD1  1 
ATOM   1474 C CD2  . LEU A 1 91 ? -5.825  -10.190 0.680   1.00 1.93  ? 91 LEU A CD2  1 
ATOM   1475 H H    . LEU A 1 91 ? -4.419  -5.653  0.951   1.00 0.76  ? 91 LEU A H    1 
ATOM   1476 H HA   . LEU A 1 91 ? -7.148  -6.418  0.348   1.00 0.84  ? 91 LEU A HA   1 
ATOM   1477 H HB2  . LEU A 1 91 ? -4.724  -7.642  0.671   1.00 1.26  ? 91 LEU A HB2  1 
ATOM   1478 H HB3  . LEU A 1 91 ? -5.497  -8.040  2.205   1.00 1.44  ? 91 LEU A HB3  1 
ATOM   1479 H HG   . LEU A 1 91 ? -7.492  -8.854  0.908   1.00 1.97  ? 91 LEU A HG   1 
ATOM   1480 H HD11 . LEU A 1 91 ? -5.602  -8.330  -1.401  1.00 2.66  ? 91 LEU A HD11 1 
ATOM   1481 H HD12 . LEU A 1 91 ? -7.208  -7.646  -1.159  1.00 2.44  ? 91 LEU A HD12 1 
ATOM   1482 H HD13 . LEU A 1 91 ? -7.027  -9.361  -1.528  1.00 2.60  ? 91 LEU A HD13 1 
ATOM   1483 H HD21 . LEU A 1 91 ? -4.788  -10.041 0.943   1.00 2.10  ? 91 LEU A HD21 1 
ATOM   1484 H HD22 . LEU A 1 91 ? -5.885  -10.758 -0.237  1.00 2.33  ? 91 LEU A HD22 1 
ATOM   1485 H HD23 . LEU A 1 91 ? -6.324  -10.729 1.470   1.00 2.53  ? 91 LEU A HD23 1 
ATOM   1486 N N    . VAL A 1 92 ? -6.307  -5.924  3.515   1.00 1.07  ? 92 VAL A N    1 
ATOM   1487 C CA   . VAL A 1 92 ? -6.883  -5.650  4.862   1.00 1.23  ? 92 VAL A CA   1 
ATOM   1488 C C    . VAL A 1 92 ? -7.884  -4.497  4.782   1.00 1.17  ? 92 VAL A C    1 
ATOM   1489 O O    . VAL A 1 92 ? -8.936  -4.536  5.390   1.00 1.30  ? 92 VAL A O    1 
ATOM   1490 C CB   . VAL A 1 92 ? -5.686  -5.270  5.735   1.00 1.38  ? 92 VAL A CB   1 
ATOM   1491 C CG1  . VAL A 1 92 ? -6.164  -4.451  6.937   1.00 1.86  ? 92 VAL A CG1  1 
ATOM   1492 C CG2  . VAL A 1 92 ? -4.997  -6.542  6.232   1.00 1.86  ? 92 VAL A CG2  1 
ATOM   1493 H H    . VAL A 1 92 ? -5.334  -5.932  3.392   1.00 1.08  ? 92 VAL A H    1 
ATOM   1494 H HA   . VAL A 1 92 ? -7.358  -6.535  5.254   1.00 1.34  ? 92 VAL A HA   1 
ATOM   1495 H HB   . VAL A 1 92 ? -4.990  -4.683  5.155   1.00 1.88  ? 92 VAL A HB   1 
ATOM   1496 H HG11 . VAL A 1 92 ? -5.503  -4.620  7.774   1.00 2.31  ? 92 VAL A HG11 1 
ATOM   1497 H HG12 . VAL A 1 92 ? -7.167  -4.754  7.203   1.00 2.35  ? 92 VAL A HG12 1 
ATOM   1498 H HG13 . VAL A 1 92 ? -6.161  -3.402  6.681   1.00 2.28  ? 92 VAL A HG13 1 
ATOM   1499 H HG21 . VAL A 1 92 ? -5.110  -6.619  7.303   1.00 2.40  ? 92 VAL A HG21 1 
ATOM   1500 H HG22 . VAL A 1 92 ? -3.946  -6.502  5.984   1.00 2.10  ? 92 VAL A HG22 1 
ATOM   1501 H HG23 . VAL A 1 92 ? -5.445  -7.403  5.760   1.00 2.38  ? 92 VAL A HG23 1 
ATOM   1502 N N    . LYS A 1 93 ? -7.578  -3.473  4.032   1.00 1.02  ? 93 LYS A N    1 
ATOM   1503 C CA   . LYS A 1 93 ? -8.525  -2.338  3.918   1.00 1.00  ? 93 LYS A CA   1 
ATOM   1504 C C    . LYS A 1 93 ? -9.824  -2.832  3.289   1.00 0.93  ? 93 LYS A C    1 
ATOM   1505 O O    . LYS A 1 93 ? -10.905 -2.549  3.768   1.00 1.06  ? 93 LYS A O    1 
ATOM   1506 C CB   . LYS A 1 93 ? -7.830  -1.326  3.008   1.00 0.92  ? 93 LYS A CB   1 
ATOM   1507 C CG   . LYS A 1 93 ? -6.372  -1.163  3.443   1.00 1.24  ? 93 LYS A CG   1 
ATOM   1508 C CD   . LYS A 1 93 ? -6.117  0.291   3.848   1.00 1.41  ? 93 LYS A CD   1 
ATOM   1509 C CE   . LYS A 1 93 ? -5.308  0.325   5.146   1.00 1.54  ? 93 LYS A CE   1 
ATOM   1510 N NZ   . LYS A 1 93 ? -6.081  -0.516  6.103   1.00 1.80  ? 93 LYS A NZ   1 
ATOM   1511 H H    . LYS A 1 93 ? -6.733  -3.455  3.538   1.00 0.94  ? 93 LYS A H    1 
ATOM   1512 H HA   . LYS A 1 93 ? -8.713  -1.901  4.887   1.00 1.16  ? 93 LYS A HA   1 
ATOM   1513 H HB2  . LYS A 1 93 ? -7.864  -1.678  1.988   1.00 1.10  ? 93 LYS A HB2  1 
ATOM   1514 H HB3  . LYS A 1 93 ? -8.333  -0.373  3.078   1.00 1.26  ? 93 LYS A HB3  1 
ATOM   1515 H HG2  . LYS A 1 93 ? -6.174  -1.811  4.286   1.00 1.72  ? 93 LYS A HG2  1 
ATOM   1516 H HG3  . LYS A 1 93 ? -5.720  -1.426  2.624   1.00 1.78  ? 93 LYS A HG3  1 
ATOM   1517 H HD2  . LYS A 1 93 ? -5.565  0.790   3.065   1.00 1.96  ? 93 LYS A HD2  1 
ATOM   1518 H HD3  . LYS A 1 93 ? -7.061  0.793   4.000   1.00 1.77  ? 93 LYS A HD3  1 
ATOM   1519 H HE2  . LYS A 1 93 ? -4.324  -0.092  4.985   1.00 2.00  ? 93 LYS A HE2  1 
ATOM   1520 H HE3  . LYS A 1 93 ? -5.235  1.336   5.517   1.00 2.12  ? 93 LYS A HE3  1 
ATOM   1521 H HZ1  . LYS A 1 93 ? -7.068  -0.584  5.787   1.00 2.09  ? 93 LYS A HZ1  1 
ATOM   1522 H HZ2  . LYS A 1 93 ? -6.047  -0.082  7.049   1.00 2.14  ? 93 LYS A HZ2  1 
ATOM   1523 H HZ3  . LYS A 1 93 ? -5.665  -1.467  6.142   1.00 2.34  ? 93 LYS A HZ3  1 
ATOM   1524 N N    . LEU A 1 94 ? -9.731  -3.577  2.219   1.00 0.82  ? 94 LEU A N    1 
ATOM   1525 C CA   . LEU A 1 94 ? -10.970 -4.090  1.573   1.00 0.88  ? 94 LEU A CA   1 
ATOM   1526 C C    . LEU A 1 94 ? -11.674 -5.072  2.507   1.00 1.07  ? 94 LEU A C    1 
ATOM   1527 O O    . LEU A 1 94 ? -12.810 -5.446  2.292   1.00 1.21  ? 94 LEU A O    1 
ATOM   1528 C CB   . LEU A 1 94 ? -10.495 -4.787  0.301   1.00 0.91  ? 94 LEU A CB   1 
ATOM   1529 C CG   . LEU A 1 94 ? -10.312 -3.743  -0.798  1.00 1.33  ? 94 LEU A CG   1 
ATOM   1530 C CD1  . LEU A 1 94 ? -8.970  -3.959  -1.495  1.00 1.82  ? 94 LEU A CD1  1 
ATOM   1531 C CD2  . LEU A 1 94 ? -11.444 -3.876  -1.818  1.00 1.94  ? 94 LEU A CD2  1 
ATOM   1532 H H    . LEU A 1 94 ? -8.847  -3.802  1.844   1.00 0.77  ? 94 LEU A H    1 
ATOM   1533 H HA   . LEU A 1 94 ? -11.627 -3.275  1.324   1.00 0.85  ? 94 LEU A HA   1 
ATOM   1534 H HB2  . LEU A 1 94 ? -9.554  -5.283  0.492   1.00 1.06  ? 94 LEU A HB2  1 
ATOM   1535 H HB3  . LEU A 1 94 ? -11.231 -5.512  -0.010  1.00 1.07  ? 94 LEU A HB3  1 
ATOM   1536 H HG   . LEU A 1 94 ? -10.334 -2.756  -0.364  1.00 1.85  ? 94 LEU A HG   1 
ATOM   1537 H HD11 . LEU A 1 94 ? -9.136  -4.361  -2.482  1.00 2.19  ? 94 LEU A HD11 1 
ATOM   1538 H HD12 . LEU A 1 94 ? -8.372  -4.650  -0.920  1.00 2.33  ? 94 LEU A HD12 1 
ATOM   1539 H HD13 . LEU A 1 94 ? -8.450  -3.016  -1.576  1.00 2.25  ? 94 LEU A HD13 1 
ATOM   1540 H HD21 . LEU A 1 94 ? -11.763 -4.907  -1.868  1.00 2.46  ? 94 LEU A HD21 1 
ATOM   1541 H HD22 . LEU A 1 94 ? -11.089 -3.561  -2.787  1.00 2.25  ? 94 LEU A HD22 1 
ATOM   1542 H HD23 . LEU A 1 94 ? -12.276 -3.257  -1.522  1.00 2.48  ? 94 LEU A HD23 1 
ATOM   1543 N N    . ARG A 1 95 ? -11.013 -5.485  3.552   1.00 1.16  ? 95 ARG A N    1 
ATOM   1544 C CA   . ARG A 1 95 ? -11.649 -6.432  4.508   1.00 1.38  ? 95 ARG A CA   1 
ATOM   1545 C C    . ARG A 1 95 ? -12.657 -5.687  5.391   1.00 1.43  ? 95 ARG A C    1 
ATOM   1546 O O    . ARG A 1 95 ? -13.226 -6.248  6.306   1.00 1.58  ? 95 ARG A O    1 
ATOM   1547 C CB   . ARG A 1 95 ? -10.496 -6.980  5.350   1.00 1.55  ? 95 ARG A CB   1 
ATOM   1548 C CG   . ARG A 1 95 ? -10.573 -8.508  5.387   1.00 2.01  ? 95 ARG A CG   1 
ATOM   1549 C CD   . ARG A 1 95 ? -10.597 -9.055  3.959   1.00 2.32  ? 95 ARG A CD   1 
ATOM   1550 N NE   . ARG A 1 95 ? -9.903  -10.371 4.040   1.00 2.83  ? 95 ARG A NE   1 
ATOM   1551 C CZ   . ARG A 1 95 ? -10.598 -11.476 4.021   1.00 3.35  ? 95 ARG A CZ   1 
ATOM   1552 N NH1  . ARG A 1 95 ? -11.577 -11.646 4.867   1.00 3.60  ? 95 ARG A NH1  1 
ATOM   1553 N NH2  . ARG A 1 95 ? -10.311 -12.412 3.158   1.00 4.00  ? 95 ARG A NH2  1 
ATOM   1554 H H    . ARG A 1 95 ? -10.099 -5.166  3.712   1.00 1.13  ? 95 ARG A H    1 
ATOM   1555 H HA   . ARG A 1 95 ? -12.134 -7.235  3.977   1.00 1.44  ? 95 ARG A HA   1 
ATOM   1556 H HB2  . ARG A 1 95 ? -9.556  -6.677  4.913   1.00 1.62  ? 95 ARG A HB2  1 
ATOM   1557 H HB3  . ARG A 1 95 ? -10.569 -6.594  6.355   1.00 1.79  ? 95 ARG A HB3  1 
ATOM   1558 H HG2  . ARG A 1 95 ? -9.711  -8.899  5.909   1.00 2.46  ? 95 ARG A HG2  1 
ATOM   1559 H HG3  . ARG A 1 95 ? -11.473 -8.811  5.902   1.00 2.38  ? 95 ARG A HG3  1 
ATOM   1560 H HD2  . ARG A 1 95 ? -11.617 -9.184  3.624   1.00 2.40  ? 95 ARG A HD2  1 
ATOM   1561 H HD3  . ARG A 1 95 ? -10.061 -8.395  3.294   1.00 2.58  ? 95 ARG A HD3  1 
ATOM   1562 H HE   . ARG A 1 95 ? -8.927  -10.407 4.106   1.00 3.06  ? 95 ARG A HE   1 
ATOM   1563 H HH11 . ARG A 1 95 ? -11.795 -10.929 5.530   1.00 3.41  ? 95 ARG A HH11 1 
ATOM   1564 H HH12 . ARG A 1 95 ? -12.108 -12.493 4.854   1.00 4.23  ? 95 ARG A HH12 1 
ATOM   1565 H HH21 . ARG A 1 95 ? -9.561  -12.282 2.510   1.00 4.07  ? 95 ARG A HH21 1 
ATOM   1566 H HH22 . ARG A 1 95 ? -10.843 -13.259 3.144   1.00 4.60  ? 95 ARG A HH22 1 
ATOM   1567 N N    . GLY A 1 96 ? -12.884 -4.427  5.123   1.00 1.34  ? 96 GLY A N    1 
ATOM   1568 C CA   . GLY A 1 96 ? -13.856 -3.654  5.943   1.00 1.46  ? 96 GLY A CA   1 
ATOM   1569 C C    . GLY A 1 96 ? -15.244 -3.775  5.320   1.00 1.48  ? 96 GLY A C    1 
ATOM   1570 O O    . GLY A 1 96 ? -16.235 -3.921  6.009   1.00 1.65  ? 96 GLY A O    1 
ATOM   1571 H H    . GLY A 1 96 ? -12.420 -3.990  4.379   1.00 1.24  ? 96 GLY A H    1 
ATOM   1572 H HA2  . GLY A 1 96 ? -13.873 -4.049  6.949   1.00 1.59  ? 96 GLY A HA2  1 
ATOM   1573 H HA3  . GLY A 1 96 ? -13.563 -2.615  5.966   1.00 1.47  ? 96 GLY A HA3  1 
ATOM   1574 N N    . LEU A 1 97 ? -15.325 -3.720  4.018   1.00 1.37  ? 97 LEU A N    1 
ATOM   1575 C CA   . LEU A 1 97 ? -16.652 -3.839  3.353   1.00 1.46  ? 97 LEU A CA   1 
ATOM   1576 C C    . LEU A 1 97 ? -16.831 -5.252  2.789   1.00 1.63  ? 97 LEU A C    1 
ATOM   1577 O O    . LEU A 1 97 ? -17.785 -5.937  3.097   1.00 2.26  ? 97 LEU A O    1 
ATOM   1578 C CB   . LEU A 1 97 ? -16.633 -2.804  2.225   1.00 1.60  ? 97 LEU A CB   1 
ATOM   1579 C CG   . LEU A 1 97 ? -16.291 -1.427  2.796   1.00 1.19  ? 97 LEU A CG   1 
ATOM   1580 C CD1  . LEU A 1 97 ? -14.837 -1.090  2.471   1.00 1.15  ? 97 LEU A CD1  1 
ATOM   1581 C CD2  . LEU A 1 97 ? -17.200 -0.369  2.171   1.00 1.13  ? 97 LEU A CD2  1 
ATOM   1582 H H    . LEU A 1 97 ? -14.514 -3.607  3.480   1.00 1.28  ? 97 LEU A H    1 
ATOM   1583 H HA   . LEU A 1 97 ? -17.437 -3.610  4.051   1.00 1.59  ? 97 LEU A HA   1 
ATOM   1584 H HB2  . LEU A 1 97 ? -15.892 -3.085  1.491   1.00 2.02  ? 97 LEU A HB2  1 
ATOM   1585 H HB3  . LEU A 1 97 ? -17.606 -2.766  1.758   1.00 2.05  ? 97 LEU A HB3  1 
ATOM   1586 H HG   . LEU A 1 97 ? -16.427 -1.436  3.868   1.00 1.39  ? 97 LEU A HG   1 
ATOM   1587 H HD11 . LEU A 1 97 ? -14.199 -1.897  2.796   1.00 1.37  ? 97 LEU A HD11 1 
ATOM   1588 H HD12 . LEU A 1 97 ? -14.557 -0.179  2.978   1.00 1.62  ? 97 LEU A HD12 1 
ATOM   1589 H HD13 . LEU A 1 97 ? -14.732 -0.956  1.405   1.00 1.62  ? 97 LEU A HD13 1 
ATOM   1590 H HD21 . LEU A 1 97 ? -17.100 -0.397  1.096   1.00 1.61  ? 97 LEU A HD21 1 
ATOM   1591 H HD22 . LEU A 1 97 ? -16.916 0.610   2.532   1.00 1.40  ? 97 LEU A HD22 1 
ATOM   1592 H HD23 . LEU A 1 97 ? -18.226 -0.568  2.442   1.00 1.55  ? 97 LEU A HD23 1 
ATOM   1593 N N    . HIS A 1 98 ? -15.918 -5.693  1.966   1.00 1.49  ? 98 HIS A N    1 
ATOM   1594 C CA   . HIS A 1 98 ? -16.032 -7.060  1.385   1.00 1.81  ? 98 HIS A CA   1 
ATOM   1595 C C    . HIS A 1 98 ? -15.992 -8.114  2.495   1.00 2.26  ? 98 HIS A C    1 
ATOM   1596 O O    . HIS A 1 98 ? -16.280 -9.274  2.274   1.00 2.46  ? 98 HIS A O    1 
ATOM   1597 C CB   . HIS A 1 98 ? -14.818 -7.194  0.469   1.00 1.64  ? 98 HIS A CB   1 
ATOM   1598 C CG   . HIS A 1 98 ? -14.729 -5.983  -0.420  1.00 1.47  ? 98 HIS A CG   1 
ATOM   1599 N ND1  . HIS A 1 98 ? -15.380 -5.915  -1.641  1.00 1.59  ? 98 HIS A ND1  1 
ATOM   1600 C CD2  . HIS A 1 98 ? -14.076 -4.781  -0.276  1.00 1.34  ? 98 HIS A CD2  1 
ATOM   1601 C CE1  . HIS A 1 98 ? -15.109 -4.713  -2.180  1.00 1.54  ? 98 HIS A CE1  1 
ATOM   1602 N NE2  . HIS A 1 98 ? -14.318 -3.983  -1.390  1.00 1.40  ? 98 HIS A NE2  1 
ATOM   1603 H H    . HIS A 1 98 ? -15.155 -5.126  1.731   1.00 1.54  ? 98 HIS A H    1 
ATOM   1604 H HA   . HIS A 1 98 ? -16.937 -7.152  0.810   1.00 2.05  ? 98 HIS A HA   1 
ATOM   1605 H HB2  . HIS A 1 98 ? -13.924 -7.269  1.068   1.00 1.61  ? 98 HIS A HB2  1 
ATOM   1606 H HB3  . HIS A 1 98 ? -14.920 -8.080  -0.140  1.00 1.81  ? 98 HIS A HB3  1 
ATOM   1607 H HD1  . HIS A 1 98 ? -15.937 -6.616  -2.040  1.00 1.76  ? 98 HIS A HD1  1 
ATOM   1608 H HD2  . HIS A 1 98 ? -13.471 -4.495  0.575   1.00 1.29  ? 98 HIS A HD2  1 
ATOM   1609 H HE1  . HIS A 1 98 ? -15.485 -4.379  -3.135  1.00 1.68  ? 98 HIS A HE1  1 
ATOM   1610 N N    . LYS A 1 99 ? -15.635 -7.721  3.688   1.00 2.73  ? 99 LYS A N    1 
ATOM   1611 C CA   . LYS A 1 99 ? -15.578 -8.699  4.810   1.00 3.36  ? 99 LYS A CA   1 
ATOM   1612 C C    . LYS A 1 99 ? -14.501 -9.754  4.540   1.00 3.64  ? 99 LYS A C    1 
ATOM   1613 O O    . LYS A 1 99 ? -14.854 -10.829 4.083   1.00 3.94  ? 99 LYS A O    1 
ATOM   1614 C CB   . LYS A 1 99 ? -16.963 -9.345  4.846   1.00 3.96  ? 99 LYS A CB   1 
ATOM   1615 C CG   . LYS A 1 99 ? -17.485 -9.357  6.285   1.00 4.45  ? 99 LYS A CG   1 
ATOM   1616 C CD   . LYS A 1 99 ? -18.789 -10.156 6.349   1.00 4.89  ? 99 LYS A CD   1 
ATOM   1617 C CE   . LYS A 1 99 ? -19.967 -9.238  6.015   1.00 5.59  ? 99 LYS A CE   1 
ATOM   1618 N NZ   . LYS A 1 99 ? -21.083 -10.158 5.662   1.00 5.99  ? 99 LYS A NZ   1 
ATOM   1619 O OXT  . LYS A 1 99 ? -13.342 -9.468  4.795   1.00 4.06  ? 99 LYS A OXT  1 
ATOM   1620 H H    . LYS A 1 99 ? -15.407 -6.781  3.845   1.00 2.83  ? 99 LYS A H    1 
ATOM   1621 H HA   . LYS A 1 99 ? -15.383 -8.194  5.743   1.00 3.70  ? 99 LYS A HA   1 
ATOM   1622 H HB2  . LYS A 1 99 ? -17.640 -8.778  4.222   1.00 4.23  ? 99 LYS A HB2  1 
ATOM   1623 H HB3  . LYS A 1 99 ? -16.899 -10.358 4.480   1.00 4.33  ? 99 LYS A HB3  1 
ATOM   1624 H HG2  . LYS A 1 99 ? -16.749 -9.816  6.930   1.00 4.82  ? 99 LYS A HG2  1 
ATOM   1625 H HG3  . LYS A 1 99 ? -17.668 -8.344  6.610   1.00 4.60  ? 99 LYS A HG3  1 
ATOM   1626 H HD2  . LYS A 1 99 ? -18.750 -10.967 5.638   1.00 4.78  ? 99 LYS A HD2  1 
ATOM   1627 H HD3  . LYS A 1 99 ? -18.917 -10.555 7.344   1.00 5.24  ? 99 LYS A HD3  1 
ATOM   1628 H HE2  . LYS A 1 99 ? -20.229 -8.637  6.875   1.00 6.07  ? 99 LYS A HE2  1 
ATOM   1629 H HE3  . LYS A 1 99 ? -19.727 -8.608  5.174   1.00 5.66  ? 99 LYS A HE3  1 
ATOM   1630 H HZ1  . LYS A 1 99 ? -21.937 -9.604  5.455   1.00 6.26  ? 99 LYS A HZ1  1 
ATOM   1631 H HZ2  . LYS A 1 99 ? -21.269 -10.800 6.460   1.00 6.12  ? 99 LYS A HZ2  1 
ATOM   1632 H HZ3  . LYS A 1 99 ? -20.822 -10.715 4.823   1.00 6.21  ? 99 LYS A HZ3  1 
# 
